data_3B2N
# 
_entry.id   3B2N 
# 
_audit_conform.dict_name       mmcif_pdbx.dic 
_audit_conform.dict_version    5.387 
_audit_conform.dict_location   http://mmcif.pdb.org/dictionaries/ascii/mmcif_pdbx.dic 
# 
loop_
_database_2.database_id 
_database_2.database_code 
_database_2.pdbx_database_accession 
_database_2.pdbx_DOI 
PDB   3B2N         pdb_00003b2n 10.2210/pdb3b2n/pdb 
RCSB  RCSB045001   ?            ?                   
WWPDB D_1000045001 ?            ?                   
# 
loop_
_pdbx_audit_revision_history.ordinal 
_pdbx_audit_revision_history.data_content_type 
_pdbx_audit_revision_history.major_revision 
_pdbx_audit_revision_history.minor_revision 
_pdbx_audit_revision_history.revision_date 
1 'Structure model' 1 0 2007-10-30 
2 'Structure model' 1 1 2011-07-13 
3 'Structure model' 1 2 2017-10-25 
4 'Structure model' 1 3 2018-11-14 
5 'Structure model' 1 4 2021-02-03 
6 'Structure model' 1 5 2024-02-21 
# 
_pdbx_audit_revision_details.ordinal             1 
_pdbx_audit_revision_details.revision_ordinal    1 
_pdbx_audit_revision_details.data_content_type   'Structure model' 
_pdbx_audit_revision_details.provider            repository 
_pdbx_audit_revision_details.type                'Initial release' 
_pdbx_audit_revision_details.description         ? 
_pdbx_audit_revision_details.details             ? 
# 
loop_
_pdbx_audit_revision_group.ordinal 
_pdbx_audit_revision_group.revision_ordinal 
_pdbx_audit_revision_group.data_content_type 
_pdbx_audit_revision_group.group 
1  2 'Structure model' Advisory                    
2  2 'Structure model' 'Version format compliance' 
3  3 'Structure model' 'Refinement description'    
4  4 'Structure model' 'Data collection'           
5  4 'Structure model' 'Structure summary'         
6  5 'Structure model' 'Database references'       
7  5 'Structure model' 'Derived calculations'      
8  5 'Structure model' 'Structure summary'         
9  6 'Structure model' 'Data collection'           
10 6 'Structure model' 'Database references'       
# 
loop_
_pdbx_audit_revision_category.ordinal 
_pdbx_audit_revision_category.revision_ordinal 
_pdbx_audit_revision_category.data_content_type 
_pdbx_audit_revision_category.category 
1 3 'Structure model' software           
2 4 'Structure model' audit_author       
3 5 'Structure model' audit_author       
4 5 'Structure model' citation_author    
5 5 'Structure model' struct_ref_seq_dif 
6 5 'Structure model' struct_site        
7 6 'Structure model' chem_comp_atom     
8 6 'Structure model' chem_comp_bond     
9 6 'Structure model' database_2         
# 
loop_
_pdbx_audit_revision_item.ordinal 
_pdbx_audit_revision_item.revision_ordinal 
_pdbx_audit_revision_item.data_content_type 
_pdbx_audit_revision_item.item 
1 4 'Structure model' '_audit_author.identifier_ORCID'      
2 5 'Structure model' '_audit_author.identifier_ORCID'      
3 5 'Structure model' '_citation_author.identifier_ORCID'   
4 5 'Structure model' '_struct_ref_seq_dif.details'         
5 5 'Structure model' '_struct_site.pdbx_auth_asym_id'      
6 5 'Structure model' '_struct_site.pdbx_auth_comp_id'      
7 5 'Structure model' '_struct_site.pdbx_auth_seq_id'       
8 6 'Structure model' '_database_2.pdbx_DOI'                
9 6 'Structure model' '_database_2.pdbx_database_accession' 
# 
_pdbx_database_status.entry_id                        3B2N 
_pdbx_database_status.deposit_site                    RCSB 
_pdbx_database_status.process_site                    RCSB 
_pdbx_database_status.recvd_initial_deposition_date   2007-10-18 
_pdbx_database_status.status_code                     REL 
_pdbx_database_status.status_code_sf                  REL 
_pdbx_database_status.status_code_mr                  ? 
_pdbx_database_status.SG_entry                        Y 
_pdbx_database_status.pdb_format_compatible           Y 
_pdbx_database_status.status_code_cs                  ? 
_pdbx_database_status.methods_development_category    ? 
_pdbx_database_status.status_code_nmr_data            ? 
# 
_pdbx_database_related.db_name        TargetDB 
_pdbx_database_related.db_id          NYSGXRC-11008x 
_pdbx_database_related.details        . 
_pdbx_database_related.content_type   unspecified 
# 
loop_
_audit_author.name 
_audit_author.pdbx_ordinal 
_audit_author.identifier_ORCID 
'Malashkevich, V.N.'                                             1 ?                   
'Toro, R.'                                                       2 ?                   
'Meyer, A.J.'                                                    3 ?                   
'Sauder, J.M.'                                                   4 0000-0002-0254-4955 
'Burley, S.K.'                                                   5 0000-0002-2487-9713 
'Almo, S.C.'                                                     6 ?                   
'New York SGX Research Center for Structural Genomics (NYSGXRC)' 7 ?                   
# 
_citation.id                        primary 
_citation.title                     'Crystal structure of DNA-binding response regulator, LuxR family, from Staphylococcus aureus.' 
_citation.journal_abbrev            'To be Published' 
_citation.journal_volume            ? 
_citation.page_first                ? 
_citation.page_last                 ? 
_citation.year                      ? 
_citation.journal_id_ASTM           ? 
_citation.country                   ? 
_citation.journal_id_ISSN           ? 
_citation.journal_id_CSD            0353 
_citation.book_publisher            ? 
_citation.pdbx_database_id_PubMed   ? 
_citation.pdbx_database_id_DOI      ? 
# 
loop_
_citation_author.citation_id 
_citation_author.name 
_citation_author.ordinal 
_citation_author.identifier_ORCID 
primary 'Malashkevich, V.N.' 1 ?                   
primary 'Toro, R.'           2 ?                   
primary 'Meyer, A.J.'        3 ?                   
primary 'Sauder, J.M.'       4 ?                   
primary 'Burley, S.K.'       5 0000-0002-2487-9713 
primary 'Almo, S.C.'         6 ?                   
# 
loop_
_entity.id 
_entity.type 
_entity.src_method 
_entity.pdbx_description 
_entity.formula_weight 
_entity.pdbx_number_of_molecules 
_entity.pdbx_ec 
_entity.pdbx_mutation 
_entity.pdbx_fragment 
_entity.details 
1 polymer     man 'Uncharacterized protein Q99UF4' 15202.530 1  ? ? 'Residues 2-124' ? 
2 non-polymer syn 'SODIUM ION'                     22.990    1  ? ? ?                ? 
3 water       nat water                            18.015    57 ? ? ?                ? 
# 
_entity_poly.entity_id                      1 
_entity_poly.type                           'polypeptide(L)' 
_entity_poly.nstd_linkage                   no 
_entity_poly.nstd_monomer                   no 
_entity_poly.pdbx_seq_one_letter_code       
;MSLTSLIIAEDQNMLRQAMVQLIKLHGDFEILADTDNGLDAMKLIEEYNPNVVILDIEMPGMTGLEVLAEIRKKHLNIKV
IIVTTFKRPGYFEKAVVNDVDAYVLKERSIEELVETINKVNNGEKEGHHHHHH
;
_entity_poly.pdbx_seq_one_letter_code_can   
;MSLTSLIIAEDQNMLRQAMVQLIKLHGDFEILADTDNGLDAMKLIEEYNPNVVILDIEMPGMTGLEVLAEIRKKHLNIKV
IIVTTFKRPGYFEKAVVNDVDAYVLKERSIEELVETINKVNNGEKEGHHHHHH
;
_entity_poly.pdbx_strand_id                 A 
_entity_poly.pdbx_target_identifier         NYSGXRC-11008x 
# 
loop_
_pdbx_entity_nonpoly.entity_id 
_pdbx_entity_nonpoly.name 
_pdbx_entity_nonpoly.comp_id 
2 'SODIUM ION' NA  
3 water        HOH 
# 
loop_
_entity_poly_seq.entity_id 
_entity_poly_seq.num 
_entity_poly_seq.mon_id 
_entity_poly_seq.hetero 
1 1   MET n 
1 2   SER n 
1 3   LEU n 
1 4   THR n 
1 5   SER n 
1 6   LEU n 
1 7   ILE n 
1 8   ILE n 
1 9   ALA n 
1 10  GLU n 
1 11  ASP n 
1 12  GLN n 
1 13  ASN n 
1 14  MET n 
1 15  LEU n 
1 16  ARG n 
1 17  GLN n 
1 18  ALA n 
1 19  MET n 
1 20  VAL n 
1 21  GLN n 
1 22  LEU n 
1 23  ILE n 
1 24  LYS n 
1 25  LEU n 
1 26  HIS n 
1 27  GLY n 
1 28  ASP n 
1 29  PHE n 
1 30  GLU n 
1 31  ILE n 
1 32  LEU n 
1 33  ALA n 
1 34  ASP n 
1 35  THR n 
1 36  ASP n 
1 37  ASN n 
1 38  GLY n 
1 39  LEU n 
1 40  ASP n 
1 41  ALA n 
1 42  MET n 
1 43  LYS n 
1 44  LEU n 
1 45  ILE n 
1 46  GLU n 
1 47  GLU n 
1 48  TYR n 
1 49  ASN n 
1 50  PRO n 
1 51  ASN n 
1 52  VAL n 
1 53  VAL n 
1 54  ILE n 
1 55  LEU n 
1 56  ASP n 
1 57  ILE n 
1 58  GLU n 
1 59  MET n 
1 60  PRO n 
1 61  GLY n 
1 62  MET n 
1 63  THR n 
1 64  GLY n 
1 65  LEU n 
1 66  GLU n 
1 67  VAL n 
1 68  LEU n 
1 69  ALA n 
1 70  GLU n 
1 71  ILE n 
1 72  ARG n 
1 73  LYS n 
1 74  LYS n 
1 75  HIS n 
1 76  LEU n 
1 77  ASN n 
1 78  ILE n 
1 79  LYS n 
1 80  VAL n 
1 81  ILE n 
1 82  ILE n 
1 83  VAL n 
1 84  THR n 
1 85  THR n 
1 86  PHE n 
1 87  LYS n 
1 88  ARG n 
1 89  PRO n 
1 90  GLY n 
1 91  TYR n 
1 92  PHE n 
1 93  GLU n 
1 94  LYS n 
1 95  ALA n 
1 96  VAL n 
1 97  VAL n 
1 98  ASN n 
1 99  ASP n 
1 100 VAL n 
1 101 ASP n 
1 102 ALA n 
1 103 TYR n 
1 104 VAL n 
1 105 LEU n 
1 106 LYS n 
1 107 GLU n 
1 108 ARG n 
1 109 SER n 
1 110 ILE n 
1 111 GLU n 
1 112 GLU n 
1 113 LEU n 
1 114 VAL n 
1 115 GLU n 
1 116 THR n 
1 117 ILE n 
1 118 ASN n 
1 119 LYS n 
1 120 VAL n 
1 121 ASN n 
1 122 ASN n 
1 123 GLY n 
1 124 GLU n 
1 125 LYS n 
1 126 GLU n 
1 127 GLY n 
1 128 HIS n 
1 129 HIS n 
1 130 HIS n 
1 131 HIS n 
1 132 HIS n 
1 133 HIS n 
# 
_entity_src_gen.entity_id                          1 
_entity_src_gen.pdbx_src_id                        1 
_entity_src_gen.pdbx_alt_source_flag               sample 
_entity_src_gen.pdbx_seq_type                      ? 
_entity_src_gen.pdbx_beg_seq_num                   ? 
_entity_src_gen.pdbx_end_seq_num                   ? 
_entity_src_gen.gene_src_common_name               ? 
_entity_src_gen.gene_src_genus                     Staphylococcus 
_entity_src_gen.pdbx_gene_src_gene                 SAV1322 
_entity_src_gen.gene_src_species                   ? 
_entity_src_gen.gene_src_strain                    Mu50 
_entity_src_gen.gene_src_tissue                    ? 
_entity_src_gen.gene_src_tissue_fraction           ? 
_entity_src_gen.gene_src_details                   ? 
_entity_src_gen.pdbx_gene_src_fragment             ? 
_entity_src_gen.pdbx_gene_src_scientific_name      'Staphylococcus aureus' 
_entity_src_gen.pdbx_gene_src_ncbi_taxonomy_id     1280 
_entity_src_gen.pdbx_gene_src_variant              ? 
_entity_src_gen.pdbx_gene_src_cell_line            ? 
_entity_src_gen.pdbx_gene_src_atcc                 700699 
_entity_src_gen.pdbx_gene_src_organ                ? 
_entity_src_gen.pdbx_gene_src_organelle            ? 
_entity_src_gen.pdbx_gene_src_cell                 ? 
_entity_src_gen.pdbx_gene_src_cellular_location    ? 
_entity_src_gen.host_org_common_name               ? 
_entity_src_gen.pdbx_host_org_scientific_name      'Escherichia coli' 
_entity_src_gen.pdbx_host_org_ncbi_taxonomy_id     562 
_entity_src_gen.host_org_genus                     Escherichia 
_entity_src_gen.pdbx_host_org_gene                 ? 
_entity_src_gen.pdbx_host_org_organ                ? 
_entity_src_gen.host_org_species                   ? 
_entity_src_gen.pdbx_host_org_tissue               ? 
_entity_src_gen.pdbx_host_org_tissue_fraction      ? 
_entity_src_gen.pdbx_host_org_strain               'BL21(DE3)Codon+RIL' 
_entity_src_gen.pdbx_host_org_variant              ? 
_entity_src_gen.pdbx_host_org_cell_line            ? 
_entity_src_gen.pdbx_host_org_atcc                 ? 
_entity_src_gen.pdbx_host_org_culture_collection   ? 
_entity_src_gen.pdbx_host_org_cell                 ? 
_entity_src_gen.pdbx_host_org_organelle            ? 
_entity_src_gen.pdbx_host_org_cellular_location    ? 
_entity_src_gen.pdbx_host_org_vector_type          Plasmid 
_entity_src_gen.pdbx_host_org_vector               ? 
_entity_src_gen.host_org_details                   ? 
_entity_src_gen.expression_system_id               ? 
_entity_src_gen.plasmid_name                       'BC-pSGX3(BC)' 
_entity_src_gen.plasmid_details                    ? 
_entity_src_gen.pdbx_description                   ? 
# 
loop_
_chem_comp.id 
_chem_comp.type 
_chem_comp.mon_nstd_flag 
_chem_comp.name 
_chem_comp.pdbx_synonyms 
_chem_comp.formula 
_chem_comp.formula_weight 
ALA 'L-peptide linking' y ALANINE         ? 'C3 H7 N O2'     89.093  
ARG 'L-peptide linking' y ARGININE        ? 'C6 H15 N4 O2 1' 175.209 
ASN 'L-peptide linking' y ASPARAGINE      ? 'C4 H8 N2 O3'    132.118 
ASP 'L-peptide linking' y 'ASPARTIC ACID' ? 'C4 H7 N O4'     133.103 
GLN 'L-peptide linking' y GLUTAMINE       ? 'C5 H10 N2 O3'   146.144 
GLU 'L-peptide linking' y 'GLUTAMIC ACID' ? 'C5 H9 N O4'     147.129 
GLY 'peptide linking'   y GLYCINE         ? 'C2 H5 N O2'     75.067  
HIS 'L-peptide linking' y HISTIDINE       ? 'C6 H10 N3 O2 1' 156.162 
HOH non-polymer         . WATER           ? 'H2 O'           18.015  
ILE 'L-peptide linking' y ISOLEUCINE      ? 'C6 H13 N O2'    131.173 
LEU 'L-peptide linking' y LEUCINE         ? 'C6 H13 N O2'    131.173 
LYS 'L-peptide linking' y LYSINE          ? 'C6 H15 N2 O2 1' 147.195 
MET 'L-peptide linking' y METHIONINE      ? 'C5 H11 N O2 S'  149.211 
NA  non-polymer         . 'SODIUM ION'    ? 'Na 1'           22.990  
PHE 'L-peptide linking' y PHENYLALANINE   ? 'C9 H11 N O2'    165.189 
PRO 'L-peptide linking' y PROLINE         ? 'C5 H9 N O2'     115.130 
SER 'L-peptide linking' y SERINE          ? 'C3 H7 N O3'     105.093 
THR 'L-peptide linking' y THREONINE       ? 'C4 H9 N O3'     119.119 
TYR 'L-peptide linking' y TYROSINE        ? 'C9 H11 N O3'    181.189 
VAL 'L-peptide linking' y VALINE          ? 'C5 H11 N O2'    117.146 
# 
loop_
_pdbx_poly_seq_scheme.asym_id 
_pdbx_poly_seq_scheme.entity_id 
_pdbx_poly_seq_scheme.seq_id 
_pdbx_poly_seq_scheme.mon_id 
_pdbx_poly_seq_scheme.ndb_seq_num 
_pdbx_poly_seq_scheme.pdb_seq_num 
_pdbx_poly_seq_scheme.auth_seq_num 
_pdbx_poly_seq_scheme.pdb_mon_id 
_pdbx_poly_seq_scheme.auth_mon_id 
_pdbx_poly_seq_scheme.pdb_strand_id 
_pdbx_poly_seq_scheme.pdb_ins_code 
_pdbx_poly_seq_scheme.hetero 
A 1 1   MET 1   1   ?   ?   ?   A . n 
A 1 2   SER 2   2   ?   ?   ?   A . n 
A 1 3   LEU 3   3   3   LEU LEU A . n 
A 1 4   THR 4   4   4   THR THR A . n 
A 1 5   SER 5   5   5   SER SER A . n 
A 1 6   LEU 6   6   6   LEU LEU A . n 
A 1 7   ILE 7   7   7   ILE ILE A . n 
A 1 8   ILE 8   8   8   ILE ILE A . n 
A 1 9   ALA 9   9   9   ALA ALA A . n 
A 1 10  GLU 10  10  10  GLU GLU A . n 
A 1 11  ASP 11  11  11  ASP ASP A . n 
A 1 12  GLN 12  12  12  GLN GLN A . n 
A 1 13  ASN 13  13  13  ASN ASN A . n 
A 1 14  MET 14  14  14  MET MET A . n 
A 1 15  LEU 15  15  15  LEU LEU A . n 
A 1 16  ARG 16  16  16  ARG ARG A . n 
A 1 17  GLN 17  17  17  GLN GLN A . n 
A 1 18  ALA 18  18  18  ALA ALA A . n 
A 1 19  MET 19  19  19  MET MET A . n 
A 1 20  VAL 20  20  20  VAL VAL A . n 
A 1 21  GLN 21  21  21  GLN GLN A . n 
A 1 22  LEU 22  22  22  LEU LEU A . n 
A 1 23  ILE 23  23  23  ILE ILE A . n 
A 1 24  LYS 24  24  24  LYS LYS A . n 
A 1 25  LEU 25  25  25  LEU LEU A . n 
A 1 26  HIS 26  26  26  HIS HIS A . n 
A 1 27  GLY 27  27  27  GLY GLY A . n 
A 1 28  ASP 28  28  28  ASP ASP A . n 
A 1 29  PHE 29  29  29  PHE PHE A . n 
A 1 30  GLU 30  30  30  GLU GLU A . n 
A 1 31  ILE 31  31  31  ILE ILE A . n 
A 1 32  LEU 32  32  32  LEU LEU A . n 
A 1 33  ALA 33  33  33  ALA ALA A . n 
A 1 34  ASP 34  34  34  ASP ASP A . n 
A 1 35  THR 35  35  35  THR THR A . n 
A 1 36  ASP 36  36  36  ASP ASP A . n 
A 1 37  ASN 37  37  37  ASN ASN A . n 
A 1 38  GLY 38  38  38  GLY GLY A . n 
A 1 39  LEU 39  39  39  LEU LEU A . n 
A 1 40  ASP 40  40  40  ASP ASP A . n 
A 1 41  ALA 41  41  41  ALA ALA A . n 
A 1 42  MET 42  42  42  MET MET A . n 
A 1 43  LYS 43  43  43  LYS LYS A . n 
A 1 44  LEU 44  44  44  LEU LEU A . n 
A 1 45  ILE 45  45  45  ILE ILE A . n 
A 1 46  GLU 46  46  46  GLU GLU A . n 
A 1 47  GLU 47  47  47  GLU GLU A . n 
A 1 48  TYR 48  48  48  TYR TYR A . n 
A 1 49  ASN 49  49  49  ASN ASN A . n 
A 1 50  PRO 50  50  50  PRO PRO A . n 
A 1 51  ASN 51  51  51  ASN ASN A . n 
A 1 52  VAL 52  52  52  VAL VAL A . n 
A 1 53  VAL 53  53  53  VAL VAL A . n 
A 1 54  ILE 54  54  54  ILE ILE A . n 
A 1 55  LEU 55  55  55  LEU LEU A . n 
A 1 56  ASP 56  56  56  ASP ASP A . n 
A 1 57  ILE 57  57  57  ILE ILE A . n 
A 1 58  GLU 58  58  58  GLU GLU A . n 
A 1 59  MET 59  59  59  MET MET A . n 
A 1 60  PRO 60  60  60  PRO PRO A . n 
A 1 61  GLY 61  61  61  GLY GLY A . n 
A 1 62  MET 62  62  62  MET MET A . n 
A 1 63  THR 63  63  63  THR THR A . n 
A 1 64  GLY 64  64  64  GLY GLY A . n 
A 1 65  LEU 65  65  65  LEU LEU A . n 
A 1 66  GLU 66  66  66  GLU GLU A . n 
A 1 67  VAL 67  67  67  VAL VAL A . n 
A 1 68  LEU 68  68  68  LEU LEU A . n 
A 1 69  ALA 69  69  69  ALA ALA A . n 
A 1 70  GLU 70  70  70  GLU GLU A . n 
A 1 71  ILE 71  71  71  ILE ILE A . n 
A 1 72  ARG 72  72  72  ARG ARG A . n 
A 1 73  LYS 73  73  73  LYS LYS A . n 
A 1 74  LYS 74  74  74  LYS LYS A . n 
A 1 75  HIS 75  75  75  HIS HIS A . n 
A 1 76  LEU 76  76  76  LEU LEU A . n 
A 1 77  ASN 77  77  77  ASN ASN A . n 
A 1 78  ILE 78  78  78  ILE ILE A . n 
A 1 79  LYS 79  79  79  LYS LYS A . n 
A 1 80  VAL 80  80  80  VAL VAL A . n 
A 1 81  ILE 81  81  81  ILE ILE A . n 
A 1 82  ILE 82  82  82  ILE ILE A . n 
A 1 83  VAL 83  83  83  VAL VAL A . n 
A 1 84  THR 84  84  84  THR THR A . n 
A 1 85  THR 85  85  85  THR THR A . n 
A 1 86  PHE 86  86  86  PHE PHE A . n 
A 1 87  LYS 87  87  87  LYS LYS A . n 
A 1 88  ARG 88  88  88  ARG ARG A . n 
A 1 89  PRO 89  89  89  PRO PRO A . n 
A 1 90  GLY 90  90  90  GLY GLY A . n 
A 1 91  TYR 91  91  91  TYR TYR A . n 
A 1 92  PHE 92  92  92  PHE PHE A . n 
A 1 93  GLU 93  93  93  GLU GLU A . n 
A 1 94  LYS 94  94  94  LYS LYS A . n 
A 1 95  ALA 95  95  95  ALA ALA A . n 
A 1 96  VAL 96  96  96  VAL VAL A . n 
A 1 97  VAL 97  97  97  VAL VAL A . n 
A 1 98  ASN 98  98  98  ASN ASN A . n 
A 1 99  ASP 99  99  99  ASP ASP A . n 
A 1 100 VAL 100 100 100 VAL VAL A . n 
A 1 101 ASP 101 101 101 ASP ASP A . n 
A 1 102 ALA 102 102 102 ALA ALA A . n 
A 1 103 TYR 103 103 103 TYR TYR A . n 
A 1 104 VAL 104 104 104 VAL VAL A . n 
A 1 105 LEU 105 105 105 LEU LEU A . n 
A 1 106 LYS 106 106 106 LYS LYS A . n 
A 1 107 GLU 107 107 107 GLU GLU A . n 
A 1 108 ARG 108 108 108 ARG ARG A . n 
A 1 109 SER 109 109 109 SER SER A . n 
A 1 110 ILE 110 110 110 ILE ILE A . n 
A 1 111 GLU 111 111 111 GLU GLU A . n 
A 1 112 GLU 112 112 112 GLU GLU A . n 
A 1 113 LEU 113 113 113 LEU LEU A . n 
A 1 114 VAL 114 114 114 VAL VAL A . n 
A 1 115 GLU 115 115 115 GLU GLU A . n 
A 1 116 THR 116 116 116 THR THR A . n 
A 1 117 ILE 117 117 117 ILE ILE A . n 
A 1 118 ASN 118 118 118 ASN ASN A . n 
A 1 119 LYS 119 119 119 LYS LYS A . n 
A 1 120 VAL 120 120 120 VAL VAL A . n 
A 1 121 ASN 121 121 121 ASN ASN A . n 
A 1 122 ASN 122 122 122 ASN ASN A . n 
A 1 123 GLY 123 123 ?   ?   ?   A . n 
A 1 124 GLU 124 124 ?   ?   ?   A . n 
A 1 125 LYS 125 125 ?   ?   ?   A . n 
A 1 126 GLU 126 126 ?   ?   ?   A . n 
A 1 127 GLY 127 127 ?   ?   ?   A . n 
A 1 128 HIS 128 128 ?   ?   ?   A . n 
A 1 129 HIS 129 129 ?   ?   ?   A . n 
A 1 130 HIS 130 130 ?   ?   ?   A . n 
A 1 131 HIS 131 131 ?   ?   ?   A . n 
A 1 132 HIS 132 132 ?   ?   ?   A . n 
A 1 133 HIS 133 133 ?   ?   ?   A . n 
# 
loop_
_pdbx_nonpoly_scheme.asym_id 
_pdbx_nonpoly_scheme.entity_id 
_pdbx_nonpoly_scheme.mon_id 
_pdbx_nonpoly_scheme.ndb_seq_num 
_pdbx_nonpoly_scheme.pdb_seq_num 
_pdbx_nonpoly_scheme.auth_seq_num 
_pdbx_nonpoly_scheme.pdb_mon_id 
_pdbx_nonpoly_scheme.auth_mon_id 
_pdbx_nonpoly_scheme.pdb_strand_id 
_pdbx_nonpoly_scheme.pdb_ins_code 
B 2 NA  1  201 201 NA  NA  A . 
C 3 HOH 1  202 2   HOH HOH A . 
C 3 HOH 2  203 3   HOH HOH A . 
C 3 HOH 3  204 4   HOH HOH A . 
C 3 HOH 4  205 5   HOH HOH A . 
C 3 HOH 5  206 6   HOH HOH A . 
C 3 HOH 6  207 8   HOH HOH A . 
C 3 HOH 7  208 9   HOH HOH A . 
C 3 HOH 8  209 11  HOH HOH A . 
C 3 HOH 9  210 12  HOH HOH A . 
C 3 HOH 10 211 13  HOH HOH A . 
C 3 HOH 11 212 14  HOH HOH A . 
C 3 HOH 12 213 15  HOH HOH A . 
C 3 HOH 13 214 16  HOH HOH A . 
C 3 HOH 14 215 17  HOH HOH A . 
C 3 HOH 15 216 18  HOH HOH A . 
C 3 HOH 16 217 19  HOH HOH A . 
C 3 HOH 17 218 21  HOH HOH A . 
C 3 HOH 18 219 22  HOH HOH A . 
C 3 HOH 19 220 23  HOH HOH A . 
C 3 HOH 20 221 24  HOH HOH A . 
C 3 HOH 21 222 25  HOH HOH A . 
C 3 HOH 22 223 26  HOH HOH A . 
C 3 HOH 23 224 28  HOH HOH A . 
C 3 HOH 24 225 30  HOH HOH A . 
C 3 HOH 25 226 31  HOH HOH A . 
C 3 HOH 26 227 32  HOH HOH A . 
C 3 HOH 27 228 35  HOH HOH A . 
C 3 HOH 28 229 37  HOH HOH A . 
C 3 HOH 29 230 39  HOH HOH A . 
C 3 HOH 30 231 40  HOH HOH A . 
C 3 HOH 31 232 42  HOH HOH A . 
C 3 HOH 32 233 44  HOH HOH A . 
C 3 HOH 33 234 45  HOH HOH A . 
C 3 HOH 34 235 47  HOH HOH A . 
C 3 HOH 35 236 48  HOH HOH A . 
C 3 HOH 36 237 49  HOH HOH A . 
C 3 HOH 37 238 50  HOH HOH A . 
C 3 HOH 38 239 51  HOH HOH A . 
C 3 HOH 39 240 52  HOH HOH A . 
C 3 HOH 40 241 56  HOH HOH A . 
C 3 HOH 41 242 57  HOH HOH A . 
C 3 HOH 42 243 58  HOH HOH A . 
C 3 HOH 43 244 59  HOH HOH A . 
C 3 HOH 44 245 60  HOH HOH A . 
C 3 HOH 45 246 62  HOH HOH A . 
C 3 HOH 46 247 63  HOH HOH A . 
C 3 HOH 47 248 64  HOH HOH A . 
C 3 HOH 48 249 65  HOH HOH A . 
C 3 HOH 49 250 66  HOH HOH A . 
C 3 HOH 50 251 67  HOH HOH A . 
C 3 HOH 51 252 68  HOH HOH A . 
C 3 HOH 52 253 69  HOH HOH A . 
C 3 HOH 53 254 70  HOH HOH A . 
C 3 HOH 54 255 71  HOH HOH A . 
C 3 HOH 55 256 72  HOH HOH A . 
C 3 HOH 56 257 73  HOH HOH A . 
C 3 HOH 57 258 74  HOH HOH A . 
# 
loop_
_software.name 
_software.version 
_software.date 
_software.type 
_software.contact_author 
_software.contact_author_email 
_software.classification 
_software.location 
_software.language 
_software.citation_id 
_software.pdbx_ordinal 
DENZO       .     ?              package 'Zbyszek Otwinowski' zbyszek@mix.swmed.edu        'data reduction'  
http://www.lnls.br/infra/linhasluz/denzo-hkl.htm ?          ? 1 
SCALEPACK   .     ?              package 'Zbyszek Otwinowski' zbyszek@mix.swmed.edu        'data scaling'    
http://www.lnls.br/infra/linhasluz/denzo-hkl.htm ?          ? 2 
SHELX       .     ?              package 'George Sheldrick'   gsheldr@shelx.uni-ac.gwdg.de phasing           
http://shelx.uni-ac.gwdg.de/SHELX/               Fortran_77 ? 3 
REFMAC      .     ?              program 'Murshudov, G.N.'    ccp4@dl.ac.uk                refinement        
http://www.ccp4.ac.uk/main.html                  Fortran_77 ? 4 
PDB_EXTRACT 3.000 'July 2, 2007' package PDB                  sw-help@rcsb.rutgers.edu     'data extraction' 
http://pdb.rutgers.edu/software/                 C++        ? 5 
CBASS       .     ?              ?       ?                    ?                            'data collection' ? ?          ? 6 
SHELXD      .     ?              ?       ?                    ?                            phasing           ? ?          ? 7 
# 
_cell.length_a           67.898 
_cell.length_b           67.898 
_cell.length_c           110.662 
_cell.angle_alpha        90.000 
_cell.angle_beta         90.000 
_cell.angle_gamma        120.000 
_cell.entry_id           3B2N 
_cell.pdbx_unique_axis   ? 
_cell.Z_PDB              12 
_cell.length_a_esd       ? 
_cell.length_b_esd       ? 
_cell.length_c_esd       ? 
_cell.angle_alpha_esd    ? 
_cell.angle_beta_esd     ? 
_cell.angle_gamma_esd    ? 
# 
_symmetry.space_group_name_H-M             'P 61 2 2' 
_symmetry.entry_id                         3B2N 
_symmetry.Int_Tables_number                178 
_symmetry.pdbx_full_space_group_name_H-M   ? 
_symmetry.cell_setting                     ? 
_symmetry.space_group_name_Hall            ? 
# 
_exptl.crystals_number   1 
_exptl.entry_id          3B2N 
_exptl.method            'X-RAY DIFFRACTION' 
# 
_exptl_crystal.id                    1 
_exptl_crystal.density_Matthews      2.42 
_exptl_crystal.density_meas          ? 
_exptl_crystal.density_percent_sol   49.21 
_exptl_crystal.description           ? 
_exptl_crystal.F_000                 ? 
_exptl_crystal.preparation           ? 
# 
_exptl_crystal_grow.crystal_id      1 
_exptl_crystal_grow.method          'VAPOR DIFFUSION, SITTING DROP' 
_exptl_crystal_grow.pH              7.5 
_exptl_crystal_grow.temp            294 
_exptl_crystal_grow.pdbx_details    '0.1 M Hepes pH 7.5, 1.4 M Sodium citrate, VAPOR DIFFUSION, SITTING DROP, temperature 294K' 
_exptl_crystal_grow.temp_details    ? 
_exptl_crystal_grow.pdbx_pH_range   . 
# 
_diffrn.id                     1 
_diffrn.ambient_temp           100.0 
_diffrn.ambient_temp_details   ? 
_diffrn.crystal_id             1 
# 
_diffrn_detector.diffrn_id              1 
_diffrn_detector.detector               CCD 
_diffrn_detector.type                   'ADSC QUANTUM 315' 
_diffrn_detector.pdbx_collection_date   2007-10-11 
_diffrn_detector.details                X29 
# 
_diffrn_radiation.diffrn_id                        1 
_diffrn_radiation.pdbx_diffrn_protocol             'SINGLE WAVELENGTH' 
_diffrn_radiation.monochromator                    ? 
_diffrn_radiation.wavelength_id                    1 
_diffrn_radiation.pdbx_monochromatic_or_laue_m_l   M 
_diffrn_radiation.pdbx_scattering_type             x-ray 
# 
_diffrn_radiation_wavelength.id           1 
_diffrn_radiation_wavelength.wavelength   0.97900 
_diffrn_radiation_wavelength.wt           1.0 
# 
_diffrn_source.diffrn_id                   1 
_diffrn_source.source                      SYNCHROTRON 
_diffrn_source.type                        'NSLS BEAMLINE X29A' 
_diffrn_source.pdbx_wavelength_list        0.97900 
_diffrn_source.pdbx_synchrotron_beamline   X29A 
_diffrn_source.pdbx_wavelength             ? 
_diffrn_source.pdbx_synchrotron_site       NSLS 
# 
_reflns.entry_id                     3B2N 
_reflns.d_resolution_high            2.040 
_reflns.d_resolution_low             50.000 
_reflns.number_obs                   15739 
_reflns.pdbx_Rmerge_I_obs            0.083 
_reflns.pdbx_netI_over_sigmaI        10.200 
_reflns.pdbx_chi_squared             1.311 
_reflns.pdbx_redundancy              6.400 
_reflns.percent_possible_obs         86.500 
_reflns.observed_criterion_sigma_F   ? 
_reflns.observed_criterion_sigma_I   ? 
_reflns.number_all                   ? 
_reflns.pdbx_Rsym_value              ? 
_reflns.B_iso_Wilson_estimate        ? 
_reflns.R_free_details               ? 
_reflns.limit_h_max                  ? 
_reflns.limit_h_min                  ? 
_reflns.limit_k_max                  ? 
_reflns.limit_k_min                  ? 
_reflns.limit_l_max                  ? 
_reflns.limit_l_min                  ? 
_reflns.observed_criterion_F_max     ? 
_reflns.observed_criterion_F_min     ? 
_reflns.pdbx_scaling_rejects         ? 
_reflns.pdbx_ordinal                 1 
_reflns.pdbx_diffrn_id               1 
# 
loop_
_reflns_shell.d_res_high 
_reflns_shell.d_res_low 
_reflns_shell.number_measured_obs 
_reflns_shell.number_measured_all 
_reflns_shell.number_unique_obs 
_reflns_shell.Rmerge_I_obs 
_reflns_shell.meanI_over_sigI_obs 
_reflns_shell.pdbx_Rsym_value 
_reflns_shell.pdbx_chi_squared 
_reflns_shell.pdbx_redundancy 
_reflns_shell.percent_possible_obs 
_reflns_shell.number_unique_all 
_reflns_shell.percent_possible_all 
_reflns_shell.pdbx_ordinal 
_reflns_shell.pdbx_diffrn_id 
2.04 2.11  ? ? ? 0.436 ? ? 0.840 1.60 ? 416  22.90  1  1 
2.11 2.20  ? ? ? 0.383 ? ? 0.756 2.10 ? 1036 56.90  2  1 
2.20 2.30  ? ? ? 0.344 ? ? 0.936 3.00 ? 1598 88.30  3  1 
2.30 2.42  ? ? ? 0.321 ? ? 0.830 4.40 ? 1760 97.40  4  1 
2.42 2.57  ? ? ? 0.279 ? ? 0.832 6.10 ? 1824 99.70  5  1 
2.57 2.77  ? ? ? 0.226 ? ? 0.910 7.80 ? 1804 99.90  6  1 
2.77 3.05  ? ? ? 0.150 ? ? 1.135 8.30 ? 1822 100.00 7  1 
3.05 3.49  ? ? ? 0.097 ? ? 1.449 8.40 ? 1820 100.00 8  1 
3.49 4.39  ? ? ? 0.065 ? ? 2.077 8.30 ? 1829 100.00 9  1 
4.39 50.00 ? ? ? 0.046 ? ? 1.655 8.20 ? 1830 99.50  10 1 
# 
_refine.entry_id                                 3B2N 
_refine.ls_d_res_high                            2.040 
_refine.ls_d_res_low                             20.000 
_refine.pdbx_ls_sigma_F                          0.00 
_refine.ls_percent_reflns_obs                    89.860 
_refine.ls_number_reflns_obs                     9087 
_refine.pdbx_ls_cross_valid_method               THROUGHOUT 
_refine.pdbx_R_Free_selection_details            RANDOM 
_refine.details                                  
'The Friedel pairs were used in phasing. HYDROGENS HAVE BEEN ADDED IN THE RIDING POSITIONS' 
_refine.ls_R_factor_obs                          0.168 
_refine.ls_R_factor_R_work                       0.165 
_refine.ls_R_factor_R_free                       0.215 
_refine.ls_percent_reflns_R_free                 4.800 
_refine.ls_number_reflns_R_free                  436 
_refine.B_iso_mean                               38.829 
_refine.aniso_B[1][1]                            0.060 
_refine.aniso_B[2][2]                            0.060 
_refine.aniso_B[3][3]                            -0.090 
_refine.aniso_B[1][2]                            0.030 
_refine.aniso_B[1][3]                            0.000 
_refine.aniso_B[2][3]                            0.000 
_refine.correlation_coeff_Fo_to_Fc               0.969 
_refine.correlation_coeff_Fo_to_Fc_free          0.938 
_refine.pdbx_overall_ESU_R                       0.168 
_refine.pdbx_overall_ESU_R_Free                  0.159 
_refine.overall_SU_ML                            0.098 
_refine.overall_SU_B                             8.077 
_refine.solvent_model_details                    'BABINET MODEL WITH MASK' 
_refine.pdbx_solvent_vdw_probe_radii             1.200 
_refine.pdbx_solvent_ion_probe_radii             0.800 
_refine.pdbx_solvent_shrinkage_radii             0.800 
_refine.pdbx_method_to_determine_struct          SAD 
_refine.pdbx_stereochemistry_target_values       'MAXIMUM LIKELIHOOD' 
_refine.pdbx_ls_sigma_I                          ? 
_refine.ls_number_reflns_all                     ? 
_refine.ls_R_factor_all                          ? 
_refine.ls_redundancy_reflns_obs                 ? 
_refine.pdbx_data_cutoff_high_absF               ? 
_refine.pdbx_data_cutoff_low_absF                ? 
_refine.ls_number_parameters                     ? 
_refine.ls_number_restraints                     ? 
_refine.ls_R_factor_R_free_error                 ? 
_refine.ls_R_factor_R_free_error_details         ? 
_refine.pdbx_starting_model                      ? 
_refine.pdbx_stereochem_target_val_spec_case     ? 
_refine.solvent_model_param_bsol                 ? 
_refine.solvent_model_param_ksol                 ? 
_refine.occupancy_max                            ? 
_refine.occupancy_min                            ? 
_refine.pdbx_isotropic_thermal_model             ? 
_refine.B_iso_min                                ? 
_refine.B_iso_max                                ? 
_refine.overall_SU_R_Cruickshank_DPI             ? 
_refine.overall_SU_R_free                        ? 
_refine.pdbx_data_cutoff_high_rms_absF           ? 
_refine.ls_wR_factor_R_free                      ? 
_refine.ls_wR_factor_R_work                      ? 
_refine.overall_FOM_free_R_set                   ? 
_refine.overall_FOM_work_R_set                   ? 
_refine.pdbx_refine_id                           'X-RAY DIFFRACTION' 
_refine.pdbx_TLS_residual_ADP_flag               'LIKELY RESIDUAL' 
_refine.pdbx_diffrn_id                           1 
_refine.pdbx_overall_phase_error                 ? 
_refine.pdbx_overall_SU_R_free_Cruickshank_DPI   ? 
_refine.pdbx_overall_SU_R_Blow_DPI               ? 
_refine.pdbx_overall_SU_R_free_Blow_DPI          ? 
# 
_refine_hist.pdbx_refine_id                   'X-RAY DIFFRACTION' 
_refine_hist.cycle_id                         LAST 
_refine_hist.pdbx_number_atoms_protein        955 
_refine_hist.pdbx_number_atoms_nucleic_acid   0 
_refine_hist.pdbx_number_atoms_ligand         1 
_refine_hist.number_atoms_solvent             57 
_refine_hist.number_atoms_total               1013 
_refine_hist.d_res_high                       2.040 
_refine_hist.d_res_low                        20.000 
# 
loop_
_refine_ls_restr.type 
_refine_ls_restr.number 
_refine_ls_restr.dev_ideal 
_refine_ls_restr.dev_ideal_target 
_refine_ls_restr.weight 
_refine_ls_restr.pdbx_refine_id 
_refine_ls_restr.pdbx_restraint_function 
r_bond_refined_d         971  0.019  0.022  ? 'X-RAY DIFFRACTION' ? 
r_angle_refined_deg      1314 1.661  1.985  ? 'X-RAY DIFFRACTION' ? 
r_dihedral_angle_1_deg   121  6.490  5.000  ? 'X-RAY DIFFRACTION' ? 
r_dihedral_angle_2_deg   45   40.770 26.444 ? 'X-RAY DIFFRACTION' ? 
r_dihedral_angle_3_deg   193  17.342 15.000 ? 'X-RAY DIFFRACTION' ? 
r_dihedral_angle_4_deg   4    19.578 15.000 ? 'X-RAY DIFFRACTION' ? 
r_chiral_restr           161  0.114  0.200  ? 'X-RAY DIFFRACTION' ? 
r_gen_planes_refined     701  0.006  0.020  ? 'X-RAY DIFFRACTION' ? 
r_nbd_refined            468  0.212  0.200  ? 'X-RAY DIFFRACTION' ? 
r_nbtor_refined          691  0.310  0.200  ? 'X-RAY DIFFRACTION' ? 
r_xyhbond_nbd_refined    51   0.113  0.200  ? 'X-RAY DIFFRACTION' ? 
r_metal_ion_refined      2    0.153  0.200  ? 'X-RAY DIFFRACTION' ? 
r_symmetry_vdw_refined   34   0.258  0.200  ? 'X-RAY DIFFRACTION' ? 
r_symmetry_hbond_refined 11   0.386  0.200  ? 'X-RAY DIFFRACTION' ? 
r_mcbond_it              600  1.555  1.500  ? 'X-RAY DIFFRACTION' ? 
r_mcangle_it             981  5.504  20.000 ? 'X-RAY DIFFRACTION' ? 
r_scbond_it              374  11.587 20.000 ? 'X-RAY DIFFRACTION' ? 
r_scangle_it             332  6.446  4.500  ? 'X-RAY DIFFRACTION' ? 
# 
_refine_ls_shell.d_res_high                       2.04 
_refine_ls_shell.d_res_low                        2.09 
_refine_ls_shell.pdbx_total_number_of_bins_used   20 
_refine_ls_shell.percent_reflns_obs               29.990 
_refine_ls_shell.number_reflns_R_work             207 
_refine_ls_shell.R_factor_all                     ? 
_refine_ls_shell.R_factor_R_work                  0.216 
_refine_ls_shell.R_factor_R_free                  0.215 
_refine_ls_shell.percent_reflns_R_free            ? 
_refine_ls_shell.number_reflns_R_free             8 
_refine_ls_shell.R_factor_R_free_error            ? 
_refine_ls_shell.number_reflns_all                215 
_refine_ls_shell.number_reflns_obs                ? 
_refine_ls_shell.redundancy_reflns_obs            ? 
_refine_ls_shell.pdbx_refine_id                   'X-RAY DIFFRACTION' 
# 
_struct.entry_id                  3B2N 
_struct.title                     'Crystal structure of DNA-binding response regulator, LuxR family, from Staphylococcus aureus' 
_struct.pdbx_model_details        ? 
_struct.pdbx_CASP_flag            ? 
_struct.pdbx_model_type_details   ? 
# 
_struct_keywords.entry_id        3B2N 
_struct_keywords.text            
;STRUCTURAL GENOMICS, PSI-2, PROTEIN STRUCTURE INITIATIVE, New York SGX Research Center for Structural Genomics, NYSGXRC, Q99UF4, DNA-binding, Transcription, Transcription regulation
;
_struct_keywords.pdbx_keywords   TRANSCRIPTION 
# 
loop_
_struct_asym.id 
_struct_asym.pdbx_blank_PDB_chainid_flag 
_struct_asym.pdbx_modified 
_struct_asym.entity_id 
_struct_asym.details 
A N N 1 ? 
B N N 2 ? 
C N N 3 ? 
# 
_struct_ref.id                         1 
_struct_ref.db_name                    UNP 
_struct_ref.db_code                    Q99UF4_STAAM 
_struct_ref.pdbx_db_accession          Q99UF4 
_struct_ref.entity_id                  1 
_struct_ref.pdbx_seq_one_letter_code   
;TSLIIAEDQNMLRQAMVQLIKLHGDFEILADTDNGLDAMKLIEEYNPNVVILDIEMPGMTGLEVLAEIRKKHLNIKVIIV
TTFKRPGYFEKAVVNDVDAYVLKERSIEELVETINKVNNGEKE
;
_struct_ref.pdbx_align_begin           2 
_struct_ref.pdbx_db_isoform            ? 
# 
_struct_ref_seq.align_id                      1 
_struct_ref_seq.ref_id                        1 
_struct_ref_seq.pdbx_PDB_id_code              3B2N 
_struct_ref_seq.pdbx_strand_id                A 
_struct_ref_seq.seq_align_beg                 4 
_struct_ref_seq.pdbx_seq_align_beg_ins_code   ? 
_struct_ref_seq.seq_align_end                 126 
_struct_ref_seq.pdbx_seq_align_end_ins_code   ? 
_struct_ref_seq.pdbx_db_accession             Q99UF4 
_struct_ref_seq.db_align_beg                  2 
_struct_ref_seq.pdbx_db_align_beg_ins_code    ? 
_struct_ref_seq.db_align_end                  124 
_struct_ref_seq.pdbx_db_align_end_ins_code    ? 
_struct_ref_seq.pdbx_auth_seq_align_beg       4 
_struct_ref_seq.pdbx_auth_seq_align_end       126 
# 
loop_
_struct_ref_seq_dif.align_id 
_struct_ref_seq_dif.pdbx_pdb_id_code 
_struct_ref_seq_dif.mon_id 
_struct_ref_seq_dif.pdbx_pdb_strand_id 
_struct_ref_seq_dif.seq_num 
_struct_ref_seq_dif.pdbx_pdb_ins_code 
_struct_ref_seq_dif.pdbx_seq_db_name 
_struct_ref_seq_dif.pdbx_seq_db_accession_code 
_struct_ref_seq_dif.db_mon_id 
_struct_ref_seq_dif.pdbx_seq_db_seq_num 
_struct_ref_seq_dif.details 
_struct_ref_seq_dif.pdbx_auth_seq_num 
_struct_ref_seq_dif.pdbx_ordinal 
1 3B2N MET A 1   ? UNP Q99UF4 ? ? 'expression tag' 1   1  
1 3B2N SER A 2   ? UNP Q99UF4 ? ? 'expression tag' 2   2  
1 3B2N LEU A 3   ? UNP Q99UF4 ? ? 'expression tag' 3   3  
1 3B2N GLY A 127 ? UNP Q99UF4 ? ? 'expression tag' 127 4  
1 3B2N HIS A 128 ? UNP Q99UF4 ? ? 'expression tag' 128 5  
1 3B2N HIS A 129 ? UNP Q99UF4 ? ? 'expression tag' 129 6  
1 3B2N HIS A 130 ? UNP Q99UF4 ? ? 'expression tag' 130 7  
1 3B2N HIS A 131 ? UNP Q99UF4 ? ? 'expression tag' 131 8  
1 3B2N HIS A 132 ? UNP Q99UF4 ? ? 'expression tag' 132 9  
1 3B2N HIS A 133 ? UNP Q99UF4 ? ? 'expression tag' 133 10 
# 
_pdbx_struct_assembly.id                   1 
_pdbx_struct_assembly.details              author_and_software_defined_assembly 
_pdbx_struct_assembly.method_details       PISA 
_pdbx_struct_assembly.oligomeric_details   monomeric 
_pdbx_struct_assembly.oligomeric_count     1 
# 
_pdbx_struct_assembly_gen.assembly_id       1 
_pdbx_struct_assembly_gen.oper_expression   1 
_pdbx_struct_assembly_gen.asym_id_list      A,B,C 
# 
_pdbx_struct_oper_list.id                   1 
_pdbx_struct_oper_list.type                 'identity operation' 
_pdbx_struct_oper_list.name                 1_555 
_pdbx_struct_oper_list.symmetry_operation   x,y,z 
_pdbx_struct_oper_list.matrix[1][1]         1.0000000000 
_pdbx_struct_oper_list.matrix[1][2]         0.0000000000 
_pdbx_struct_oper_list.matrix[1][3]         0.0000000000 
_pdbx_struct_oper_list.vector[1]            0.0000000000 
_pdbx_struct_oper_list.matrix[2][1]         0.0000000000 
_pdbx_struct_oper_list.matrix[2][2]         1.0000000000 
_pdbx_struct_oper_list.matrix[2][3]         0.0000000000 
_pdbx_struct_oper_list.vector[2]            0.0000000000 
_pdbx_struct_oper_list.matrix[3][1]         0.0000000000 
_pdbx_struct_oper_list.matrix[3][2]         0.0000000000 
_pdbx_struct_oper_list.matrix[3][3]         1.0000000000 
_pdbx_struct_oper_list.vector[3]            0.0000000000 
# 
_struct_biol.id        1 
_struct_biol.details   ? 
# 
loop_
_struct_conf.conf_type_id 
_struct_conf.id 
_struct_conf.pdbx_PDB_helix_id 
_struct_conf.beg_label_comp_id 
_struct_conf.beg_label_asym_id 
_struct_conf.beg_label_seq_id 
_struct_conf.pdbx_beg_PDB_ins_code 
_struct_conf.end_label_comp_id 
_struct_conf.end_label_asym_id 
_struct_conf.end_label_seq_id 
_struct_conf.pdbx_end_PDB_ins_code 
_struct_conf.beg_auth_comp_id 
_struct_conf.beg_auth_asym_id 
_struct_conf.beg_auth_seq_id 
_struct_conf.end_auth_comp_id 
_struct_conf.end_auth_asym_id 
_struct_conf.end_auth_seq_id 
_struct_conf.pdbx_PDB_helix_class 
_struct_conf.details 
_struct_conf.pdbx_PDB_helix_length 
HELX_P HELX_P1 1 GLN A 12  ? GLY A 27  ? GLN A 12  GLY A 27  1 ? 16 
HELX_P HELX_P2 2 ASN A 37  ? ASN A 49  ? ASN A 37  ASN A 49  1 ? 13 
HELX_P HELX_P3 3 THR A 63  ? LYS A 74  ? THR A 63  LYS A 74  1 ? 12 
HELX_P HELX_P4 4 ARG A 88  ? ASN A 98  ? ARG A 88  ASN A 98  1 ? 11 
HELX_P HELX_P5 5 SER A 109 ? ASN A 122 ? SER A 109 ASN A 122 1 ? 14 
# 
_struct_conf_type.id          HELX_P 
_struct_conf_type.criteria    ? 
_struct_conf_type.reference   ? 
# 
loop_
_struct_conn.id 
_struct_conn.conn_type_id 
_struct_conn.pdbx_leaving_atom_flag 
_struct_conn.pdbx_PDB_id 
_struct_conn.ptnr1_label_asym_id 
_struct_conn.ptnr1_label_comp_id 
_struct_conn.ptnr1_label_seq_id 
_struct_conn.ptnr1_label_atom_id 
_struct_conn.pdbx_ptnr1_label_alt_id 
_struct_conn.pdbx_ptnr1_PDB_ins_code 
_struct_conn.pdbx_ptnr1_standard_comp_id 
_struct_conn.ptnr1_symmetry 
_struct_conn.ptnr2_label_asym_id 
_struct_conn.ptnr2_label_comp_id 
_struct_conn.ptnr2_label_seq_id 
_struct_conn.ptnr2_label_atom_id 
_struct_conn.pdbx_ptnr2_label_alt_id 
_struct_conn.pdbx_ptnr2_PDB_ins_code 
_struct_conn.ptnr1_auth_asym_id 
_struct_conn.ptnr1_auth_comp_id 
_struct_conn.ptnr1_auth_seq_id 
_struct_conn.ptnr2_auth_asym_id 
_struct_conn.ptnr2_auth_comp_id 
_struct_conn.ptnr2_auth_seq_id 
_struct_conn.ptnr2_symmetry 
_struct_conn.pdbx_ptnr3_label_atom_id 
_struct_conn.pdbx_ptnr3_label_seq_id 
_struct_conn.pdbx_ptnr3_label_comp_id 
_struct_conn.pdbx_ptnr3_label_asym_id 
_struct_conn.pdbx_ptnr3_label_alt_id 
_struct_conn.pdbx_ptnr3_PDB_ins_code 
_struct_conn.details 
_struct_conn.pdbx_dist_value 
_struct_conn.pdbx_value_order 
_struct_conn.pdbx_role 
metalc1 metalc ? ? A LYS 24 O  ? ? ? 1_555 B NA  . NA ? ? A LYS 24  A NA  201 1_555 ? ? ? ? ? ? ? 2.234 ? ? 
metalc2 metalc ? ? A GLY 27 O  ? ? ? 1_555 B NA  . NA ? ? A GLY 27  A NA  201 1_555 ? ? ? ? ? ? ? 2.285 ? ? 
metalc3 metalc ? ? B NA  .  NA ? ? ? 1_555 C HOH . O  ? ? A NA  201 A HOH 220 1_555 ? ? ? ? ? ? ? 2.517 ? ? 
metalc4 metalc ? ? B NA  .  NA ? ? ? 1_555 C HOH . O  ? ? A NA  201 A HOH 223 1_555 ? ? ? ? ? ? ? 2.649 ? ? 
# 
_struct_conn_type.id          metalc 
_struct_conn_type.criteria    ? 
_struct_conn_type.reference   ? 
# 
loop_
_pdbx_struct_conn_angle.id 
_pdbx_struct_conn_angle.ptnr1_label_atom_id 
_pdbx_struct_conn_angle.ptnr1_label_alt_id 
_pdbx_struct_conn_angle.ptnr1_label_asym_id 
_pdbx_struct_conn_angle.ptnr1_label_comp_id 
_pdbx_struct_conn_angle.ptnr1_label_seq_id 
_pdbx_struct_conn_angle.ptnr1_auth_atom_id 
_pdbx_struct_conn_angle.ptnr1_auth_asym_id 
_pdbx_struct_conn_angle.ptnr1_auth_comp_id 
_pdbx_struct_conn_angle.ptnr1_auth_seq_id 
_pdbx_struct_conn_angle.ptnr1_PDB_ins_code 
_pdbx_struct_conn_angle.ptnr1_symmetry 
_pdbx_struct_conn_angle.ptnr2_label_atom_id 
_pdbx_struct_conn_angle.ptnr2_label_alt_id 
_pdbx_struct_conn_angle.ptnr2_label_asym_id 
_pdbx_struct_conn_angle.ptnr2_label_comp_id 
_pdbx_struct_conn_angle.ptnr2_label_seq_id 
_pdbx_struct_conn_angle.ptnr2_auth_atom_id 
_pdbx_struct_conn_angle.ptnr2_auth_asym_id 
_pdbx_struct_conn_angle.ptnr2_auth_comp_id 
_pdbx_struct_conn_angle.ptnr2_auth_seq_id 
_pdbx_struct_conn_angle.ptnr2_PDB_ins_code 
_pdbx_struct_conn_angle.ptnr2_symmetry 
_pdbx_struct_conn_angle.ptnr3_label_atom_id 
_pdbx_struct_conn_angle.ptnr3_label_alt_id 
_pdbx_struct_conn_angle.ptnr3_label_asym_id 
_pdbx_struct_conn_angle.ptnr3_label_comp_id 
_pdbx_struct_conn_angle.ptnr3_label_seq_id 
_pdbx_struct_conn_angle.ptnr3_auth_atom_id 
_pdbx_struct_conn_angle.ptnr3_auth_asym_id 
_pdbx_struct_conn_angle.ptnr3_auth_comp_id 
_pdbx_struct_conn_angle.ptnr3_auth_seq_id 
_pdbx_struct_conn_angle.ptnr3_PDB_ins_code 
_pdbx_struct_conn_angle.ptnr3_symmetry 
_pdbx_struct_conn_angle.value 
_pdbx_struct_conn_angle.value_esd 
1 O ? A LYS 24 ? A LYS 24  ? 1_555 NA ? B NA . ? A NA 201 ? 1_555 O ? A GLY 27 ? A GLY 27  ? 1_555 82.8  ? 
2 O ? A LYS 24 ? A LYS 24  ? 1_555 NA ? B NA . ? A NA 201 ? 1_555 O ? C HOH .  ? A HOH 220 ? 1_555 111.3 ? 
3 O ? A GLY 27 ? A GLY 27  ? 1_555 NA ? B NA . ? A NA 201 ? 1_555 O ? C HOH .  ? A HOH 220 ? 1_555 90.0  ? 
4 O ? A LYS 24 ? A LYS 24  ? 1_555 NA ? B NA . ? A NA 201 ? 1_555 O ? C HOH .  ? A HOH 223 ? 1_555 78.9  ? 
5 O ? A GLY 27 ? A GLY 27  ? 1_555 NA ? B NA . ? A NA 201 ? 1_555 O ? C HOH .  ? A HOH 223 ? 1_555 89.1  ? 
6 O ? C HOH .  ? A HOH 220 ? 1_555 NA ? B NA . ? A NA 201 ? 1_555 O ? C HOH .  ? A HOH 223 ? 1_555 169.6 ? 
# 
_struct_sheet.id               A 
_struct_sheet.type             ? 
_struct_sheet.number_strands   5 
_struct_sheet.details          ? 
# 
loop_
_struct_sheet_order.sheet_id 
_struct_sheet_order.range_id_1 
_struct_sheet_order.range_id_2 
_struct_sheet_order.offset 
_struct_sheet_order.sense 
A 1 2 ? parallel 
A 2 3 ? parallel 
A 3 4 ? parallel 
A 4 5 ? parallel 
# 
loop_
_struct_sheet_range.sheet_id 
_struct_sheet_range.id 
_struct_sheet_range.beg_label_comp_id 
_struct_sheet_range.beg_label_asym_id 
_struct_sheet_range.beg_label_seq_id 
_struct_sheet_range.pdbx_beg_PDB_ins_code 
_struct_sheet_range.end_label_comp_id 
_struct_sheet_range.end_label_asym_id 
_struct_sheet_range.end_label_seq_id 
_struct_sheet_range.pdbx_end_PDB_ins_code 
_struct_sheet_range.beg_auth_comp_id 
_struct_sheet_range.beg_auth_asym_id 
_struct_sheet_range.beg_auth_seq_id 
_struct_sheet_range.end_auth_comp_id 
_struct_sheet_range.end_auth_asym_id 
_struct_sheet_range.end_auth_seq_id 
A 1 PHE A 29  ? THR A 35  ? PHE A 29  THR A 35  
A 2 THR A 4   ? ALA A 9   ? THR A 4   ALA A 9   
A 3 VAL A 52  ? LEU A 55  ? VAL A 52  LEU A 55  
A 4 LYS A 79  ? THR A 84  ? LYS A 79  THR A 84  
A 5 ALA A 102 ? LEU A 105 ? ALA A 102 LEU A 105 
# 
loop_
_pdbx_struct_sheet_hbond.sheet_id 
_pdbx_struct_sheet_hbond.range_id_1 
_pdbx_struct_sheet_hbond.range_id_2 
_pdbx_struct_sheet_hbond.range_1_label_atom_id 
_pdbx_struct_sheet_hbond.range_1_label_comp_id 
_pdbx_struct_sheet_hbond.range_1_label_asym_id 
_pdbx_struct_sheet_hbond.range_1_label_seq_id 
_pdbx_struct_sheet_hbond.range_1_PDB_ins_code 
_pdbx_struct_sheet_hbond.range_1_auth_atom_id 
_pdbx_struct_sheet_hbond.range_1_auth_comp_id 
_pdbx_struct_sheet_hbond.range_1_auth_asym_id 
_pdbx_struct_sheet_hbond.range_1_auth_seq_id 
_pdbx_struct_sheet_hbond.range_2_label_atom_id 
_pdbx_struct_sheet_hbond.range_2_label_comp_id 
_pdbx_struct_sheet_hbond.range_2_label_asym_id 
_pdbx_struct_sheet_hbond.range_2_label_seq_id 
_pdbx_struct_sheet_hbond.range_2_PDB_ins_code 
_pdbx_struct_sheet_hbond.range_2_auth_atom_id 
_pdbx_struct_sheet_hbond.range_2_auth_comp_id 
_pdbx_struct_sheet_hbond.range_2_auth_asym_id 
_pdbx_struct_sheet_hbond.range_2_auth_seq_id 
A 1 2 O LEU A 32 ? O LEU A 32 N LEU A 6   ? N LEU A 6   
A 2 3 N ALA A 9  ? N ALA A 9  O ILE A 54  ? O ILE A 54  
A 3 4 N VAL A 53 ? N VAL A 53 O ILE A 81  ? O ILE A 81  
A 4 5 N ILE A 82 ? N ILE A 82 O VAL A 104 ? O VAL A 104 
# 
_struct_site.id                   AC1 
_struct_site.pdbx_evidence_code   Software 
_struct_site.pdbx_auth_asym_id    A 
_struct_site.pdbx_auth_comp_id    NA 
_struct_site.pdbx_auth_seq_id     201 
_struct_site.pdbx_auth_ins_code   ? 
_struct_site.pdbx_num_residues    5 
_struct_site.details              'BINDING SITE FOR RESIDUE NA A 201' 
# 
loop_
_struct_site_gen.id 
_struct_site_gen.site_id 
_struct_site_gen.pdbx_num_res 
_struct_site_gen.label_comp_id 
_struct_site_gen.label_asym_id 
_struct_site_gen.label_seq_id 
_struct_site_gen.pdbx_auth_ins_code 
_struct_site_gen.auth_comp_id 
_struct_site_gen.auth_asym_id 
_struct_site_gen.auth_seq_id 
_struct_site_gen.label_atom_id 
_struct_site_gen.label_alt_id 
_struct_site_gen.symmetry 
_struct_site_gen.details 
1 AC1 5 LYS A 24 ? LYS A 24  . ? 1_555 ? 
2 AC1 5 GLY A 27 ? GLY A 27  . ? 1_555 ? 
3 AC1 5 GLU A 93 ? GLU A 93  . ? 8_545 ? 
4 AC1 5 HOH C .  ? HOH A 220 . ? 1_555 ? 
5 AC1 5 HOH C .  ? HOH A 223 . ? 1_555 ? 
# 
_pdbx_validate_close_contact.id               1 
_pdbx_validate_close_contact.PDB_model_num    1 
_pdbx_validate_close_contact.auth_atom_id_1   O 
_pdbx_validate_close_contact.auth_asym_id_1   A 
_pdbx_validate_close_contact.auth_comp_id_1   HOH 
_pdbx_validate_close_contact.auth_seq_id_1    231 
_pdbx_validate_close_contact.PDB_ins_code_1   ? 
_pdbx_validate_close_contact.label_alt_id_1   ? 
_pdbx_validate_close_contact.auth_atom_id_2   O 
_pdbx_validate_close_contact.auth_asym_id_2   A 
_pdbx_validate_close_contact.auth_comp_id_2   HOH 
_pdbx_validate_close_contact.auth_seq_id_2    255 
_pdbx_validate_close_contact.PDB_ins_code_2   ? 
_pdbx_validate_close_contact.label_alt_id_2   ? 
_pdbx_validate_close_contact.dist             1.88 
# 
loop_
_pdbx_validate_torsion.id 
_pdbx_validate_torsion.PDB_model_num 
_pdbx_validate_torsion.auth_comp_id 
_pdbx_validate_torsion.auth_asym_id 
_pdbx_validate_torsion.auth_seq_id 
_pdbx_validate_torsion.PDB_ins_code 
_pdbx_validate_torsion.label_alt_id 
_pdbx_validate_torsion.phi 
_pdbx_validate_torsion.psi 
1 1 ASP A 28 ? ? -101.09 75.73  
2 1 ARG A 88 ? ? -39.05  126.04 
# 
_pdbx_SG_project.id                    1 
_pdbx_SG_project.project_name          'PSI, Protein Structure Initiative' 
_pdbx_SG_project.full_name_of_center   'New York SGX Research Center for Structural Genomics' 
_pdbx_SG_project.initial_of_center     NYSGXRC 
# 
_diffrn_reflns.diffrn_id                   1 
_diffrn_reflns.pdbx_d_res_high             2.040 
_diffrn_reflns.pdbx_d_res_low              50.000 
_diffrn_reflns.pdbx_number_obs             15739 
_diffrn_reflns.pdbx_Rmerge_I_obs           0.083 
_diffrn_reflns.pdbx_Rsym_value             ? 
_diffrn_reflns.pdbx_chi_squared            1.31 
_diffrn_reflns.av_sigmaI_over_netI         10.20 
_diffrn_reflns.pdbx_redundancy             6.40 
_diffrn_reflns.pdbx_percent_possible_obs   86.50 
_diffrn_reflns.number                      101117 
_diffrn_reflns.pdbx_observed_criterion     ? 
_diffrn_reflns.limit_h_max                 ? 
_diffrn_reflns.limit_h_min                 ? 
_diffrn_reflns.limit_k_max                 ? 
_diffrn_reflns.limit_k_min                 ? 
_diffrn_reflns.limit_l_max                 ? 
_diffrn_reflns.limit_l_min                 ? 
# 
loop_
_pdbx_diffrn_reflns_shell.diffrn_id 
_pdbx_diffrn_reflns_shell.d_res_high 
_pdbx_diffrn_reflns_shell.d_res_low 
_pdbx_diffrn_reflns_shell.number_obs 
_pdbx_diffrn_reflns_shell.rejects 
_pdbx_diffrn_reflns_shell.Rmerge_I_obs 
_pdbx_diffrn_reflns_shell.Rsym_value 
_pdbx_diffrn_reflns_shell.chi_squared 
_pdbx_diffrn_reflns_shell.redundancy 
_pdbx_diffrn_reflns_shell.percent_possible_obs 
1 4.39 50.00 ? ? 0.046 ? 1.655 8.20 99.50  
1 3.49 4.39  ? ? 0.065 ? 2.077 8.30 100.00 
1 3.05 3.49  ? ? 0.097 ? 1.449 8.40 100.00 
1 2.77 3.05  ? ? 0.150 ? 1.135 8.30 100.00 
1 2.57 2.77  ? ? 0.226 ? 0.910 7.80 99.90  
1 2.42 2.57  ? ? 0.279 ? 0.832 6.10 99.70  
1 2.30 2.42  ? ? 0.321 ? 0.830 4.40 97.40  
1 2.20 2.30  ? ? 0.344 ? 0.936 3.00 88.30  
1 2.11 2.20  ? ? 0.383 ? 0.756 2.10 56.90  
1 2.04 2.11  ? ? 0.436 ? 0.840 1.60 22.90  
# 
_pdbx_refine_tls.id               1 
_pdbx_refine_tls.details          ? 
_pdbx_refine_tls.method           refined 
_pdbx_refine_tls.origin_x         -0.1901 
_pdbx_refine_tls.origin_y         0.1232 
_pdbx_refine_tls.origin_z         0.0819 
_pdbx_refine_tls.T[1][1]          -0.0401 
_pdbx_refine_tls.T[2][2]          -0.0825 
_pdbx_refine_tls.T[3][3]          -0.1082 
_pdbx_refine_tls.T[1][2]          -0.0444 
_pdbx_refine_tls.T[1][3]          0.0021 
_pdbx_refine_tls.T[2][3]          -0.0104 
_pdbx_refine_tls.L[1][1]          2.7736 
_pdbx_refine_tls.L[2][2]          1.7002 
_pdbx_refine_tls.L[3][3]          5.0725 
_pdbx_refine_tls.L[1][2]          0.3734 
_pdbx_refine_tls.L[1][3]          0.0726 
_pdbx_refine_tls.L[2][3]          -0.0073 
_pdbx_refine_tls.S[1][1]          -0.0644 
_pdbx_refine_tls.S[2][2]          0.0921 
_pdbx_refine_tls.S[3][3]          -0.0277 
_pdbx_refine_tls.S[1][2]          0.2411 
_pdbx_refine_tls.S[1][3]          -0.0270 
_pdbx_refine_tls.S[2][3]          -0.0647 
_pdbx_refine_tls.S[2][1]          -0.2456 
_pdbx_refine_tls.S[3][1]          0.1531 
_pdbx_refine_tls.S[3][2]          0.0714 
_pdbx_refine_tls.pdbx_refine_id   'X-RAY DIFFRACTION' 
# 
_pdbx_refine_tls_group.id                  1 
_pdbx_refine_tls_group.refine_tls_id       1 
_pdbx_refine_tls_group.beg_auth_asym_id    A 
_pdbx_refine_tls_group.beg_auth_seq_id     3 
_pdbx_refine_tls_group.beg_label_asym_id   A 
_pdbx_refine_tls_group.beg_label_seq_id    3 
_pdbx_refine_tls_group.end_auth_asym_id    A 
_pdbx_refine_tls_group.end_auth_seq_id     122 
_pdbx_refine_tls_group.end_label_asym_id   A 
_pdbx_refine_tls_group.end_label_seq_id    122 
_pdbx_refine_tls_group.selection           ? 
_pdbx_refine_tls_group.pdbx_refine_id      'X-RAY DIFFRACTION' 
_pdbx_refine_tls_group.selection_details   ? 
# 
_phasing.method   MAD 
# 
loop_
_pdbx_unobs_or_zero_occ_residues.id 
_pdbx_unobs_or_zero_occ_residues.PDB_model_num 
_pdbx_unobs_or_zero_occ_residues.polymer_flag 
_pdbx_unobs_or_zero_occ_residues.occupancy_flag 
_pdbx_unobs_or_zero_occ_residues.auth_asym_id 
_pdbx_unobs_or_zero_occ_residues.auth_comp_id 
_pdbx_unobs_or_zero_occ_residues.auth_seq_id 
_pdbx_unobs_or_zero_occ_residues.PDB_ins_code 
_pdbx_unobs_or_zero_occ_residues.label_asym_id 
_pdbx_unobs_or_zero_occ_residues.label_comp_id 
_pdbx_unobs_or_zero_occ_residues.label_seq_id 
1  1 Y 1 A MET 1   ? A MET 1   
2  1 Y 1 A SER 2   ? A SER 2   
3  1 Y 1 A GLY 123 ? A GLY 123 
4  1 Y 1 A GLU 124 ? A GLU 124 
5  1 Y 1 A LYS 125 ? A LYS 125 
6  1 Y 1 A GLU 126 ? A GLU 126 
7  1 Y 1 A GLY 127 ? A GLY 127 
8  1 Y 1 A HIS 128 ? A HIS 128 
9  1 Y 1 A HIS 129 ? A HIS 129 
10 1 Y 1 A HIS 130 ? A HIS 130 
11 1 Y 1 A HIS 131 ? A HIS 131 
12 1 Y 1 A HIS 132 ? A HIS 132 
13 1 Y 1 A HIS 133 ? A HIS 133 
# 
loop_
_chem_comp_atom.comp_id 
_chem_comp_atom.atom_id 
_chem_comp_atom.type_symbol 
_chem_comp_atom.pdbx_aromatic_flag 
_chem_comp_atom.pdbx_stereo_config 
_chem_comp_atom.pdbx_ordinal 
ALA N    N  N N 1   
ALA CA   C  N S 2   
ALA C    C  N N 3   
ALA O    O  N N 4   
ALA CB   C  N N 5   
ALA OXT  O  N N 6   
ALA H    H  N N 7   
ALA H2   H  N N 8   
ALA HA   H  N N 9   
ALA HB1  H  N N 10  
ALA HB2  H  N N 11  
ALA HB3  H  N N 12  
ALA HXT  H  N N 13  
ARG N    N  N N 14  
ARG CA   C  N S 15  
ARG C    C  N N 16  
ARG O    O  N N 17  
ARG CB   C  N N 18  
ARG CG   C  N N 19  
ARG CD   C  N N 20  
ARG NE   N  N N 21  
ARG CZ   C  N N 22  
ARG NH1  N  N N 23  
ARG NH2  N  N N 24  
ARG OXT  O  N N 25  
ARG H    H  N N 26  
ARG H2   H  N N 27  
ARG HA   H  N N 28  
ARG HB2  H  N N 29  
ARG HB3  H  N N 30  
ARG HG2  H  N N 31  
ARG HG3  H  N N 32  
ARG HD2  H  N N 33  
ARG HD3  H  N N 34  
ARG HE   H  N N 35  
ARG HH11 H  N N 36  
ARG HH12 H  N N 37  
ARG HH21 H  N N 38  
ARG HH22 H  N N 39  
ARG HXT  H  N N 40  
ASN N    N  N N 41  
ASN CA   C  N S 42  
ASN C    C  N N 43  
ASN O    O  N N 44  
ASN CB   C  N N 45  
ASN CG   C  N N 46  
ASN OD1  O  N N 47  
ASN ND2  N  N N 48  
ASN OXT  O  N N 49  
ASN H    H  N N 50  
ASN H2   H  N N 51  
ASN HA   H  N N 52  
ASN HB2  H  N N 53  
ASN HB3  H  N N 54  
ASN HD21 H  N N 55  
ASN HD22 H  N N 56  
ASN HXT  H  N N 57  
ASP N    N  N N 58  
ASP CA   C  N S 59  
ASP C    C  N N 60  
ASP O    O  N N 61  
ASP CB   C  N N 62  
ASP CG   C  N N 63  
ASP OD1  O  N N 64  
ASP OD2  O  N N 65  
ASP OXT  O  N N 66  
ASP H    H  N N 67  
ASP H2   H  N N 68  
ASP HA   H  N N 69  
ASP HB2  H  N N 70  
ASP HB3  H  N N 71  
ASP HD2  H  N N 72  
ASP HXT  H  N N 73  
GLN N    N  N N 74  
GLN CA   C  N S 75  
GLN C    C  N N 76  
GLN O    O  N N 77  
GLN CB   C  N N 78  
GLN CG   C  N N 79  
GLN CD   C  N N 80  
GLN OE1  O  N N 81  
GLN NE2  N  N N 82  
GLN OXT  O  N N 83  
GLN H    H  N N 84  
GLN H2   H  N N 85  
GLN HA   H  N N 86  
GLN HB2  H  N N 87  
GLN HB3  H  N N 88  
GLN HG2  H  N N 89  
GLN HG3  H  N N 90  
GLN HE21 H  N N 91  
GLN HE22 H  N N 92  
GLN HXT  H  N N 93  
GLU N    N  N N 94  
GLU CA   C  N S 95  
GLU C    C  N N 96  
GLU O    O  N N 97  
GLU CB   C  N N 98  
GLU CG   C  N N 99  
GLU CD   C  N N 100 
GLU OE1  O  N N 101 
GLU OE2  O  N N 102 
GLU OXT  O  N N 103 
GLU H    H  N N 104 
GLU H2   H  N N 105 
GLU HA   H  N N 106 
GLU HB2  H  N N 107 
GLU HB3  H  N N 108 
GLU HG2  H  N N 109 
GLU HG3  H  N N 110 
GLU HE2  H  N N 111 
GLU HXT  H  N N 112 
GLY N    N  N N 113 
GLY CA   C  N N 114 
GLY C    C  N N 115 
GLY O    O  N N 116 
GLY OXT  O  N N 117 
GLY H    H  N N 118 
GLY H2   H  N N 119 
GLY HA2  H  N N 120 
GLY HA3  H  N N 121 
GLY HXT  H  N N 122 
HIS N    N  N N 123 
HIS CA   C  N S 124 
HIS C    C  N N 125 
HIS O    O  N N 126 
HIS CB   C  N N 127 
HIS CG   C  Y N 128 
HIS ND1  N  Y N 129 
HIS CD2  C  Y N 130 
HIS CE1  C  Y N 131 
HIS NE2  N  Y N 132 
HIS OXT  O  N N 133 
HIS H    H  N N 134 
HIS H2   H  N N 135 
HIS HA   H  N N 136 
HIS HB2  H  N N 137 
HIS HB3  H  N N 138 
HIS HD1  H  N N 139 
HIS HD2  H  N N 140 
HIS HE1  H  N N 141 
HIS HE2  H  N N 142 
HIS HXT  H  N N 143 
HOH O    O  N N 144 
HOH H1   H  N N 145 
HOH H2   H  N N 146 
ILE N    N  N N 147 
ILE CA   C  N S 148 
ILE C    C  N N 149 
ILE O    O  N N 150 
ILE CB   C  N S 151 
ILE CG1  C  N N 152 
ILE CG2  C  N N 153 
ILE CD1  C  N N 154 
ILE OXT  O  N N 155 
ILE H    H  N N 156 
ILE H2   H  N N 157 
ILE HA   H  N N 158 
ILE HB   H  N N 159 
ILE HG12 H  N N 160 
ILE HG13 H  N N 161 
ILE HG21 H  N N 162 
ILE HG22 H  N N 163 
ILE HG23 H  N N 164 
ILE HD11 H  N N 165 
ILE HD12 H  N N 166 
ILE HD13 H  N N 167 
ILE HXT  H  N N 168 
LEU N    N  N N 169 
LEU CA   C  N S 170 
LEU C    C  N N 171 
LEU O    O  N N 172 
LEU CB   C  N N 173 
LEU CG   C  N N 174 
LEU CD1  C  N N 175 
LEU CD2  C  N N 176 
LEU OXT  O  N N 177 
LEU H    H  N N 178 
LEU H2   H  N N 179 
LEU HA   H  N N 180 
LEU HB2  H  N N 181 
LEU HB3  H  N N 182 
LEU HG   H  N N 183 
LEU HD11 H  N N 184 
LEU HD12 H  N N 185 
LEU HD13 H  N N 186 
LEU HD21 H  N N 187 
LEU HD22 H  N N 188 
LEU HD23 H  N N 189 
LEU HXT  H  N N 190 
LYS N    N  N N 191 
LYS CA   C  N S 192 
LYS C    C  N N 193 
LYS O    O  N N 194 
LYS CB   C  N N 195 
LYS CG   C  N N 196 
LYS CD   C  N N 197 
LYS CE   C  N N 198 
LYS NZ   N  N N 199 
LYS OXT  O  N N 200 
LYS H    H  N N 201 
LYS H2   H  N N 202 
LYS HA   H  N N 203 
LYS HB2  H  N N 204 
LYS HB3  H  N N 205 
LYS HG2  H  N N 206 
LYS HG3  H  N N 207 
LYS HD2  H  N N 208 
LYS HD3  H  N N 209 
LYS HE2  H  N N 210 
LYS HE3  H  N N 211 
LYS HZ1  H  N N 212 
LYS HZ2  H  N N 213 
LYS HZ3  H  N N 214 
LYS HXT  H  N N 215 
MET N    N  N N 216 
MET CA   C  N S 217 
MET C    C  N N 218 
MET O    O  N N 219 
MET CB   C  N N 220 
MET CG   C  N N 221 
MET SD   S  N N 222 
MET CE   C  N N 223 
MET OXT  O  N N 224 
MET H    H  N N 225 
MET H2   H  N N 226 
MET HA   H  N N 227 
MET HB2  H  N N 228 
MET HB3  H  N N 229 
MET HG2  H  N N 230 
MET HG3  H  N N 231 
MET HE1  H  N N 232 
MET HE2  H  N N 233 
MET HE3  H  N N 234 
MET HXT  H  N N 235 
NA  NA   NA N N 236 
PHE N    N  N N 237 
PHE CA   C  N S 238 
PHE C    C  N N 239 
PHE O    O  N N 240 
PHE CB   C  N N 241 
PHE CG   C  Y N 242 
PHE CD1  C  Y N 243 
PHE CD2  C  Y N 244 
PHE CE1  C  Y N 245 
PHE CE2  C  Y N 246 
PHE CZ   C  Y N 247 
PHE OXT  O  N N 248 
PHE H    H  N N 249 
PHE H2   H  N N 250 
PHE HA   H  N N 251 
PHE HB2  H  N N 252 
PHE HB3  H  N N 253 
PHE HD1  H  N N 254 
PHE HD2  H  N N 255 
PHE HE1  H  N N 256 
PHE HE2  H  N N 257 
PHE HZ   H  N N 258 
PHE HXT  H  N N 259 
PRO N    N  N N 260 
PRO CA   C  N S 261 
PRO C    C  N N 262 
PRO O    O  N N 263 
PRO CB   C  N N 264 
PRO CG   C  N N 265 
PRO CD   C  N N 266 
PRO OXT  O  N N 267 
PRO H    H  N N 268 
PRO HA   H  N N 269 
PRO HB2  H  N N 270 
PRO HB3  H  N N 271 
PRO HG2  H  N N 272 
PRO HG3  H  N N 273 
PRO HD2  H  N N 274 
PRO HD3  H  N N 275 
PRO HXT  H  N N 276 
SER N    N  N N 277 
SER CA   C  N S 278 
SER C    C  N N 279 
SER O    O  N N 280 
SER CB   C  N N 281 
SER OG   O  N N 282 
SER OXT  O  N N 283 
SER H    H  N N 284 
SER H2   H  N N 285 
SER HA   H  N N 286 
SER HB2  H  N N 287 
SER HB3  H  N N 288 
SER HG   H  N N 289 
SER HXT  H  N N 290 
THR N    N  N N 291 
THR CA   C  N S 292 
THR C    C  N N 293 
THR O    O  N N 294 
THR CB   C  N R 295 
THR OG1  O  N N 296 
THR CG2  C  N N 297 
THR OXT  O  N N 298 
THR H    H  N N 299 
THR H2   H  N N 300 
THR HA   H  N N 301 
THR HB   H  N N 302 
THR HG1  H  N N 303 
THR HG21 H  N N 304 
THR HG22 H  N N 305 
THR HG23 H  N N 306 
THR HXT  H  N N 307 
TYR N    N  N N 308 
TYR CA   C  N S 309 
TYR C    C  N N 310 
TYR O    O  N N 311 
TYR CB   C  N N 312 
TYR CG   C  Y N 313 
TYR CD1  C  Y N 314 
TYR CD2  C  Y N 315 
TYR CE1  C  Y N 316 
TYR CE2  C  Y N 317 
TYR CZ   C  Y N 318 
TYR OH   O  N N 319 
TYR OXT  O  N N 320 
TYR H    H  N N 321 
TYR H2   H  N N 322 
TYR HA   H  N N 323 
TYR HB2  H  N N 324 
TYR HB3  H  N N 325 
TYR HD1  H  N N 326 
TYR HD2  H  N N 327 
TYR HE1  H  N N 328 
TYR HE2  H  N N 329 
TYR HH   H  N N 330 
TYR HXT  H  N N 331 
VAL N    N  N N 332 
VAL CA   C  N S 333 
VAL C    C  N N 334 
VAL O    O  N N 335 
VAL CB   C  N N 336 
VAL CG1  C  N N 337 
VAL CG2  C  N N 338 
VAL OXT  O  N N 339 
VAL H    H  N N 340 
VAL H2   H  N N 341 
VAL HA   H  N N 342 
VAL HB   H  N N 343 
VAL HG11 H  N N 344 
VAL HG12 H  N N 345 
VAL HG13 H  N N 346 
VAL HG21 H  N N 347 
VAL HG22 H  N N 348 
VAL HG23 H  N N 349 
VAL HXT  H  N N 350 
# 
loop_
_chem_comp_bond.comp_id 
_chem_comp_bond.atom_id_1 
_chem_comp_bond.atom_id_2 
_chem_comp_bond.value_order 
_chem_comp_bond.pdbx_aromatic_flag 
_chem_comp_bond.pdbx_stereo_config 
_chem_comp_bond.pdbx_ordinal 
ALA N   CA   sing N N 1   
ALA N   H    sing N N 2   
ALA N   H2   sing N N 3   
ALA CA  C    sing N N 4   
ALA CA  CB   sing N N 5   
ALA CA  HA   sing N N 6   
ALA C   O    doub N N 7   
ALA C   OXT  sing N N 8   
ALA CB  HB1  sing N N 9   
ALA CB  HB2  sing N N 10  
ALA CB  HB3  sing N N 11  
ALA OXT HXT  sing N N 12  
ARG N   CA   sing N N 13  
ARG N   H    sing N N 14  
ARG N   H2   sing N N 15  
ARG CA  C    sing N N 16  
ARG CA  CB   sing N N 17  
ARG CA  HA   sing N N 18  
ARG C   O    doub N N 19  
ARG C   OXT  sing N N 20  
ARG CB  CG   sing N N 21  
ARG CB  HB2  sing N N 22  
ARG CB  HB3  sing N N 23  
ARG CG  CD   sing N N 24  
ARG CG  HG2  sing N N 25  
ARG CG  HG3  sing N N 26  
ARG CD  NE   sing N N 27  
ARG CD  HD2  sing N N 28  
ARG CD  HD3  sing N N 29  
ARG NE  CZ   sing N N 30  
ARG NE  HE   sing N N 31  
ARG CZ  NH1  sing N N 32  
ARG CZ  NH2  doub N N 33  
ARG NH1 HH11 sing N N 34  
ARG NH1 HH12 sing N N 35  
ARG NH2 HH21 sing N N 36  
ARG NH2 HH22 sing N N 37  
ARG OXT HXT  sing N N 38  
ASN N   CA   sing N N 39  
ASN N   H    sing N N 40  
ASN N   H2   sing N N 41  
ASN CA  C    sing N N 42  
ASN CA  CB   sing N N 43  
ASN CA  HA   sing N N 44  
ASN C   O    doub N N 45  
ASN C   OXT  sing N N 46  
ASN CB  CG   sing N N 47  
ASN CB  HB2  sing N N 48  
ASN CB  HB3  sing N N 49  
ASN CG  OD1  doub N N 50  
ASN CG  ND2  sing N N 51  
ASN ND2 HD21 sing N N 52  
ASN ND2 HD22 sing N N 53  
ASN OXT HXT  sing N N 54  
ASP N   CA   sing N N 55  
ASP N   H    sing N N 56  
ASP N   H2   sing N N 57  
ASP CA  C    sing N N 58  
ASP CA  CB   sing N N 59  
ASP CA  HA   sing N N 60  
ASP C   O    doub N N 61  
ASP C   OXT  sing N N 62  
ASP CB  CG   sing N N 63  
ASP CB  HB2  sing N N 64  
ASP CB  HB3  sing N N 65  
ASP CG  OD1  doub N N 66  
ASP CG  OD2  sing N N 67  
ASP OD2 HD2  sing N N 68  
ASP OXT HXT  sing N N 69  
GLN N   CA   sing N N 70  
GLN N   H    sing N N 71  
GLN N   H2   sing N N 72  
GLN CA  C    sing N N 73  
GLN CA  CB   sing N N 74  
GLN CA  HA   sing N N 75  
GLN C   O    doub N N 76  
GLN C   OXT  sing N N 77  
GLN CB  CG   sing N N 78  
GLN CB  HB2  sing N N 79  
GLN CB  HB3  sing N N 80  
GLN CG  CD   sing N N 81  
GLN CG  HG2  sing N N 82  
GLN CG  HG3  sing N N 83  
GLN CD  OE1  doub N N 84  
GLN CD  NE2  sing N N 85  
GLN NE2 HE21 sing N N 86  
GLN NE2 HE22 sing N N 87  
GLN OXT HXT  sing N N 88  
GLU N   CA   sing N N 89  
GLU N   H    sing N N 90  
GLU N   H2   sing N N 91  
GLU CA  C    sing N N 92  
GLU CA  CB   sing N N 93  
GLU CA  HA   sing N N 94  
GLU C   O    doub N N 95  
GLU C   OXT  sing N N 96  
GLU CB  CG   sing N N 97  
GLU CB  HB2  sing N N 98  
GLU CB  HB3  sing N N 99  
GLU CG  CD   sing N N 100 
GLU CG  HG2  sing N N 101 
GLU CG  HG3  sing N N 102 
GLU CD  OE1  doub N N 103 
GLU CD  OE2  sing N N 104 
GLU OE2 HE2  sing N N 105 
GLU OXT HXT  sing N N 106 
GLY N   CA   sing N N 107 
GLY N   H    sing N N 108 
GLY N   H2   sing N N 109 
GLY CA  C    sing N N 110 
GLY CA  HA2  sing N N 111 
GLY CA  HA3  sing N N 112 
GLY C   O    doub N N 113 
GLY C   OXT  sing N N 114 
GLY OXT HXT  sing N N 115 
HIS N   CA   sing N N 116 
HIS N   H    sing N N 117 
HIS N   H2   sing N N 118 
HIS CA  C    sing N N 119 
HIS CA  CB   sing N N 120 
HIS CA  HA   sing N N 121 
HIS C   O    doub N N 122 
HIS C   OXT  sing N N 123 
HIS CB  CG   sing N N 124 
HIS CB  HB2  sing N N 125 
HIS CB  HB3  sing N N 126 
HIS CG  ND1  sing Y N 127 
HIS CG  CD2  doub Y N 128 
HIS ND1 CE1  doub Y N 129 
HIS ND1 HD1  sing N N 130 
HIS CD2 NE2  sing Y N 131 
HIS CD2 HD2  sing N N 132 
HIS CE1 NE2  sing Y N 133 
HIS CE1 HE1  sing N N 134 
HIS NE2 HE2  sing N N 135 
HIS OXT HXT  sing N N 136 
HOH O   H1   sing N N 137 
HOH O   H2   sing N N 138 
ILE N   CA   sing N N 139 
ILE N   H    sing N N 140 
ILE N   H2   sing N N 141 
ILE CA  C    sing N N 142 
ILE CA  CB   sing N N 143 
ILE CA  HA   sing N N 144 
ILE C   O    doub N N 145 
ILE C   OXT  sing N N 146 
ILE CB  CG1  sing N N 147 
ILE CB  CG2  sing N N 148 
ILE CB  HB   sing N N 149 
ILE CG1 CD1  sing N N 150 
ILE CG1 HG12 sing N N 151 
ILE CG1 HG13 sing N N 152 
ILE CG2 HG21 sing N N 153 
ILE CG2 HG22 sing N N 154 
ILE CG2 HG23 sing N N 155 
ILE CD1 HD11 sing N N 156 
ILE CD1 HD12 sing N N 157 
ILE CD1 HD13 sing N N 158 
ILE OXT HXT  sing N N 159 
LEU N   CA   sing N N 160 
LEU N   H    sing N N 161 
LEU N   H2   sing N N 162 
LEU CA  C    sing N N 163 
LEU CA  CB   sing N N 164 
LEU CA  HA   sing N N 165 
LEU C   O    doub N N 166 
LEU C   OXT  sing N N 167 
LEU CB  CG   sing N N 168 
LEU CB  HB2  sing N N 169 
LEU CB  HB3  sing N N 170 
LEU CG  CD1  sing N N 171 
LEU CG  CD2  sing N N 172 
LEU CG  HG   sing N N 173 
LEU CD1 HD11 sing N N 174 
LEU CD1 HD12 sing N N 175 
LEU CD1 HD13 sing N N 176 
LEU CD2 HD21 sing N N 177 
LEU CD2 HD22 sing N N 178 
LEU CD2 HD23 sing N N 179 
LEU OXT HXT  sing N N 180 
LYS N   CA   sing N N 181 
LYS N   H    sing N N 182 
LYS N   H2   sing N N 183 
LYS CA  C    sing N N 184 
LYS CA  CB   sing N N 185 
LYS CA  HA   sing N N 186 
LYS C   O    doub N N 187 
LYS C   OXT  sing N N 188 
LYS CB  CG   sing N N 189 
LYS CB  HB2  sing N N 190 
LYS CB  HB3  sing N N 191 
LYS CG  CD   sing N N 192 
LYS CG  HG2  sing N N 193 
LYS CG  HG3  sing N N 194 
LYS CD  CE   sing N N 195 
LYS CD  HD2  sing N N 196 
LYS CD  HD3  sing N N 197 
LYS CE  NZ   sing N N 198 
LYS CE  HE2  sing N N 199 
LYS CE  HE3  sing N N 200 
LYS NZ  HZ1  sing N N 201 
LYS NZ  HZ2  sing N N 202 
LYS NZ  HZ3  sing N N 203 
LYS OXT HXT  sing N N 204 
MET N   CA   sing N N 205 
MET N   H    sing N N 206 
MET N   H2   sing N N 207 
MET CA  C    sing N N 208 
MET CA  CB   sing N N 209 
MET CA  HA   sing N N 210 
MET C   O    doub N N 211 
MET C   OXT  sing N N 212 
MET CB  CG   sing N N 213 
MET CB  HB2  sing N N 214 
MET CB  HB3  sing N N 215 
MET CG  SD   sing N N 216 
MET CG  HG2  sing N N 217 
MET CG  HG3  sing N N 218 
MET SD  CE   sing N N 219 
MET CE  HE1  sing N N 220 
MET CE  HE2  sing N N 221 
MET CE  HE3  sing N N 222 
MET OXT HXT  sing N N 223 
PHE N   CA   sing N N 224 
PHE N   H    sing N N 225 
PHE N   H2   sing N N 226 
PHE CA  C    sing N N 227 
PHE CA  CB   sing N N 228 
PHE CA  HA   sing N N 229 
PHE C   O    doub N N 230 
PHE C   OXT  sing N N 231 
PHE CB  CG   sing N N 232 
PHE CB  HB2  sing N N 233 
PHE CB  HB3  sing N N 234 
PHE CG  CD1  doub Y N 235 
PHE CG  CD2  sing Y N 236 
PHE CD1 CE1  sing Y N 237 
PHE CD1 HD1  sing N N 238 
PHE CD2 CE2  doub Y N 239 
PHE CD2 HD2  sing N N 240 
PHE CE1 CZ   doub Y N 241 
PHE CE1 HE1  sing N N 242 
PHE CE2 CZ   sing Y N 243 
PHE CE2 HE2  sing N N 244 
PHE CZ  HZ   sing N N 245 
PHE OXT HXT  sing N N 246 
PRO N   CA   sing N N 247 
PRO N   CD   sing N N 248 
PRO N   H    sing N N 249 
PRO CA  C    sing N N 250 
PRO CA  CB   sing N N 251 
PRO CA  HA   sing N N 252 
PRO C   O    doub N N 253 
PRO C   OXT  sing N N 254 
PRO CB  CG   sing N N 255 
PRO CB  HB2  sing N N 256 
PRO CB  HB3  sing N N 257 
PRO CG  CD   sing N N 258 
PRO CG  HG2  sing N N 259 
PRO CG  HG3  sing N N 260 
PRO CD  HD2  sing N N 261 
PRO CD  HD3  sing N N 262 
PRO OXT HXT  sing N N 263 
SER N   CA   sing N N 264 
SER N   H    sing N N 265 
SER N   H2   sing N N 266 
SER CA  C    sing N N 267 
SER CA  CB   sing N N 268 
SER CA  HA   sing N N 269 
SER C   O    doub N N 270 
SER C   OXT  sing N N 271 
SER CB  OG   sing N N 272 
SER CB  HB2  sing N N 273 
SER CB  HB3  sing N N 274 
SER OG  HG   sing N N 275 
SER OXT HXT  sing N N 276 
THR N   CA   sing N N 277 
THR N   H    sing N N 278 
THR N   H2   sing N N 279 
THR CA  C    sing N N 280 
THR CA  CB   sing N N 281 
THR CA  HA   sing N N 282 
THR C   O    doub N N 283 
THR C   OXT  sing N N 284 
THR CB  OG1  sing N N 285 
THR CB  CG2  sing N N 286 
THR CB  HB   sing N N 287 
THR OG1 HG1  sing N N 288 
THR CG2 HG21 sing N N 289 
THR CG2 HG22 sing N N 290 
THR CG2 HG23 sing N N 291 
THR OXT HXT  sing N N 292 
TYR N   CA   sing N N 293 
TYR N   H    sing N N 294 
TYR N   H2   sing N N 295 
TYR CA  C    sing N N 296 
TYR CA  CB   sing N N 297 
TYR CA  HA   sing N N 298 
TYR C   O    doub N N 299 
TYR C   OXT  sing N N 300 
TYR CB  CG   sing N N 301 
TYR CB  HB2  sing N N 302 
TYR CB  HB3  sing N N 303 
TYR CG  CD1  doub Y N 304 
TYR CG  CD2  sing Y N 305 
TYR CD1 CE1  sing Y N 306 
TYR CD1 HD1  sing N N 307 
TYR CD2 CE2  doub Y N 308 
TYR CD2 HD2  sing N N 309 
TYR CE1 CZ   doub Y N 310 
TYR CE1 HE1  sing N N 311 
TYR CE2 CZ   sing Y N 312 
TYR CE2 HE2  sing N N 313 
TYR CZ  OH   sing N N 314 
TYR OH  HH   sing N N 315 
TYR OXT HXT  sing N N 316 
VAL N   CA   sing N N 317 
VAL N   H    sing N N 318 
VAL N   H2   sing N N 319 
VAL CA  C    sing N N 320 
VAL CA  CB   sing N N 321 
VAL CA  HA   sing N N 322 
VAL C   O    doub N N 323 
VAL C   OXT  sing N N 324 
VAL CB  CG1  sing N N 325 
VAL CB  CG2  sing N N 326 
VAL CB  HB   sing N N 327 
VAL CG1 HG11 sing N N 328 
VAL CG1 HG12 sing N N 329 
VAL CG1 HG13 sing N N 330 
VAL CG2 HG21 sing N N 331 
VAL CG2 HG22 sing N N 332 
VAL CG2 HG23 sing N N 333 
VAL OXT HXT  sing N N 334 
# 
_atom_sites.entry_id                    3B2N 
_atom_sites.fract_transf_matrix[1][1]   0.00370282 
_atom_sites.fract_transf_matrix[1][2]   -0.01482130 
_atom_sites.fract_transf_matrix[1][3]   0.00747217 
_atom_sites.fract_transf_matrix[2][1]   0.01082871 
_atom_sites.fract_transf_matrix[2][2]   -0.01080011 
_atom_sites.fract_transf_matrix[2][3]   -0.00743644 
_atom_sites.fract_transf_matrix[3][1]   0.00688851 
_atom_sites.fract_transf_matrix[3][2]   0.00391297 
_atom_sites.fract_transf_matrix[3][3]   0.00434793 
_atom_sites.fract_transf_vector[1]      -0.292600 
_atom_sites.fract_transf_vector[2]      -0.451497 
_atom_sites.fract_transf_vector[3]      0.041974 
# 
loop_
_atom_type.symbol 
C  
N  
NA 
O  
S  
# 
loop_
_atom_site.group_PDB 
_atom_site.id 
_atom_site.type_symbol 
_atom_site.label_atom_id 
_atom_site.label_alt_id 
_atom_site.label_comp_id 
_atom_site.label_asym_id 
_atom_site.label_entity_id 
_atom_site.label_seq_id 
_atom_site.pdbx_PDB_ins_code 
_atom_site.Cartn_x 
_atom_site.Cartn_y 
_atom_site.Cartn_z 
_atom_site.occupancy 
_atom_site.B_iso_or_equiv 
_atom_site.pdbx_formal_charge 
_atom_site.auth_seq_id 
_atom_site.auth_comp_id 
_atom_site.auth_asym_id 
_atom_site.auth_atom_id 
_atom_site.pdbx_PDB_model_num 
ATOM   1    N  N   . LEU A 1 3   ? 6.047   -16.649 3.875   1.00 49.97  ? 3   LEU A N   1 
ATOM   2    C  CA  . LEU A 1 3   ? 4.801   -15.851 3.931   1.00 48.41  ? 3   LEU A CA  1 
ATOM   3    C  C   . LEU A 1 3   ? 4.751   -14.882 2.750   1.00 45.50  ? 3   LEU A C   1 
ATOM   4    O  O   . LEU A 1 3   ? 5.654   -14.872 1.908   1.00 45.04  ? 3   LEU A O   1 
ATOM   5    C  CB  . LEU A 1 3   ? 4.716   -15.071 5.246   1.00 49.71  ? 3   LEU A CB  1 
ATOM   6    C  CG  . LEU A 1 3   ? 5.217   -15.791 6.489   1.00 64.61  ? 3   LEU A CG  1 
ATOM   7    C  CD1 . LEU A 1 3   ? 6.507   -15.139 6.976   1.00 53.76  ? 3   LEU A CD1 1 
ATOM   8    C  CD2 . LEU A 1 3   ? 4.132   -15.801 7.555   1.00 56.15  ? 3   LEU A CD2 1 
ATOM   9    N  N   . THR A 1 4   ? 3.697   -14.063 2.707   1.00 42.03  ? 4   THR A N   1 
ATOM   10   C  CA  . THR A 1 4   ? 3.610   -12.961 1.767   1.00 38.88  ? 4   THR A CA  1 
ATOM   11   C  C   . THR A 1 4   ? 4.385   -11.736 2.300   1.00 37.92  ? 4   THR A C   1 
ATOM   12   O  O   . THR A 1 4   ? 4.171   -11.297 3.447   1.00 37.17  ? 4   THR A O   1 
ATOM   13   C  CB  . THR A 1 4   ? 2.155   -12.629 1.537   1.00 38.19  ? 4   THR A CB  1 
ATOM   14   O  OG1 . THR A 1 4   ? 1.511   -13.805 1.027   1.00 37.67  ? 4   THR A OG1 1 
ATOM   15   C  CG2 . THR A 1 4   ? 2.025   -11.519 0.551   1.00 36.77  ? 4   THR A CG2 1 
ATOM   16   N  N   . SER A 1 5   ? 5.292   -11.194 1.485   1.00 36.58  ? 5   SER A N   1 
ATOM   17   C  CA  . SER A 1 5   ? 6.002   -9.978  1.907   1.00 36.17  ? 5   SER A CA  1 
ATOM   18   C  C   . SER A 1 5   ? 5.291   -8.685  1.504   1.00 34.14  ? 5   SER A C   1 
ATOM   19   O  O   . SER A 1 5   ? 4.669   -8.611  0.448   1.00 32.40  ? 5   SER A O   1 
ATOM   20   C  CB  . SER A 1 5   ? 7.431   -9.978  1.398   1.00 36.90  ? 5   SER A CB  1 
ATOM   21   O  OG  . SER A 1 5   ? 7.440   -10.169 0.000   1.00 34.46  ? 5   SER A OG  1 
ATOM   22   N  N   . LEU A 1 6   ? 5.419   -7.674  2.370   1.00 32.94  ? 6   LEU A N   1 
ATOM   23   C  CA  . LEU A 1 6   ? 4.741   -6.422  2.244   1.00 33.42  ? 6   LEU A CA  1 
ATOM   24   C  C   . LEU A 1 6   ? 5.690   -5.273  2.538   1.00 32.30  ? 6   LEU A C   1 
ATOM   25   O  O   . LEU A 1 6   ? 6.524   -5.369  3.444   1.00 32.63  ? 6   LEU A O   1 
ATOM   26   C  CB  . LEU A 1 6   ? 3.655   -6.310  3.328   1.00 35.67  ? 6   LEU A CB  1 
ATOM   27   C  CG  . LEU A 1 6   ? 2.173   -6.417  3.061   1.00 60.00  ? 6   LEU A CG  1 
ATOM   28   C  CD1 . LEU A 1 6   ? 1.914   -7.829  2.649   1.00 46.59  ? 6   LEU A CD1 1 
ATOM   29   C  CD2 . LEU A 1 6   ? 1.444   -6.132  4.362   1.00 48.21  ? 6   LEU A CD2 1 
ATOM   30   N  N   . ILE A 1 7   ? 5.492   -4.164  1.841   1.00 28.77  ? 7   ILE A N   1 
ATOM   31   C  CA  . ILE A 1 7   ? 6.029   -2.890  2.272   1.00 27.41  ? 7   ILE A CA  1 
ATOM   32   C  C   . ILE A 1 7   ? 4.826   -1.975  2.529   1.00 27.66  ? 7   ILE A C   1 
ATOM   33   O  O   . ILE A 1 7   ? 3.829   -2.017  1.796   1.00 28.36  ? 7   ILE A O   1 
ATOM   34   C  CB  . ILE A 1 7   ? 7.027   -2.285  1.207   1.00 25.60  ? 7   ILE A CB  1 
ATOM   35   C  CG1 . ILE A 1 7   ? 8.313   -3.124  1.160   1.00 26.66  ? 7   ILE A CG1 1 
ATOM   36   C  CG2 . ILE A 1 7   ? 7.294   -0.748  1.507   1.00 25.44  ? 7   ILE A CG2 1 
ATOM   37   C  CD1 . ILE A 1 7   ? 9.380   -2.736  0.110   1.00 30.60  ? 7   ILE A CD1 1 
ATOM   38   N  N   . ILE A 1 8   ? 4.921   -1.130  3.555   1.00 27.93  ? 8   ILE A N   1 
ATOM   39   C  CA  . ILE A 1 8   ? 3.819   -0.253  3.917   1.00 28.60  ? 8   ILE A CA  1 
ATOM   40   C  C   . ILE A 1 8   ? 4.289   1.158   3.852   1.00 30.16  ? 8   ILE A C   1 
ATOM   41   O  O   . ILE A 1 8   ? 5.301   1.507   4.483   1.00 30.57  ? 8   ILE A O   1 
ATOM   42   C  CB  . ILE A 1 8   ? 3.286   -0.507  5.331   1.00 29.75  ? 8   ILE A CB  1 
ATOM   43   C  CG1 . ILE A 1 8   ? 2.776   -1.961  5.410   1.00 34.77  ? 8   ILE A CG1 1 
ATOM   44   C  CG2 . ILE A 1 8   ? 2.153   0.582   5.675   1.00 26.07  ? 8   ILE A CG2 1 
ATOM   45   C  CD1 . ILE A 1 8   ? 2.452   -2.425  6.808   1.00 31.86  ? 8   ILE A CD1 1 
ATOM   46   N  N   . ALA A 1 9   ? 3.614   1.972   3.050   1.00 29.61  ? 9   ALA A N   1 
ATOM   47   C  CA  . ALA A 1 9   ? 4.023   3.378   3.028   1.00 28.47  ? 9   ALA A CA  1 
ATOM   48   C  C   . ALA A 1 9   ? 2.779   4.146   3.495   1.00 29.29  ? 9   ALA A C   1 
ATOM   49   O  O   . ALA A 1 9   ? 1.728   4.120   2.827   1.00 30.48  ? 9   ALA A O   1 
ATOM   50   C  CB  . ALA A 1 9   ? 4.453   3.808   1.593   1.00 25.48  ? 9   ALA A CB  1 
ATOM   51   N  N   . GLU A 1 10  ? 2.883   4.835   4.615   1.00 30.23  ? 10  GLU A N   1 
ATOM   52   C  CA  . GLU A 1 10  ? 1.750   5.544   5.184   1.00 31.01  ? 10  GLU A CA  1 
ATOM   53   C  C   . GLU A 1 10  ? 2.187   6.855   5.881   1.00 32.49  ? 10  GLU A C   1 
ATOM   54   O  O   . GLU A 1 10  ? 3.172   6.898   6.644   1.00 34.42  ? 10  GLU A O   1 
ATOM   55   C  CB  . GLU A 1 10  ? 0.970   4.601   6.133   1.00 29.53  ? 10  GLU A CB  1 
ATOM   56   C  CG  . GLU A 1 10  ? 0.167   5.326   7.283   1.00 27.68  ? 10  GLU A CG  1 
ATOM   57   C  CD  . GLU A 1 10  ? -1.024  6.156   6.742   1.00 34.78  ? 10  GLU A CD  1 
ATOM   58   O  OE1 . GLU A 1 10  ? -1.711  5.705   5.786   1.00 32.69  ? 10  GLU A OE1 1 
ATOM   59   O  OE2 . GLU A 1 10  ? -1.244  7.283   7.242   1.00 30.27  ? 10  GLU A OE2 1 
ATOM   60   N  N   . ASP A 1 11  ? 1.463   7.930   5.612   1.00 31.19  ? 11  ASP A N   1 
ATOM   61   C  CA  . ASP A 1 11  ? 1.920   9.233   6.059   1.00 30.29  ? 11  ASP A CA  1 
ATOM   62   C  C   . ASP A 1 11  ? 1.869   9.333   7.577   1.00 30.12  ? 11  ASP A C   1 
ATOM   63   O  O   . ASP A 1 11  ? 2.737   9.887   8.178   1.00 30.15  ? 11  ASP A O   1 
ATOM   64   C  CB  . ASP A 1 11  ? 1.037   10.322  5.460   1.00 31.52  ? 11  ASP A CB  1 
ATOM   65   C  CG  . ASP A 1 11  ? 1.554   11.711  5.785   1.00 36.77  ? 11  ASP A CG  1 
ATOM   66   O  OD1 . ASP A 1 11  ? 0.892   12.406  6.552   1.00 39.71  ? 11  ASP A OD1 1 
ATOM   67   O  OD2 . ASP A 1 11  ? 2.666   12.077  5.357   1.00 40.25  ? 11  ASP A OD2 1 
ATOM   68   N  N   . GLN A 1 12  ? 0.869   8.735   8.218   1.00 28.51  ? 12  GLN A N   1 
ATOM   69   C  CA  . GLN A 1 12  ? 0.714   9.021   9.608   1.00 30.27  ? 12  GLN A CA  1 
ATOM   70   C  C   . GLN A 1 12  ? 1.459   7.935   10.408  1.00 31.02  ? 12  GLN A C   1 
ATOM   71   O  O   . GLN A 1 12  ? 1.166   6.741   10.264  1.00 31.71  ? 12  GLN A O   1 
ATOM   72   C  CB  . GLN A 1 12  ? -0.779  9.060   9.959   1.00 28.38  ? 12  GLN A CB  1 
ATOM   73   C  CG  . GLN A 1 12  ? -1.041  9.367   11.419  1.00 33.93  ? 12  GLN A CG  1 
ATOM   74   C  CD  . GLN A 1 12  ? -2.434  9.001   11.753  1.00 32.76  ? 12  GLN A CD  1 
ATOM   75   O  OE1 . GLN A 1 12  ? -2.672  7.901   12.228  1.00 31.36  ? 12  GLN A OE1 1 
ATOM   76   N  NE2 . GLN A 1 12  ? -3.380  9.903   11.497  1.00 29.11  ? 12  GLN A NE2 1 
ATOM   77   N  N   . ASN A 1 13  ? 2.397   8.346   11.260  1.00 29.36  ? 13  ASN A N   1 
ATOM   78   C  CA  A ASN A 1 13  ? 3.188   7.402   12.059  0.50 28.63  ? 13  ASN A CA  1 
ATOM   79   C  CA  B ASN A 1 13  ? 3.146   7.367   12.037  0.50 28.90  ? 13  ASN A CA  1 
ATOM   80   C  C   . ASN A 1 13  ? 2.308   6.473   12.949  1.00 29.37  ? 13  ASN A C   1 
ATOM   81   O  O   . ASN A 1 13  ? 2.499   5.263   12.975  1.00 31.79  ? 13  ASN A O   1 
ATOM   82   C  CB  A ASN A 1 13  ? 4.222   8.171   12.924  0.50 26.71  ? 13  ASN A CB  1 
ATOM   83   C  CB  B ASN A 1 13  ? 4.222   8.023   12.887  0.50 27.80  ? 13  ASN A CB  1 
ATOM   84   C  CG  A ASN A 1 13  ? 5.272   8.982   12.092  0.50 45.93  ? 13  ASN A CG  1 
ATOM   85   C  CG  B ASN A 1 13  ? 5.158   6.998   13.444  0.50 22.38  ? 13  ASN A CG  1 
ATOM   86   O  OD1 A ASN A 1 13  ? 5.528   8.721   10.896  0.50 30.40  ? 13  ASN A OD1 1 
ATOM   87   O  OD1 B ASN A 1 13  ? 5.508   6.031   12.733  0.50 32.55  ? 13  ASN A OD1 1 
ATOM   88   N  ND2 A ASN A 1 13  ? 5.897   9.965   12.754  0.50 22.70  ? 13  ASN A ND2 1 
ATOM   89   N  ND2 B ASN A 1 13  ? 5.521   7.137   14.706  0.50 27.23  ? 13  ASN A ND2 1 
ATOM   90   N  N   . MET A 1 14  ? 1.370   7.048   13.698  1.00 27.59  ? 14  MET A N   1 
ATOM   91   C  CA  . MET A 1 14  ? 0.550   6.212   14.594  1.00 29.16  ? 14  MET A CA  1 
ATOM   92   C  C   . MET A 1 14  ? -0.118  5.046   13.826  1.00 29.17  ? 14  MET A C   1 
ATOM   93   O  O   . MET A 1 14  ? 0.007   3.863   14.234  1.00 29.58  ? 14  MET A O   1 
ATOM   94   C  CB  . MET A 1 14  ? -0.477  7.039   15.396  1.00 28.26  ? 14  MET A CB  1 
ATOM   95   C  CG  . MET A 1 14  ? -1.178  6.202   16.515  1.00 25.72  ? 14  MET A CG  1 
ATOM   96   S  SD  . MET A 1 14  ? -2.303  7.080   17.648  1.00 19.14  ? 14  MET A SD  1 
ATOM   97   C  CE  . MET A 1 14  ? -1.070  7.916   18.659  1.00 19.02  ? 14  MET A CE  1 
ATOM   98   N  N   . LEU A 1 15  ? -0.792  5.359   12.713  1.00 26.64  ? 15  LEU A N   1 
ATOM   99   C  CA  . LEU A 1 15  ? -1.486  4.327   11.963  1.00 25.20  ? 15  LEU A CA  1 
ATOM   100  C  C   . LEU A 1 15  ? -0.465  3.397   11.283  1.00 28.33  ? 15  LEU A C   1 
ATOM   101  O  O   . LEU A 1 15  ? -0.666  2.160   11.233  1.00 27.96  ? 15  LEU A O   1 
ATOM   102  C  CB  . LEU A 1 15  ? -2.441  4.929   10.894  1.00 23.28  ? 15  LEU A CB  1 
ATOM   103  C  CG  . LEU A 1 15  ? -3.113  3.923   9.923   1.00 30.14  ? 15  LEU A CG  1 
ATOM   104  C  CD1 . LEU A 1 15  ? -4.015  2.985   10.746  1.00 25.01  ? 15  LEU A CD1 1 
ATOM   105  C  CD2 . LEU A 1 15  ? -3.953  4.727   8.927   1.00 27.24  ? 15  LEU A CD2 1 
ATOM   106  N  N   . ARG A 1 16  ? 0.643   3.974   10.774  1.00 28.94  ? 16  ARG A N   1 
ATOM   107  C  CA  . ARG A 1 16  ? 1.604   3.161   10.086  1.00 29.20  ? 16  ARG A CA  1 
ATOM   108  C  C   . ARG A 1 16  ? 2.177   2.049   11.046  1.00 28.16  ? 16  ARG A C   1 
ATOM   109  O  O   . ARG A 1 16  ? 2.234   0.886   10.695  1.00 26.85  ? 16  ARG A O   1 
ATOM   110  C  CB  . ARG A 1 16  ? 2.780   3.990   9.556   1.00 30.44  ? 16  ARG A CB  1 
ATOM   111  C  CG  . ARG A 1 16  ? 3.698   3.105   8.677   1.00 29.10  ? 16  ARG A CG  1 
ATOM   112  C  CD  . ARG A 1 16  ? 4.752   3.828   7.842   1.00 32.62  ? 16  ARG A CD  1 
ATOM   113  N  NE  . ARG A 1 16  ? 5.817   4.344   8.680   1.00 30.06  ? 16  ARG A NE  1 
ATOM   114  C  CZ  . ARG A 1 16  ? 5.844   5.578   9.182   1.00 36.78  ? 16  ARG A CZ  1 
ATOM   115  N  NH1 . ARG A 1 16  ? 4.848   6.489   8.938   1.00 27.35  ? 16  ARG A NH1 1 
ATOM   116  N  NH2 . ARG A 1 16  ? 6.889   5.910   9.923   1.00 32.09  ? 16  ARG A NH2 1 
ATOM   117  N  N   . GLN A 1 17  ? 2.642   2.449   12.219  1.00 27.83  ? 17  GLN A N   1 
ATOM   118  C  CA  . GLN A 1 17  ? 3.162   1.483   13.169  1.00 30.86  ? 17  GLN A CA  1 
ATOM   119  C  C   . GLN A 1 17  ? 2.079   0.479   13.568  1.00 30.34  ? 17  GLN A C   1 
ATOM   120  O  O   . GLN A 1 17  ? 2.372   -0.687  13.761  1.00 29.10  ? 17  GLN A O   1 
ATOM   121  C  CB  . GLN A 1 17  ? 3.742   2.175   14.428  1.00 31.87  ? 17  GLN A CB  1 
ATOM   122  C  CG  . GLN A 1 17  ? 4.985   3.052   14.156  1.00 44.32  ? 17  GLN A CG  1 
ATOM   123  C  CD  . GLN A 1 17  ? 5.835   2.595   12.940  1.00 56.31  ? 17  GLN A CD  1 
ATOM   124  O  OE1 . GLN A 1 17  ? 6.354   1.437   12.884  1.00 48.28  ? 17  GLN A OE1 1 
ATOM   125  N  NE2 . GLN A 1 17  ? 5.984   3.506   11.969  1.00 42.29  ? 17  GLN A NE2 1 
ATOM   126  N  N   . ALA A 1 18  ? 0.830   0.943   13.681  1.00 31.13  ? 18  ALA A N   1 
ATOM   127  C  CA  . ALA A 1 18  ? -0.288  0.038   13.994  1.00 29.51  ? 18  ALA A CA  1 
ATOM   128  C  C   . ALA A 1 18  ? -0.476  -0.996  12.880  1.00 29.42  ? 18  ALA A C   1 
ATOM   129  O  O   . ALA A 1 18  ? -0.728  -2.192  13.155  1.00 28.02  ? 18  ALA A O   1 
ATOM   130  C  CB  . ALA A 1 18  ? -1.611  0.812   14.236  1.00 26.96  ? 18  ALA A CB  1 
ATOM   131  N  N   . MET A 1 19  ? -0.372  -0.560  11.620  1.00 28.96  ? 19  MET A N   1 
ATOM   132  C  CA  . MET A 1 19  ? -0.533  -1.513  10.536  1.00 29.09  ? 19  MET A CA  1 
ATOM   133  C  C   . MET A 1 19  ? 0.615   -2.545  10.503  1.00 29.19  ? 19  MET A C   1 
ATOM   134  O  O   . MET A 1 19  ? 0.399   -3.698  10.206  1.00 27.59  ? 19  MET A O   1 
ATOM   135  C  CB  . MET A 1 19  ? -0.556  -0.769  9.185   1.00 31.15  ? 19  MET A CB  1 
ATOM   136  C  CG  . MET A 1 19  ? -1.774  0.215   8.974   1.00 37.81  ? 19  MET A CG  1 
ATOM   137  S  SD  . MET A 1 19  ? -1.596  1.365   7.497   1.00 33.54  ? 19  MET A SD  1 
ATOM   138  C  CE  . MET A 1 19  ? -2.222  0.254   6.317   1.00 42.53  ? 19  MET A CE  1 
ATOM   139  N  N   . VAL A 1 20  ? 1.842   -2.089  10.713  1.00 28.73  ? 20  VAL A N   1 
ATOM   140  C  CA  . VAL A 1 20  ? 3.010   -2.974  10.716  1.00 27.97  ? 20  VAL A CA  1 
ATOM   141  C  C   . VAL A 1 20  ? 2.768   -4.059  11.739  1.00 29.21  ? 20  VAL A C   1 
ATOM   142  O  O   . VAL A 1 20  ? 2.916   -5.241  11.414  1.00 28.55  ? 20  VAL A O   1 
ATOM   143  C  CB  . VAL A 1 20  ? 4.294   -2.228  11.067  1.00 26.20  ? 20  VAL A CB  1 
ATOM   144  C  CG1 . VAL A 1 20  ? 5.455   -3.222  11.482  1.00 30.20  ? 20  VAL A CG1 1 
ATOM   145  C  CG2 . VAL A 1 20  ? 4.709   -1.259  9.968   1.00 27.91  ? 20  VAL A CG2 1 
ATOM   146  N  N   . GLN A 1 21  ? 2.335   -3.679  12.950  1.00 26.56  ? 21  GLN A N   1 
ATOM   147  C  CA  . GLN A 1 21  ? 2.122   -4.706  13.990  1.00 27.39  ? 21  GLN A CA  1 
ATOM   148  C  C   . GLN A 1 21  ? 0.896   -5.571  13.774  1.00 28.66  ? 21  GLN A C   1 
ATOM   149  O  O   . GLN A 1 21  ? 0.960   -6.809  13.962  1.00 29.60  ? 21  GLN A O   1 
ATOM   150  C  CB  . GLN A 1 21  ? 2.122   -4.100  15.397  1.00 25.12  ? 21  GLN A CB  1 
ATOM   151  C  CG  . GLN A 1 21  ? 3.516   -3.518  15.732  1.00 29.99  ? 21  GLN A CG  1 
ATOM   152  C  CD  . GLN A 1 21  ? 3.507   -2.769  17.052  1.00 31.95  ? 21  GLN A CD  1 
ATOM   153  O  OE1 . GLN A 1 21  ? 2.457   -2.305  17.523  1.00 32.20  ? 21  GLN A OE1 1 
ATOM   154  N  NE2 . GLN A 1 21  ? 4.662   -2.695  17.681  1.00 31.28  ? 21  GLN A NE2 1 
ATOM   155  N  N   . LEU A 1 22  ? -0.214  -4.938  13.400  1.00 27.89  ? 22  LEU A N   1 
ATOM   156  C  CA  . LEU A 1 22  ? -1.496  -5.686  13.344  1.00 30.94  ? 22  LEU A CA  1 
ATOM   157  C  C   . LEU A 1 22  ? -1.592  -6.529  12.091  1.00 32.50  ? 22  LEU A C   1 
ATOM   158  O  O   . LEU A 1 22  ? -2.110  -7.634  12.125  1.00 35.89  ? 22  LEU A O   1 
ATOM   159  C  CB  . LEU A 1 22  ? -2.694  -4.735  13.394  1.00 31.68  ? 22  LEU A CB  1 
ATOM   160  C  CG  . LEU A 1 22  ? -2.898  -4.120  14.778  1.00 38.65  ? 22  LEU A CG  1 
ATOM   161  C  CD1 . LEU A 1 22  ? -3.966  -3.057  14.719  1.00 32.51  ? 22  LEU A CD1 1 
ATOM   162  C  CD2 . LEU A 1 22  ? -3.280  -5.236  15.733  1.00 32.69  ? 22  LEU A CD2 1 
ATOM   163  N  N   . ILE A 1 23  ? -1.111  -6.012  10.965  1.00 30.66  ? 23  ILE A N   1 
ATOM   164  C  CA  . ILE A 1 23  ? -1.115  -6.838  9.771   1.00 30.81  ? 23  ILE A CA  1 
ATOM   165  C  C   . ILE A 1 23  ? -0.380  -8.186  9.952   1.00 29.50  ? 23  ILE A C   1 
ATOM   166  O  O   . ILE A 1 23  ? -0.873  -9.226  9.505   1.00 28.64  ? 23  ILE A O   1 
ATOM   167  C  CB  . ILE A 1 23  ? -0.607  -6.077  8.524   1.00 30.93  ? 23  ILE A CB  1 
ATOM   168  C  CG1 . ILE A 1 23  ? -1.665  -5.076  8.073   1.00 33.10  ? 23  ILE A CG1 1 
ATOM   169  C  CG2 . ILE A 1 23  ? -0.323  -7.086  7.374   1.00 34.09  ? 23  ILE A CG2 1 
ATOM   170  C  CD1 . ILE A 1 23  ? -1.077  -4.014  7.017   1.00 32.00  ? 23  ILE A CD1 1 
ATOM   171  N  N   . LYS A 1 24  ? 0.777   -8.175  10.609  1.00 29.28  ? 24  LYS A N   1 
ATOM   172  C  CA  . LYS A 1 24  ? 1.490   -9.395  10.910  1.00 31.59  ? 24  LYS A CA  1 
ATOM   173  C  C   . LYS A 1 24  ? 0.712   -10.345 11.839  1.00 34.23  ? 24  LYS A C   1 
ATOM   174  O  O   . LYS A 1 24  ? 0.847   -11.561 11.711  1.00 35.82  ? 24  LYS A O   1 
ATOM   175  C  CB  . LYS A 1 24  ? 2.854   -9.093  11.534  1.00 34.25  ? 24  LYS A CB  1 
ATOM   176  C  CG  . LYS A 1 24  ? 3.930   -8.811  10.496  1.00 52.74  ? 24  LYS A CG  1 
ATOM   177  C  CD  . LYS A 1 24  ? 5.302   -8.618  11.129  1.00 53.38  ? 24  LYS A CD  1 
ATOM   178  C  CE  . LYS A 1 24  ? 5.302   -7.481  12.166  1.00 47.31  ? 24  LYS A CE  1 
ATOM   179  N  NZ  . LYS A 1 24  ? 6.715   -7.057  12.426  1.00 60.43  ? 24  LYS A NZ  1 
ATOM   180  N  N   . LEU A 1 25  ? -0.065  -9.802  12.773  1.00 33.27  ? 25  LEU A N   1 
ATOM   181  C  CA  . LEU A 1 25  ? -0.876  -10.628 13.679  1.00 32.55  ? 25  LEU A CA  1 
ATOM   182  C  C   . LEU A 1 25  ? -2.189  -11.143 13.038  1.00 33.97  ? 25  LEU A C   1 
ATOM   183  O  O   . LEU A 1 25  ? -2.663  -12.219 13.401  1.00 33.08  ? 25  LEU A O   1 
ATOM   184  C  CB  . LEU A 1 25  ? -1.197  -9.874  14.959  1.00 29.89  ? 25  LEU A CB  1 
ATOM   185  C  CG  . LEU A 1 25  ? -0.007  -9.574  15.882  1.00 27.52  ? 25  LEU A CG  1 
ATOM   186  C  CD1 . LEU A 1 25  ? -0.404  -8.632  16.970  1.00 30.54  ? 25  LEU A CD1 1 
ATOM   187  C  CD2 . LEU A 1 25  ? 0.547   -10.801 16.471  1.00 26.43  ? 25  LEU A CD2 1 
ATOM   188  N  N   . HIS A 1 26  ? -2.770  -10.367 12.113  1.00 34.70  ? 26  HIS A N   1 
ATOM   189  C  CA  . HIS A 1 26  ? -4.085  -10.702 11.521  1.00 36.28  ? 26  HIS A CA  1 
ATOM   190  C  C   . HIS A 1 26  ? -3.969  -11.653 10.335  1.00 38.39  ? 26  HIS A C   1 
ATOM   191  O  O   . HIS A 1 26  ? -4.979  -12.184 9.856   1.00 39.34  ? 26  HIS A O   1 
ATOM   192  C  CB  . HIS A 1 26  ? -4.872  -9.429  11.111  1.00 34.59  ? 26  HIS A CB  1 
ATOM   193  C  CG  . HIS A 1 26  ? -5.641  -8.809  12.242  1.00 34.69  ? 26  HIS A CG  1 
ATOM   194  N  ND1 . HIS A 1 26  ? -6.675  -9.460  12.887  1.00 34.16  ? 26  HIS A ND1 1 
ATOM   195  C  CD2 . HIS A 1 26  ? -5.492  -7.624  12.876  1.00 31.52  ? 26  HIS A CD2 1 
ATOM   196  C  CE1 . HIS A 1 26  ? -7.140  -8.694  13.864  1.00 36.72  ? 26  HIS A CE1 1 
ATOM   197  N  NE2 . HIS A 1 26  ? -6.450  -7.560  13.866  1.00 33.74  ? 26  HIS A NE2 1 
ATOM   198  N  N   . GLY A 1 27  ? -2.750  -11.877 9.861   1.00 38.49  ? 27  GLY A N   1 
ATOM   199  C  CA  . GLY A 1 27  ? -2.563  -12.682 8.655   1.00 39.59  ? 27  GLY A CA  1 
ATOM   200  C  C   . GLY A 1 27  ? -1.176  -13.254 8.551   1.00 39.56  ? 27  GLY A C   1 
ATOM   201  O  O   . GLY A 1 27  ? -0.379  -13.126 9.481   1.00 37.83  ? 27  GLY A O   1 
ATOM   202  N  N   . ASP A 1 28  ? -0.887  -13.895 7.419   1.00 40.52  ? 28  ASP A N   1 
ATOM   203  C  CA  . ASP A 1 28  ? 0.415   -14.565 7.211   1.00 40.94  ? 28  ASP A CA  1 
ATOM   204  C  C   . ASP A 1 28  ? 1.359   -13.723 6.349   1.00 38.60  ? 28  ASP A C   1 
ATOM   205  O  O   . ASP A 1 28  ? 1.575   -13.994 5.170   1.00 38.13  ? 28  ASP A O   1 
ATOM   206  C  CB  . ASP A 1 28  ? 0.192   -15.951 6.617   1.00 43.31  ? 28  ASP A CB  1 
ATOM   207  C  CG  . ASP A 1 28  ? -0.537  -16.861 7.575   1.00 50.64  ? 28  ASP A CG  1 
ATOM   208  O  OD1 . ASP A 1 28  ? -0.222  -16.822 8.797   1.00 52.22  ? 28  ASP A OD1 1 
ATOM   209  O  OD2 . ASP A 1 28  ? -1.445  -17.579 7.119   1.00 52.61  ? 28  ASP A OD2 1 
ATOM   210  N  N   . PHE A 1 29  ? 1.915   -12.692 6.963   1.00 36.64  ? 29  PHE A N   1 
ATOM   211  C  CA  . PHE A 1 29  ? 2.658   -11.683 6.242   1.00 36.64  ? 29  PHE A CA  1 
ATOM   212  C  C   . PHE A 1 29  ? 3.997   -11.439 6.919   1.00 38.10  ? 29  PHE A C   1 
ATOM   213  O  O   . PHE A 1 29  ? 4.113   -11.577 8.125   1.00 38.37  ? 29  PHE A O   1 
ATOM   214  C  CB  . PHE A 1 29  ? 1.840   -10.380 6.218   1.00 35.62  ? 29  PHE A CB  1 
ATOM   215  C  CG  . PHE A 1 29  ? 0.465   -10.530 5.630   1.00 40.46  ? 29  PHE A CG  1 
ATOM   216  C  CD1 . PHE A 1 29  ? -0.675  -10.559 6.456   1.00 40.41  ? 29  PHE A CD1 1 
ATOM   217  C  CD2 . PHE A 1 29  ? 0.286   -10.641 4.246   1.00 41.64  ? 29  PHE A CD2 1 
ATOM   218  C  CE1 . PHE A 1 29  ? -1.982  -10.708 5.903   1.00 40.66  ? 29  PHE A CE1 1 
ATOM   219  C  CE2 . PHE A 1 29  ? -1.012  -10.786 3.681   1.00 42.43  ? 29  PHE A CE2 1 
ATOM   220  C  CZ  . PHE A 1 29  ? -2.147  -10.821 4.522   1.00 38.53  ? 29  PHE A CZ  1 
ATOM   221  N  N   . GLU A 1 30  ? 5.017   -11.101 6.141   1.00 39.92  ? 30  GLU A N   1 
ATOM   222  C  CA  . GLU A 1 30  ? 6.224   -10.478 6.707   1.00 40.12  ? 30  GLU A CA  1 
ATOM   223  C  C   . GLU A 1 30  ? 6.396   -9.063  6.113   1.00 38.30  ? 30  GLU A C   1 
ATOM   224  O  O   . GLU A 1 30  ? 6.263   -8.865  4.899   1.00 37.52  ? 30  GLU A O   1 
ATOM   225  C  CB  . GLU A 1 30  ? 7.447   -11.352 6.447   1.00 41.53  ? 30  GLU A CB  1 
ATOM   226  C  CG  . GLU A 1 30  ? 7.855   -11.432 5.004   1.00 56.51  ? 30  GLU A CG  1 
ATOM   227  C  CD  . GLU A 1 30  ? 9.168   -12.175 4.801   1.00 51.68  ? 30  GLU A CD  1 
ATOM   228  O  OE1 . GLU A 1 30  ? 9.256   -12.919 3.794   1.00 61.76  ? 30  GLU A OE1 1 
ATOM   229  O  OE2 . GLU A 1 30  ? 10.105  -12.017 5.631   1.00 57.85  ? 30  GLU A OE2 1 
ATOM   230  N  N   . ILE A 1 31  ? 6.637   -8.088  6.984   1.00 36.77  ? 31  ILE A N   1 
ATOM   231  C  CA  . ILE A 1 31  ? 6.779   -6.688  6.601   1.00 35.05  ? 31  ILE A CA  1 
ATOM   232  C  C   . ILE A 1 31  ? 8.254   -6.459  6.348   1.00 34.32  ? 31  ILE A C   1 
ATOM   233  O  O   . ILE A 1 31  ? 9.074   -6.550  7.277   1.00 34.55  ? 31  ILE A O   1 
ATOM   234  C  CB  . ILE A 1 31  ? 6.301   -5.698  7.725   1.00 35.16  ? 31  ILE A CB  1 
ATOM   235  C  CG1 . ILE A 1 31  ? 4.893   -6.060  8.281   1.00 39.95  ? 31  ILE A CG1 1 
ATOM   236  C  CG2 . ILE A 1 31  ? 6.318   -4.244  7.231   1.00 40.39  ? 31  ILE A CG2 1 
ATOM   237  C  CD1 . ILE A 1 31  ? 3.788   -6.146  7.304   1.00 32.54  ? 31  ILE A CD1 1 
ATOM   238  N  N   . LEU A 1 32  ? 8.615   -6.153  5.109   1.00 33.10  ? 32  LEU A N   1 
ATOM   239  C  CA  . LEU A 1 32  ? 10.025  -5.918  4.778   1.00 32.72  ? 32  LEU A CA  1 
ATOM   240  C  C   . LEU A 1 32  ? 10.539  -4.515  5.135   1.00 32.90  ? 32  LEU A C   1 
ATOM   241  O  O   . LEU A 1 32  ? 11.723  -4.334  5.387   1.00 31.93  ? 32  LEU A O   1 
ATOM   242  C  CB  . LEU A 1 32  ? 10.247  -6.194  3.297   1.00 33.25  ? 32  LEU A CB  1 
ATOM   243  C  CG  . LEU A 1 32  ? 10.657  -7.546  2.758   1.00 47.67  ? 32  LEU A CG  1 
ATOM   244  C  CD1 . LEU A 1 32  ? 10.338  -8.678  3.708   1.00 37.82  ? 32  LEU A CD1 1 
ATOM   245  C  CD2 . LEU A 1 32  ? 10.005  -7.710  1.387   1.00 37.18  ? 32  LEU A CD2 1 
ATOM   246  N  N   . ALA A 1 33  ? 9.647   -3.518  5.115   1.00 32.78  ? 33  ALA A N   1 
ATOM   247  C  CA  . ALA A 1 33  ? 10.036  -2.122  5.287   1.00 31.82  ? 33  ALA A CA  1 
ATOM   248  C  C   . ALA A 1 33  ? 8.768   -1.304  5.472   1.00 30.13  ? 33  ALA A C   1 
ATOM   249  O  O   . ALA A 1 33  ? 7.728   -1.711  4.970   1.00 30.81  ? 33  ALA A O   1 
ATOM   250  C  CB  . ALA A 1 33  ? 10.813  -1.617  4.018   1.00 31.76  ? 33  ALA A CB  1 
ATOM   251  N  N   . ASP A 1 34  ? 8.852   -0.163  6.149   1.00 27.37  ? 34  ASP A N   1 
ATOM   252  C  CA  . ASP A 1 34  ? 7.728   0.749   6.182   1.00 30.38  ? 34  ASP A CA  1 
ATOM   253  C  C   . ASP A 1 34  ? 8.244   2.198   6.169   1.00 32.48  ? 34  ASP A C   1 
ATOM   254  O  O   . ASP A 1 34  ? 9.364   2.449   6.621   1.00 32.05  ? 34  ASP A O   1 
ATOM   255  C  CB  . ASP A 1 34  ? 6.893   0.503   7.431   1.00 31.69  ? 34  ASP A CB  1 
ATOM   256  C  CG  . ASP A 1 34  ? 7.585   0.963   8.691   1.00 31.68  ? 34  ASP A CG  1 
ATOM   257  O  OD1 . ASP A 1 34  ? 8.379   0.177   9.251   1.00 32.88  ? 34  ASP A OD1 1 
ATOM   258  O  OD2 . ASP A 1 34  ? 7.346   2.108   9.123   1.00 36.04  ? 34  ASP A OD2 1 
ATOM   259  N  N   . THR A 1 35  ? 7.441   3.156   5.695   1.00 31.46  ? 35  THR A N   1 
ATOM   260  C  CA  . THR A 1 35  ? 7.949   4.539   5.563   1.00 32.90  ? 35  THR A CA  1 
ATOM   261  C  C   . THR A 1 35  ? 6.789   5.497   5.417   1.00 31.01  ? 35  THR A C   1 
ATOM   262  O  O   . THR A 1 35  ? 5.688   5.078   5.104   1.00 31.21  ? 35  THR A O   1 
ATOM   263  C  CB  . THR A 1 35  ? 8.940   4.711   4.327   1.00 33.15  ? 35  THR A CB  1 
ATOM   264  O  OG1 . THR A 1 35  ? 9.330   6.070   4.195   1.00 33.77  ? 35  THR A OG1 1 
ATOM   265  C  CG2 . THR A 1 35  ? 8.269   4.302   3.011   1.00 26.38  ? 35  THR A CG2 1 
ATOM   266  N  N   . ASP A 1 36  ? 7.043   6.771   5.629   1.00 31.78  ? 36  ASP A N   1 
ATOM   267  C  CA  . ASP A 1 36  ? 6.031   7.801   5.438   1.00 33.56  ? 36  ASP A CA  1 
ATOM   268  C  C   . ASP A 1 36  ? 6.305   8.593   4.166   1.00 32.92  ? 36  ASP A C   1 
ATOM   269  O  O   . ASP A 1 36  ? 5.649   9.573   3.887   1.00 36.37  ? 36  ASP A O   1 
ATOM   270  C  CB  . ASP A 1 36  ? 5.954   8.722   6.647   1.00 34.25  ? 36  ASP A CB  1 
ATOM   271  C  CG  . ASP A 1 36  ? 7.240   9.509   6.885   1.00 53.30  ? 36  ASP A CG  1 
ATOM   272  O  OD1 . ASP A 1 36  ? 7.215   10.421  7.736   1.00 47.14  ? 36  ASP A OD1 1 
ATOM   273  O  OD2 . ASP A 1 36  ? 8.266   9.238   6.251   1.00 38.68  ? 36  ASP A OD2 1 
ATOM   274  N  N   . ASN A 1 37  ? 7.244   8.144   3.372   1.00 31.65  ? 37  ASN A N   1 
ATOM   275  C  CA  . ASN A 1 37  ? 7.660   8.928   2.186   1.00 31.71  ? 37  ASN A CA  1 
ATOM   276  C  C   . ASN A 1 37  ? 7.587   8.094   0.918   1.00 32.31  ? 37  ASN A C   1 
ATOM   277  O  O   . ASN A 1 37  ? 8.180   6.999   0.836   1.00 31.75  ? 37  ASN A O   1 
ATOM   278  C  CB  . ASN A 1 37  ? 9.077   9.484   2.405   1.00 29.45  ? 37  ASN A CB  1 
ATOM   279  C  CG  . ASN A 1 37  ? 9.545   10.366  1.266   1.00 25.84  ? 37  ASN A CG  1 
ATOM   280  O  OD1 . ASN A 1 37  ? 9.741   9.911   0.141   1.00 33.73  ? 37  ASN A OD1 1 
ATOM   281  N  ND2 . ASN A 1 37  ? 9.766   11.628  1.566   1.00 27.12  ? 37  ASN A ND2 1 
ATOM   282  N  N   . GLY A 1 38  ? 6.872   8.591   -0.093  1.00 32.20  ? 38  GLY A N   1 
ATOM   283  C  CA  . GLY A 1 38  ? 6.651   7.778   -1.305  1.00 28.62  ? 38  GLY A CA  1 
ATOM   284  C  C   . GLY A 1 38  ? 7.903   7.545   -2.156  1.00 29.14  ? 38  GLY A C   1 
ATOM   285  O  O   . GLY A 1 38  ? 8.029   6.512   -2.825  1.00 27.59  ? 38  GLY A O   1 
ATOM   286  N  N   . LEU A 1 39  ? 8.822   8.513   -2.162  1.00 30.25  ? 39  LEU A N   1 
ATOM   287  C  CA  . LEU A 1 39  ? 10.089  8.303   -2.845  1.00 29.83  ? 39  LEU A CA  1 
ATOM   288  C  C   . LEU A 1 39  ? 10.911  7.205   -2.160  1.00 28.89  ? 39  LEU A C   1 
ATOM   289  O  O   . LEU A 1 39  ? 11.505  6.320   -2.823  1.00 26.87  ? 39  LEU A O   1 
ATOM   290  C  CB  . LEU A 1 39  ? 10.903  9.587   -2.855  1.00 28.99  ? 39  LEU A CB  1 
ATOM   291  C  CG  . LEU A 1 39  ? 12.212  9.598   -3.628  1.00 37.87  ? 39  LEU A CG  1 
ATOM   292  C  CD1 . LEU A 1 39  ? 12.076  9.069   -5.062  1.00 32.36  ? 39  LEU A CD1 1 
ATOM   293  C  CD2 . LEU A 1 39  ? 12.757  11.039  -3.631  1.00 32.29  ? 39  LEU A CD2 1 
ATOM   294  N  N   . ASP A 1 40  ? 10.981  7.313   -0.841  1.00 29.19  ? 40  ASP A N   1 
ATOM   295  C  CA  . ASP A 1 40  ? 11.557  6.263   0.002   1.00 32.34  ? 40  ASP A CA  1 
ATOM   296  C  C   . ASP A 1 40  ? 10.946  4.886   -0.297  1.00 32.46  ? 40  ASP A C   1 
ATOM   297  O  O   . ASP A 1 40  ? 11.678  3.940   -0.598  1.00 31.82  ? 40  ASP A O   1 
ATOM   298  C  CB  . ASP A 1 40  ? 11.375  6.634   1.486   1.00 33.84  ? 40  ASP A CB  1 
ATOM   299  C  CG  . ASP A 1 40  ? 12.200  5.757   2.411   1.00 39.88  ? 40  ASP A CG  1 
ATOM   300  O  OD1 . ASP A 1 40  ? 13.213  5.234   1.927   1.00 39.90  ? 40  ASP A OD1 1 
ATOM   301  O  OD2 . ASP A 1 40  ? 11.832  5.572   3.611   1.00 41.68  ? 40  ASP A OD2 1 
ATOM   302  N  N   . ALA A 1 41  ? 9.608   4.793   -0.246  1.00 32.57  ? 41  ALA A N   1 
ATOM   303  C  CA  . ALA A 1 41  ? 8.884   3.568   -0.598  1.00 31.09  ? 41  ALA A CA  1 
ATOM   304  C  C   . ALA A 1 41  ? 9.316   3.020   -1.971  1.00 29.84  ? 41  ALA A C   1 
ATOM   305  O  O   . ALA A 1 41  ? 9.593   1.843   -2.095  1.00 30.63  ? 41  ALA A O   1 
ATOM   306  C  CB  . ALA A 1 41  ? 7.361   3.802   -0.584  1.00 29.63  ? 41  ALA A CB  1 
ATOM   307  N  N   . MET A 1 42  ? 9.361   3.866   -2.991  1.00 28.51  ? 42  MET A N   1 
ATOM   308  C  CA  . MET A 1 42  ? 9.699   3.412   -4.347  1.00 30.35  ? 42  MET A CA  1 
ATOM   309  C  C   . MET A 1 42  ? 11.078  2.765   -4.375  1.00 32.42  ? 42  MET A C   1 
ATOM   310  O  O   . MET A 1 42  ? 11.248  1.731   -5.001  1.00 32.21  ? 42  MET A O   1 
ATOM   311  C  CB  . MET A 1 42  ? 9.607   4.565   -5.357  1.00 31.34  ? 42  MET A CB  1 
ATOM   312  C  CG  . MET A 1 42  ? 9.596   4.172   -6.884  1.00 35.95  ? 42  MET A CG  1 
ATOM   313  S  SD  . MET A 1 42  ? 8.215   3.079   -7.387  1.00 28.00  ? 42  MET A SD  1 
ATOM   314  C  CE  . MET A 1 42  ? 9.093   1.569   -7.812  1.00 37.04  ? 42  MET A CE  1 
ATOM   315  N  N   . LYS A 1 43  ? 12.043  3.365   -3.656  1.00 32.66  ? 43  LYS A N   1 
ATOM   316  C  CA  . LYS A 1 43  ? 13.377  2.807   -3.543  1.00 35.53  ? 43  LYS A CA  1 
ATOM   317  C  C   . LYS A 1 43  ? 13.370  1.476   -2.781  1.00 35.80  ? 43  LYS A C   1 
ATOM   318  O  O   . LYS A 1 43  ? 13.961  0.505   -3.233  1.00 35.87  ? 43  LYS A O   1 
ATOM   319  C  CB  . LYS A 1 43  ? 14.379  3.803   -2.905  1.00 36.63  ? 43  LYS A CB  1 
ATOM   320  C  CG  . LYS A 1 43  ? 14.577  5.188   -3.595  1.00 70.80  ? 43  LYS A CG  1 
ATOM   321  C  CD  . LYS A 1 43  ? 14.476  5.222   -5.145  1.00 51.70  ? 43  LYS A CD  1 
ATOM   322  C  CE  . LYS A 1 43  ? 15.579  4.425   -5.906  1.00 76.71  ? 43  LYS A CE  1 
ATOM   323  N  NZ  . LYS A 1 43  ? 16.848  5.178   -6.254  1.00 60.10  ? 43  LYS A NZ  1 
ATOM   324  N  N   . LEU A 1 44  ? 12.695  1.430   -1.637  1.00 35.98  ? 44  LEU A N   1 
ATOM   325  C  CA  . LEU A 1 44  ? 12.532  0.181   -0.879  1.00 35.55  ? 44  LEU A CA  1 
ATOM   326  C  C   . LEU A 1 44  ? 11.889  -0.917  -1.744  1.00 35.00  ? 44  LEU A C   1 
ATOM   327  O  O   . LEU A 1 44  ? 12.353  -2.047  -1.773  1.00 35.33  ? 44  LEU A O   1 
ATOM   328  C  CB  . LEU A 1 44  ? 11.702  0.427   0.386   1.00 34.69  ? 44  LEU A CB  1 
ATOM   329  C  CG  . LEU A 1 44  ? 12.404  1.302   1.417   1.00 44.81  ? 44  LEU A CG  1 
ATOM   330  C  CD1 . LEU A 1 44  ? 11.418  1.991   2.332   1.00 32.48  ? 44  LEU A CD1 1 
ATOM   331  C  CD2 . LEU A 1 44  ? 13.385  0.461   2.205   1.00 34.49  ? 44  LEU A CD2 1 
ATOM   332  N  N   . ILE A 1 45  ? 10.827  -0.571  -2.448  1.00 34.04  ? 45  ILE A N   1 
ATOM   333  C  CA  . ILE A 1 45  ? 10.160  -1.511  -3.348  1.00 36.87  ? 45  ILE A CA  1 
ATOM   334  C  C   . ILE A 1 45  ? 11.124  -2.117  -4.388  1.00 39.60  ? 45  ILE A C   1 
ATOM   335  O  O   . ILE A 1 45  ? 11.164  -3.334  -4.568  1.00 40.52  ? 45  ILE A O   1 
ATOM   336  C  CB  . ILE A 1 45  ? 8.923   -0.831  -4.008  1.00 37.18  ? 45  ILE A CB  1 
ATOM   337  C  CG1 . ILE A 1 45  ? 7.837   -0.555  -2.956  1.00 37.69  ? 45  ILE A CG1 1 
ATOM   338  C  CG2 . ILE A 1 45  ? 8.326   -1.651  -5.169  1.00 37.79  ? 45  ILE A CG2 1 
ATOM   339  C  CD1 . ILE A 1 45  ? 6.784   0.464   -3.428  1.00 36.76  ? 45  ILE A CD1 1 
ATOM   340  N  N   . GLU A 1 46  ? 11.914  -1.281  -5.055  1.00 40.81  ? 46  GLU A N   1 
ATOM   341  C  CA  . GLU A 1 46  ? 12.888  -1.796  -6.032  1.00 42.35  ? 46  GLU A CA  1 
ATOM   342  C  C   . GLU A 1 46  ? 14.001  -2.616  -5.362  1.00 41.98  ? 46  GLU A C   1 
ATOM   343  O  O   . GLU A 1 46  ? 14.417  -3.641  -5.888  1.00 41.95  ? 46  GLU A O   1 
ATOM   344  C  CB  . GLU A 1 46  ? 13.484  -0.673  -6.891  1.00 42.36  ? 46  GLU A CB  1 
ATOM   345  C  CG  . GLU A 1 46  ? 12.473  -0.027  -7.798  1.00 64.95  ? 46  GLU A CG  1 
ATOM   346  C  CD  . GLU A 1 46  ? 12.974  1.263   -8.425  1.00 55.00  ? 46  GLU A CD  1 
ATOM   347  O  OE1 . GLU A 1 46  ? 12.601  1.519   -9.597  1.00 67.16  ? 46  GLU A OE1 1 
ATOM   348  O  OE2 . GLU A 1 46  ? 13.738  2.016   -7.756  1.00 69.12  ? 46  GLU A OE2 1 
ATOM   349  N  N   . GLU A 1 47  ? 14.465  -2.169  -4.203  1.00 41.72  ? 47  GLU A N   1 
ATOM   350  C  CA  . GLU A 1 47  ? 15.438  -2.930  -3.443  1.00 43.64  ? 47  GLU A CA  1 
ATOM   351  C  C   . GLU A 1 47  ? 14.900  -4.306  -3.010  1.00 44.38  ? 47  GLU A C   1 
ATOM   352  O  O   . GLU A 1 47  ? 15.591  -5.316  -3.219  1.00 43.83  ? 47  GLU A O   1 
ATOM   353  C  CB  . GLU A 1 47  ? 15.944  -2.144  -2.223  1.00 43.98  ? 47  GLU A CB  1 
ATOM   354  C  CG  . GLU A 1 47  ? 17.034  -2.860  -1.416  1.00 67.98  ? 47  GLU A CG  1 
ATOM   355  C  CD  . GLU A 1 47  ? 17.239  -2.286  -0.005  1.00 52.38  ? 47  GLU A CD  1 
ATOM   356  O  OE1 . GLU A 1 47  ? 18.120  -2.803  0.722   1.00 71.28  ? 47  GLU A OE1 1 
ATOM   357  O  OE2 . GLU A 1 47  ? 16.536  -1.322  0.387   1.00 71.58  ? 47  GLU A OE2 1 
ATOM   358  N  N   . TYR A 1 48  ? 13.695  -4.350  -2.416  1.00 43.29  ? 48  TYR A N   1 
ATOM   359  C  CA  . TYR A 1 48  ? 13.208  -5.586  -1.751  1.00 43.17  ? 48  TYR A CA  1 
ATOM   360  C  C   . TYR A 1 48  ? 12.262  -6.474  -2.570  1.00 43.31  ? 48  TYR A C   1 
ATOM   361  O  O   . TYR A 1 48  ? 12.041  -7.630  -2.196  1.00 43.42  ? 48  TYR A O   1 
ATOM   362  C  CB  . TYR A 1 48  ? 12.537  -5.288  -0.405  1.00 43.46  ? 48  TYR A CB  1 
ATOM   363  C  CG  . TYR A 1 48  ? 13.469  -4.852  0.690   1.00 49.64  ? 48  TYR A CG  1 
ATOM   364  C  CD1 . TYR A 1 48  ? 14.273  -5.784  1.364   1.00 50.59  ? 48  TYR A CD1 1 
ATOM   365  C  CD2 . TYR A 1 48  ? 13.542  -3.500  1.075   1.00 45.15  ? 48  TYR A CD2 1 
ATOM   366  C  CE1 . TYR A 1 48  ? 15.141  -5.376  2.381   1.00 51.95  ? 48  TYR A CE1 1 
ATOM   367  C  CE2 . TYR A 1 48  ? 14.394  -3.076  2.069   1.00 46.13  ? 48  TYR A CE2 1 
ATOM   368  C  CZ  . TYR A 1 48  ? 15.194  -4.016  2.738   1.00 56.75  ? 48  TYR A CZ  1 
ATOM   369  O  OH  . TYR A 1 48  ? 16.045  -3.600  3.747   1.00 51.96  ? 48  TYR A OH  1 
ATOM   370  N  N   . ASN A 1 49  ? 11.696  -5.942  -3.659  1.00 42.73  ? 49  ASN A N   1 
ATOM   371  C  CA  . ASN A 1 49  ? 10.616  -6.624  -4.409  1.00 41.17  ? 49  ASN A CA  1 
ATOM   372  C  C   . ASN A 1 49  ? 9.506   -7.331  -3.561  1.00 38.35  ? 49  ASN A C   1 
ATOM   373  O  O   . ASN A 1 49  ? 9.354   -8.557  -3.632  1.00 37.44  ? 49  ASN A O   1 
ATOM   374  C  CB  . ASN A 1 49  ? 11.247  -7.621  -5.378  1.00 41.40  ? 49  ASN A CB  1 
ATOM   375  C  CG  . ASN A 1 49  ? 12.315  -6.981  -6.225  1.00 77.45  ? 49  ASN A CG  1 
ATOM   376  O  OD1 . ASN A 1 49  ? 13.521  -7.104  -5.937  1.00 42.31  ? 49  ASN A OD1 1 
ATOM   377  N  ND2 . ASN A 1 49  ? 11.881  -6.250  -7.262  1.00 41.02  ? 49  ASN A ND2 1 
ATOM   378  N  N   . PRO A 1 50  ? 8.709   -6.580  -2.790  1.00 35.80  ? 50  PRO A N   1 
ATOM   379  C  CA  . PRO A 1 50  ? 7.725   -7.324  -1.985  1.00 32.59  ? 50  PRO A CA  1 
ATOM   380  C  C   . PRO A 1 50  ? 6.607   -7.886  -2.879  1.00 33.11  ? 50  PRO A C   1 
ATOM   381  O  O   . PRO A 1 50  ? 6.393   -7.392  -3.982  1.00 32.91  ? 50  PRO A O   1 
ATOM   382  C  CB  . PRO A 1 50  ? 7.150   -6.246  -1.044  1.00 30.91  ? 50  PRO A CB  1 
ATOM   383  C  CG  . PRO A 1 50  ? 7.275   -4.970  -1.850  1.00 32.33  ? 50  PRO A CG  1 
ATOM   384  C  CD  . PRO A 1 50  ? 8.570   -5.121  -2.637  1.00 36.60  ? 50  PRO A CD  1 
ATOM   385  N  N   . ASN A 1 51  ? 5.877   -8.887  -2.394  1.00 33.92  ? 51  ASN A N   1 
ATOM   386  C  CA  . ASN A 1 51  ? 4.721   -9.416  -3.122  1.00 32.67  ? 51  ASN A CA  1 
ATOM   387  C  C   . ASN A 1 51  ? 3.595   -8.352  -3.247  1.00 31.62  ? 51  ASN A C   1 
ATOM   388  O  O   . ASN A 1 51  ? 2.935   -8.199  -4.284  1.00 30.49  ? 51  ASN A O   1 
ATOM   389  C  CB  . ASN A 1 51  ? 4.221   -10.663 -2.395  1.00 32.39  ? 51  ASN A CB  1 
ATOM   390  C  CG  . ASN A 1 51  ? 5.293   -11.736 -2.275  1.00 44.59  ? 51  ASN A CG  1 
ATOM   391  O  OD1 . ASN A 1 51  ? 5.487   -12.338 -1.225  1.00 37.99  ? 51  ASN A OD1 1 
ATOM   392  N  ND2 . ASN A 1 51  ? 5.995   -11.971 -3.356  1.00 32.55  ? 51  ASN A ND2 1 
ATOM   393  N  N   . VAL A 1 52  ? 3.446   -7.562  -2.204  1.00 30.35  ? 52  VAL A N   1 
ATOM   394  C  CA  . VAL A 1 52  ? 2.316   -6.653  -2.082  1.00 31.02  ? 52  VAL A CA  1 
ATOM   395  C  C   . VAL A 1 52  ? 2.828   -5.363  -1.463  1.00 32.77  ? 52  VAL A C   1 
ATOM   396  O  O   . VAL A 1 52  ? 3.733   -5.375  -0.585  1.00 32.77  ? 52  VAL A O   1 
ATOM   397  C  CB  . VAL A 1 52  ? 1.216   -7.220  -1.069  1.00 29.53  ? 52  VAL A CB  1 
ATOM   398  C  CG1 . VAL A 1 52  ? 0.062   -6.225  -0.879  1.00 30.81  ? 52  VAL A CG1 1 
ATOM   399  C  CG2 . VAL A 1 52  ? 0.687   -8.602  -1.481  1.00 29.91  ? 52  VAL A CG2 1 
ATOM   400  N  N   . VAL A 1 53  ? 2.246   -4.252  -1.897  1.00 31.10  ? 53  VAL A N   1 
ATOM   401  C  CA  . VAL A 1 53  ? 2.490   -2.985  -1.203  1.00 30.05  ? 53  VAL A CA  1 
ATOM   402  C  C   . VAL A 1 53  ? 1.181   -2.327  -0.788  1.00 29.68  ? 53  VAL A C   1 
ATOM   403  O  O   . VAL A 1 53  ? 0.146   -2.413  -1.497  1.00 29.20  ? 53  VAL A O   1 
ATOM   404  C  CB  . VAL A 1 53  ? 3.385   -1.973  -1.996  1.00 29.72  ? 53  VAL A CB  1 
ATOM   405  C  CG1 . VAL A 1 53  ? 4.796   -2.520  -2.179  1.00 37.09  ? 53  VAL A CG1 1 
ATOM   406  C  CG2 . VAL A 1 53  ? 2.790   -1.619  -3.392  1.00 34.77  ? 53  VAL A CG2 1 
ATOM   407  N  N   . ILE A 1 54  ? 1.244   -1.641  0.357   1.00 27.79  ? 54  ILE A N   1 
ATOM   408  C  CA  . ILE A 1 54  ? 0.139   -0.831  0.853   1.00 29.34  ? 54  ILE A CA  1 
ATOM   409  C  C   . ILE A 1 54  ? 0.594   0.630   0.800   1.00 32.03  ? 54  ILE A C   1 
ATOM   410  O  O   . ILE A 1 54  ? 1.655   0.969   1.372   1.00 31.64  ? 54  ILE A O   1 
ATOM   411  C  CB  . ILE A 1 54  ? -0.209  -1.273  2.276   1.00 31.43  ? 54  ILE A CB  1 
ATOM   412  C  CG1 . ILE A 1 54  ? -0.514  -2.783  2.240   1.00 40.57  ? 54  ILE A CG1 1 
ATOM   413  C  CG2 . ILE A 1 54  ? -1.399  -0.602  2.773   1.00 40.18  ? 54  ILE A CG2 1 
ATOM   414  C  CD1 . ILE A 1 54  ? -0.855  -3.327  3.607   1.00 48.94  ? 54  ILE A CD1 1 
ATOM   415  N  N   . LEU A 1 55  ? -0.203  1.471   0.133   1.00 28.24  ? 55  LEU A N   1 
ATOM   416  C  CA  . LEU A 1 55  ? 0.232   2.822   -0.166  1.00 30.86  ? 55  LEU A CA  1 
ATOM   417  C  C   . LEU A 1 55  ? -0.867  3.793   0.240   1.00 32.39  ? 55  LEU A C   1 
ATOM   418  O  O   . LEU A 1 55  ? -2.037  3.648   -0.191  1.00 30.00  ? 55  LEU A O   1 
ATOM   419  C  CB  . LEU A 1 55  ? 0.464   2.962   -1.692  1.00 29.68  ? 55  LEU A CB  1 
ATOM   420  C  CG  . LEU A 1 55  ? 1.797   2.756   -2.414  1.00 53.16  ? 55  LEU A CG  1 
ATOM   421  C  CD1 . LEU A 1 55  ? 2.784   1.934   -1.672  1.00 38.40  ? 55  LEU A CD1 1 
ATOM   422  C  CD2 . LEU A 1 55  ? 1.575   2.202   -3.784  1.00 31.27  ? 55  LEU A CD2 1 
ATOM   423  N  N   . ASP A 1 56  ? -0.497  4.754   1.077   1.00 32.63  ? 56  ASP A N   1 
ATOM   424  C  CA  . ASP A 1 56  ? -1.331  5.933   1.338   1.00 32.90  ? 56  ASP A CA  1 
ATOM   425  C  C   . ASP A 1 56  ? -1.236  6.817   0.060   1.00 34.61  ? 56  ASP A C   1 
ATOM   426  O  O   . ASP A 1 56  ? -0.330  6.633   -0.734  1.00 35.52  ? 56  ASP A O   1 
ATOM   427  C  CB  . ASP A 1 56  ? -0.753  6.641   2.591   1.00 32.12  ? 56  ASP A CB  1 
ATOM   428  C  CG  . ASP A 1 56  ? -1.581  7.810   3.083   1.00 35.55  ? 56  ASP A CG  1 
ATOM   429  O  OD1 . ASP A 1 56  ? -2.778  7.985   2.676   1.00 39.47  ? 56  ASP A OD1 1 
ATOM   430  O  OD2 . ASP A 1 56  ? -1.007  8.591   3.875   1.00 37.25  ? 56  ASP A OD2 1 
ATOM   431  N  N   . ILE A 1 57  ? -2.175  7.737   -0.160  1.00 34.71  ? 57  ILE A N   1 
ATOM   432  C  CA  . ILE A 1 57  ? -2.079  8.623   -1.327  1.00 34.71  ? 57  ILE A CA  1 
ATOM   433  C  C   . ILE A 1 57  ? -1.205  9.815   -1.033  1.00 36.27  ? 57  ILE A C   1 
ATOM   434  O  O   . ILE A 1 57  ? -0.141  9.963   -1.590  1.00 38.25  ? 57  ILE A O   1 
ATOM   435  C  CB  . ILE A 1 57  ? -3.419  9.127   -1.797  1.00 34.19  ? 57  ILE A CB  1 
ATOM   436  C  CG1 . ILE A 1 57  ? -4.297  7.950   -2.211  1.00 41.04  ? 57  ILE A CG1 1 
ATOM   437  C  CG2 . ILE A 1 57  ? -3.217  10.153  -2.978  1.00 38.83  ? 57  ILE A CG2 1 
ATOM   438  C  CD1 . ILE A 1 57  ? -5.612  8.333   -2.912  1.00 32.22  ? 57  ILE A CD1 1 
ATOM   439  N  N   . GLU A 1 58  ? -1.624  10.682  -0.145  1.00 35.82  ? 58  GLU A N   1 
ATOM   440  C  CA  . GLU A 1 58  ? -0.925  11.931  -0.066  1.00 39.08  ? 58  GLU A CA  1 
ATOM   441  C  C   . GLU A 1 58  ? 0.271   11.814  0.874   1.00 38.51  ? 58  GLU A C   1 
ATOM   442  O  O   . GLU A 1 58  ? 0.093   11.783  2.079   1.00 40.22  ? 58  GLU A O   1 
ATOM   443  C  CB  . GLU A 1 58  ? -1.904  12.991  0.413   1.00 42.00  ? 58  GLU A CB  1 
ATOM   444  C  CG  . GLU A 1 58  ? -1.416  14.408  0.354   1.00 64.23  ? 58  GLU A CG  1 
ATOM   445  C  CD  . GLU A 1 58  ? -2.588  15.321  0.605   1.00 62.61  ? 58  GLU A CD  1 
ATOM   446  O  OE1 . GLU A 1 58  ? -3.707  14.905  0.202   1.00 62.46  ? 58  GLU A OE1 1 
ATOM   447  O  OE2 . GLU A 1 58  ? -2.404  16.410  1.212   1.00 68.55  ? 58  GLU A OE2 1 
ATOM   448  N  N   . MET A 1 59  ? 1.474   11.722  0.309   1.00 37.57  ? 59  MET A N   1 
ATOM   449  C  CA  . MET A 1 59  ? 2.723   11.511  1.073   1.00 35.54  ? 59  MET A CA  1 
ATOM   450  C  C   . MET A 1 59  ? 3.753   12.432  0.464   1.00 36.02  ? 59  MET A C   1 
ATOM   451  O  O   . MET A 1 59  ? 3.621   12.849  -0.715  1.00 37.21  ? 59  MET A O   1 
ATOM   452  C  CB  . MET A 1 59  ? 3.253   10.062  0.985   1.00 34.51  ? 59  MET A CB  1 
ATOM   453  C  CG  . MET A 1 59  ? 2.449   8.948   1.604   1.00 37.96  ? 59  MET A CG  1 
ATOM   454  S  SD  . MET A 1 59  ? 3.264   7.303   1.498   1.00 25.76  ? 59  MET A SD  1 
ATOM   455  C  CE  . MET A 1 59  ? 3.266   6.888   -0.247  1.00 33.36  ? 59  MET A CE  1 
ATOM   456  N  N   . PRO A 1 60  ? 4.776   12.810  1.263   1.00 34.51  ? 60  PRO A N   1 
ATOM   457  C  CA  . PRO A 1 60  ? 5.851   13.628  0.664   1.00 34.52  ? 60  PRO A CA  1 
ATOM   458  C  C   . PRO A 1 60  ? 6.683   12.785  -0.313  1.00 33.40  ? 60  PRO A C   1 
ATOM   459  O  O   . PRO A 1 60  ? 6.602   11.562  -0.252  1.00 33.53  ? 60  PRO A O   1 
ATOM   460  C  CB  . PRO A 1 60  ? 6.680   14.078  1.891   1.00 35.45  ? 60  PRO A CB  1 
ATOM   461  C  CG  . PRO A 1 60  ? 6.336   13.056  3.016   1.00 36.89  ? 60  PRO A CG  1 
ATOM   462  C  CD  . PRO A 1 60  ? 4.936   12.591  2.717   1.00 32.13  ? 60  PRO A CD  1 
ATOM   463  N  N   . GLY A 1 61  ? 7.440   13.416  -1.212  1.00 33.50  ? 61  GLY A N   1 
ATOM   464  C  CA  . GLY A 1 61  ? 8.333   12.689  -2.125  1.00 33.26  ? 61  GLY A CA  1 
ATOM   465  C  C   . GLY A 1 61  ? 7.603   12.203  -3.378  1.00 34.62  ? 61  GLY A C   1 
ATOM   466  O  O   . GLY A 1 61  ? 7.837   12.725  -4.465  1.00 35.26  ? 61  GLY A O   1 
ATOM   467  N  N   . MET A 1 62  ? 6.728   11.215  -3.203  1.00 33.29  ? 62  MET A N   1 
ATOM   468  C  CA  . MET A 1 62  ? 5.843   10.690  -4.244  1.00 33.39  ? 62  MET A CA  1 
ATOM   469  C  C   . MET A 1 62  ? 4.551   10.296  -3.538  1.00 34.53  ? 62  MET A C   1 
ATOM   470  O  O   . MET A 1 62  ? 4.602   9.722   -2.455  1.00 37.01  ? 62  MET A O   1 
ATOM   471  C  CB  . MET A 1 62  ? 6.451   9.424   -4.902  1.00 31.36  ? 62  MET A CB  1 
ATOM   472  C  CG  . MET A 1 62  ? 7.618   9.713   -5.932  1.00 33.09  ? 62  MET A CG  1 
ATOM   473  S  SD  . MET A 1 62  ? 8.423   8.187   -6.578  1.00 26.42  ? 62  MET A SD  1 
ATOM   474  C  CE  . MET A 1 62  ? 7.189   7.647   -7.759  1.00 28.00  ? 62  MET A CE  1 
ATOM   475  N  N   . THR A 1 63  ? 3.397   10.615  -4.134  1.00 32.11  ? 63  THR A N   1 
ATOM   476  C  CA  . THR A 1 63  ? 2.112   10.171  -3.631  1.00 30.57  ? 63  THR A CA  1 
ATOM   477  C  C   . THR A 1 63  ? 2.039   8.702   -3.934  1.00 29.10  ? 63  THR A C   1 
ATOM   478  O  O   . THR A 1 63  ? 2.824   8.184   -4.762  1.00 28.22  ? 63  THR A O   1 
ATOM   479  C  CB  . THR A 1 63  ? 0.938   10.865  -4.367  1.00 32.72  ? 63  THR A CB  1 
ATOM   480  O  OG1 . THR A 1 63  ? 0.915   10.420  -5.729  1.00 33.79  ? 63  THR A OG1 1 
ATOM   481  C  CG2 . THR A 1 63  ? 1.063   12.472  -4.303  1.00 28.94  ? 63  THR A CG2 1 
ATOM   482  N  N   . GLY A 1 64  ? 1.110   8.014   -3.279  1.00 28.71  ? 64  GLY A N   1 
ATOM   483  C  CA  . GLY A 1 64  ? 0.867   6.592   -3.542  1.00 29.58  ? 64  GLY A CA  1 
ATOM   484  C  C   . GLY A 1 64  ? 0.467   6.326   -4.986  1.00 30.12  ? 64  GLY A C   1 
ATOM   485  O  O   . GLY A 1 64  ? 0.816   5.271   -5.575  1.00 29.99  ? 64  GLY A O   1 
ATOM   486  N  N   . LEU A 1 65  ? -0.248  7.286   -5.575  1.00 30.56  ? 65  LEU A N   1 
ATOM   487  C  CA  . LEU A 1 65  ? -0.669  7.181   -6.965  1.00 31.40  ? 65  LEU A CA  1 
ATOM   488  C  C   . LEU A 1 65  ? 0.501   7.286   -7.949  1.00 32.49  ? 65  LEU A C   1 
ATOM   489  O  O   . LEU A 1 65  ? 0.533   6.559   -8.940  1.00 34.61  ? 65  LEU A O   1 
ATOM   490  C  CB  . LEU A 1 65  ? -1.754  8.227   -7.282  1.00 32.45  ? 65  LEU A CB  1 
ATOM   491  C  CG  . LEU A 1 65  ? -3.146  8.154   -6.590  1.00 39.71  ? 65  LEU A CG  1 
ATOM   492  C  CD1 . LEU A 1 65  ? -3.976  9.469   -6.817  1.00 37.26  ? 65  LEU A CD1 1 
ATOM   493  C  CD2 . LEU A 1 65  ? -3.953  6.899   -7.024  1.00 36.38  ? 65  LEU A CD2 1 
ATOM   494  N  N   . GLU A 1 66  ? 1.439   8.198   -7.705  1.00 31.05  ? 66  GLU A N   1 
ATOM   495  C  CA  . GLU A 1 66  ? 2.702   8.220   -8.463  1.00 30.90  ? 66  GLU A CA  1 
ATOM   496  C  C   . GLU A 1 66  ? 3.555   6.937   -8.271  1.00 30.32  ? 66  GLU A C   1 
ATOM   497  O  O   . GLU A 1 66  ? 4.180   6.455   -9.196  1.00 31.09  ? 66  GLU A O   1 
ATOM   498  C  CB  . GLU A 1 66  ? 3.515   9.447   -8.076  1.00 31.50  ? 66  GLU A CB  1 
ATOM   499  C  CG  . GLU A 1 66  ? 2.826   10.735  -8.464  1.00 39.95  ? 66  GLU A CG  1 
ATOM   500  C  CD  . GLU A 1 66  ? 3.454   11.961  -7.847  1.00 33.08  ? 66  GLU A CD  1 
ATOM   501  O  OE1 . GLU A 1 66  ? 3.838   11.974  -6.645  1.00 44.87  ? 66  GLU A OE1 1 
ATOM   502  O  OE2 . GLU A 1 66  ? 3.545   12.958  -8.592  1.00 52.04  ? 66  GLU A OE2 1 
ATOM   503  N  N   . VAL A 1 67  ? 3.604   6.411   -7.056  1.00 29.71  ? 67  VAL A N   1 
ATOM   504  C  CA  . VAL A 1 67  ? 4.303   5.143   -6.818  1.00 29.92  ? 67  VAL A CA  1 
ATOM   505  C  C   . VAL A 1 67  ? 3.590   4.009   -7.610  1.00 30.46  ? 67  VAL A C   1 
ATOM   506  O  O   . VAL A 1 67  ? 4.234   3.239   -8.298  1.00 29.98  ? 67  VAL A O   1 
ATOM   507  C  CB  . VAL A 1 67  ? 4.364   4.796   -5.316  1.00 30.62  ? 67  VAL A CB  1 
ATOM   508  C  CG1 . VAL A 1 67  ? 4.944   3.374   -5.076  1.00 26.53  ? 67  VAL A CG1 1 
ATOM   509  C  CG2 . VAL A 1 67  ? 5.209   5.852   -4.537  1.00 24.43  ? 67  VAL A CG2 1 
ATOM   510  N  N   . LEU A 1 68  ? 2.264   3.917   -7.504  1.00 30.79  ? 68  LEU A N   1 
ATOM   511  C  CA  . LEU A 1 68  ? 1.500   2.929   -8.279  1.00 29.20  ? 68  LEU A CA  1 
ATOM   512  C  C   . LEU A 1 68  ? 1.800   3.081   -9.767  1.00 29.72  ? 68  LEU A C   1 
ATOM   513  O  O   . LEU A 1 68  ? 2.113   2.093   -10.448 1.00 31.44  ? 68  LEU A O   1 
ATOM   514  C  CB  . LEU A 1 68  ? -0.014  3.090   -8.010  1.00 28.50  ? 68  LEU A CB  1 
ATOM   515  C  CG  . LEU A 1 68  ? -0.999  2.467   -9.030  1.00 28.37  ? 68  LEU A CG  1 
ATOM   516  C  CD1 . LEU A 1 68  ? -0.883  0.940   -9.012  1.00 22.95  ? 68  LEU A CD1 1 
ATOM   517  C  CD2 . LEU A 1 68  ? -2.409  2.864   -8.667  1.00 23.99  ? 68  LEU A CD2 1 
ATOM   518  N  N   . ALA A 1 69  ? 1.743   4.310   -10.274 1.00 29.08  ? 69  ALA A N   1 
ATOM   519  C  CA  . ALA A 1 69  ? 2.019   4.519   -11.694 1.00 31.73  ? 69  ALA A CA  1 
ATOM   520  C  C   . ALA A 1 69  ? 3.396   4.001   -12.081 1.00 32.69  ? 69  ALA A C   1 
ATOM   521  O  O   . ALA A 1 69  ? 3.552   3.398   -13.146 1.00 30.99  ? 69  ALA A O   1 
ATOM   522  C  CB  . ALA A 1 69  ? 1.844   5.996   -12.117 1.00 31.25  ? 69  ALA A CB  1 
ATOM   523  N  N   . GLU A 1 70  ? 4.396   4.213   -11.214 1.00 32.11  ? 70  GLU A N   1 
ATOM   524  C  CA  . GLU A 1 70  ? 5.758   3.811   -11.591 1.00 32.52  ? 70  GLU A CA  1 
ATOM   525  C  C   . GLU A 1 70  ? 5.926   2.302   -11.564 1.00 31.50  ? 70  GLU A C   1 
ATOM   526  O  O   . GLU A 1 70  ? 6.615   1.738   -12.416 1.00 30.32  ? 70  GLU A O   1 
ATOM   527  C  CB  . GLU A 1 70  ? 6.824   4.464   -10.700 1.00 33.69  ? 70  GLU A CB  1 
ATOM   528  C  CG  . GLU A 1 70  ? 8.206   4.402   -11.315 1.00 69.92  ? 70  GLU A CG  1 
ATOM   529  C  CD  . GLU A 1 70  ? 9.241   5.091   -10.465 1.00 50.86  ? 70  GLU A CD  1 
ATOM   530  O  OE1 . GLU A 1 70  ? 8.913   6.134   -9.845  1.00 72.58  ? 70  GLU A OE1 1 
ATOM   531  O  OE2 . GLU A 1 70  ? 10.392  4.595   -10.417 1.00 74.59  ? 70  GLU A OE2 1 
ATOM   532  N  N   . ILE A 1 71  ? 5.315   1.649   -10.575 1.00 31.59  ? 71  ILE A N   1 
ATOM   533  C  CA  . ILE A 1 71  ? 5.330   0.166   -10.494 1.00 31.52  ? 71  ILE A CA  1 
ATOM   534  C  C   . ILE A 1 71  ? 4.714   -0.425  -11.772 1.00 33.82  ? 71  ILE A C   1 
ATOM   535  O  O   . ILE A 1 71  ? 5.195   -1.463  -12.307 1.00 34.43  ? 71  ILE A O   1 
ATOM   536  C  CB  . ILE A 1 71  ? 4.530   -0.296  -9.247  1.00 31.78  ? 71  ILE A CB  1 
ATOM   537  C  CG1 . ILE A 1 71  ? 5.263   0.109   -7.982  1.00 29.15  ? 71  ILE A CG1 1 
ATOM   538  C  CG2 . ILE A 1 71  ? 4.291   -1.850  -9.208  1.00 32.71  ? 71  ILE A CG2 1 
ATOM   539  C  CD1 . ILE A 1 71  ? 4.390   -0.036  -6.732  1.00 30.17  ? 71  ILE A CD1 1 
ATOM   540  N  N   . ARG A 1 72  ? 3.659   0.223   -12.272 1.00 33.53  ? 72  ARG A N   1 
ATOM   541  C  CA  . ARG A 1 72  ? 3.001   -0.300  -13.478 1.00 35.43  ? 72  ARG A CA  1 
ATOM   542  C  C   . ARG A 1 72  ? 3.826   -0.006  -14.729 1.00 36.55  ? 72  ARG A C   1 
ATOM   543  O  O   . ARG A 1 72  ? 4.012   -0.892  -15.525 1.00 36.73  ? 72  ARG A O   1 
ATOM   544  C  CB  . ARG A 1 72  ? 1.568   0.207   -13.629 1.00 34.67  ? 72  ARG A CB  1 
ATOM   545  C  CG  . ARG A 1 72  ? 0.672   -0.245  -12.487 1.00 32.00  ? 72  ARG A CG  1 
ATOM   546  C  CD  . ARG A 1 72  ? 0.451   -1.738  -12.410 1.00 32.02  ? 72  ARG A CD  1 
ATOM   547  N  NE  . ARG A 1 72  ? -0.537  -2.092  -11.388 1.00 35.72  ? 72  ARG A NE  1 
ATOM   548  C  CZ  . ARG A 1 72  ? -0.331  -2.976  -10.415 1.00 31.32  ? 72  ARG A CZ  1 
ATOM   549  N  NH1 . ARG A 1 72  ? -1.292  -3.211  -9.530  1.00 33.00  ? 72  ARG A NH1 1 
ATOM   550  N  NH2 . ARG A 1 72  ? 0.832   -3.635  -10.332 1.00 35.32  ? 72  ARG A NH2 1 
ATOM   551  N  N   . LYS A 1 73  ? 4.366   1.207   -14.862 1.00 38.60  ? 73  LYS A N   1 
ATOM   552  C  CA  . LYS A 1 73  ? 5.240   1.540   -15.995 1.00 40.30  ? 73  LYS A CA  1 
ATOM   553  C  C   . LYS A 1 73  ? 6.347   0.495   -16.117 1.00 40.00  ? 73  LYS A C   1 
ATOM   554  O  O   . LYS A 1 73  ? 6.683   0.069   -17.219 1.00 41.46  ? 73  LYS A O   1 
ATOM   555  C  CB  . LYS A 1 73  ? 5.842   2.959   -15.869 1.00 42.39  ? 73  LYS A CB  1 
ATOM   556  C  CG  . LYS A 1 73  ? 4.814   4.134   -15.882 1.00 85.13  ? 73  LYS A CG  1 
ATOM   557  C  CD  . LYS A 1 73  ? 4.246   4.525   -17.285 1.00 58.23  ? 73  LYS A CD  1 
ATOM   558  C  CE  . LYS A 1 73  ? 3.177   5.662   -17.168 1.00 86.64  ? 73  LYS A CE  1 
ATOM   559  N  NZ  . LYS A 1 73  ? 2.440   6.057   -18.444 1.00 58.00  ? 73  LYS A NZ  1 
ATOM   560  N  N   . LYS A 1 74  ? 6.877   0.045   -14.986 1.00 38.06  ? 74  LYS A N   1 
ATOM   561  C  CA  . LYS A 1 74  ? 8.004   -0.884  -14.991 1.00 36.72  ? 74  LYS A CA  1 
ATOM   562  C  C   . LYS A 1 74  ? 7.604   -2.339  -14.977 1.00 36.14  ? 74  LYS A C   1 
ATOM   563  O  O   . LYS A 1 74  ? 8.467   -3.206  -14.887 1.00 36.35  ? 74  LYS A O   1 
ATOM   564  C  CB  . LYS A 1 74  ? 8.904   -0.647  -13.789 1.00 36.40  ? 74  LYS A CB  1 
ATOM   565  C  CG  . LYS A 1 74  ? 9.555   0.702   -13.744 1.00 54.10  ? 74  LYS A CG  1 
ATOM   566  C  CD  . LYS A 1 74  ? 10.450  0.737   -12.540 1.00 45.75  ? 74  LYS A CD  1 
ATOM   567  C  CE  . LYS A 1 74  ? 11.650  1.637   -12.766 1.00 57.32  ? 74  LYS A CE  1 
ATOM   568  N  NZ  . LYS A 1 74  ? 11.571  2.804   -11.851 1.00 51.77  ? 74  LYS A NZ  1 
ATOM   569  N  N   . HIS A 1 75  ? 6.304   -2.611  -14.997 1.00 36.41  ? 75  HIS A N   1 
ATOM   570  C  CA  . HIS A 1 75  ? 5.801   -3.995  -15.027 1.00 37.43  ? 75  HIS A CA  1 
ATOM   571  C  C   . HIS A 1 75  ? 6.292   -4.885  -13.890 1.00 38.02  ? 75  HIS A C   1 
ATOM   572  O  O   . HIS A 1 75  ? 6.573   -6.061  -14.103 1.00 39.53  ? 75  HIS A O   1 
ATOM   573  C  CB  . HIS A 1 75  ? 6.129   -4.647  -16.382 1.00 35.98  ? 75  HIS A CB  1 
ATOM   574  C  CG  . HIS A 1 75  ? 5.418   -3.993  -17.515 1.00 34.26  ? 75  HIS A CG  1 
ATOM   575  N  ND1 . HIS A 1 75  ? 4.052   -4.093  -17.680 1.00 33.32  ? 75  HIS A ND1 1 
ATOM   576  C  CD2 . HIS A 1 75  ? 5.864   -3.185  -18.507 1.00 37.24  ? 75  HIS A CD2 1 
ATOM   577  C  CE1 . HIS A 1 75  ? 3.689   -3.392  -18.735 1.00 34.82  ? 75  HIS A CE1 1 
ATOM   578  N  NE2 . HIS A 1 75  ? 4.771   -2.848  -19.271 1.00 33.76  ? 75  HIS A NE2 1 
ATOM   579  N  N   . LEU A 1 76  ? 6.403   -4.321  -12.698 1.00 36.36  ? 76  LEU A N   1 
ATOM   580  C  CA  . LEU A 1 76  ? 6.837   -5.079  -11.556 1.00 36.84  ? 76  LEU A CA  1 
ATOM   581  C  C   . LEU A 1 76  ? 5.745   -6.030  -11.113 1.00 37.62  ? 76  LEU A C   1 
ATOM   582  O  O   . LEU A 1 76  ? 4.558   -5.703  -11.163 1.00 38.16  ? 76  LEU A O   1 
ATOM   583  C  CB  . LEU A 1 76  ? 7.206   -4.140  -10.417 1.00 36.56  ? 76  LEU A CB  1 
ATOM   584  C  CG  . LEU A 1 76  ? 8.305   -3.117  -10.692 1.00 38.67  ? 76  LEU A CG  1 
ATOM   585  C  CD1 . LEU A 1 76  ? 8.627   -2.335  -9.399  1.00 36.08  ? 76  LEU A CD1 1 
ATOM   586  C  CD2 . LEU A 1 76  ? 9.546   -3.800  -11.319 1.00 37.25  ? 76  LEU A CD2 1 
ATOM   587  N  N   . ASN A 1 77  ? 6.167   -7.214  -10.696 1.00 37.55  ? 77  ASN A N   1 
ATOM   588  C  CA  . ASN A 1 77  ? 5.280   -8.254  -10.221 1.00 38.94  ? 77  ASN A CA  1 
ATOM   589  C  C   . ASN A 1 77  ? 4.824   -8.007  -8.755  1.00 37.69  ? 77  ASN A C   1 
ATOM   590  O  O   . ASN A 1 77  ? 5.237   -8.696  -7.822  1.00 37.67  ? 77  ASN A O   1 
ATOM   591  C  CB  . ASN A 1 77  ? 5.997   -9.596  -10.357 1.00 41.09  ? 77  ASN A CB  1 
ATOM   592  C  CG  . ASN A 1 77  ? 5.082   -10.747 -10.161 1.00 51.33  ? 77  ASN A CG  1 
ATOM   593  O  OD1 . ASN A 1 77  ? 3.905   -10.675 -10.505 1.00 51.97  ? 77  ASN A OD1 1 
ATOM   594  N  ND2 . ASN A 1 77  ? 5.600   -11.827 -9.598  1.00 47.22  ? 77  ASN A ND2 1 
ATOM   595  N  N   . ILE A 1 78  ? 3.974   -7.010  -8.575  1.00 35.64  ? 78  ILE A N   1 
ATOM   596  C  CA  . ILE A 1 78  ? 3.669   -6.490  -7.241  1.00 35.35  ? 78  ILE A CA  1 
ATOM   597  C  C   . ILE A 1 78  ? 2.204   -6.141  -7.205  1.00 33.37  ? 78  ILE A C   1 
ATOM   598  O  O   . ILE A 1 78  ? 1.747   -5.410  -8.077  1.00 32.76  ? 78  ILE A O   1 
ATOM   599  C  CB  . ILE A 1 78  ? 4.486   -5.204  -6.878  1.00 35.35  ? 78  ILE A CB  1 
ATOM   600  C  CG1 . ILE A 1 78  ? 5.983   -5.455  -7.078  1.00 41.89  ? 78  ILE A CG1 1 
ATOM   601  C  CG2 . ILE A 1 78  ? 4.160   -4.728  -5.363  1.00 30.87  ? 78  ILE A CG2 1 
ATOM   602  C  CD1 . ILE A 1 78  ? 6.928   -4.332  -6.572  1.00 35.03  ? 78  ILE A CD1 1 
ATOM   603  N  N   . LYS A 1 79  ? 1.484   -6.679  -6.216  1.00 33.27  ? 79  LYS A N   1 
ATOM   604  C  CA  . LYS A 1 79  ? 0.093   -6.283  -5.965  1.00 32.72  ? 79  LYS A CA  1 
ATOM   605  C  C   . LYS A 1 79  ? 0.076   -4.948  -5.202  1.00 31.63  ? 79  LYS A C   1 
ATOM   606  O  O   . LYS A 1 79  ? 0.917   -4.704  -4.307  1.00 30.37  ? 79  LYS A O   1 
ATOM   607  C  CB  . LYS A 1 79  ? -0.661  -7.367  -5.199  1.00 34.55  ? 79  LYS A CB  1 
ATOM   608  C  CG  . LYS A 1 79  ? -0.591  -8.774  -5.819  1.00 34.88  ? 79  LYS A CG  1 
ATOM   609  C  CD  . LYS A 1 79  ? -1.274  -8.764  -7.135  1.00 42.23  ? 79  LYS A CD  1 
ATOM   610  C  CE  . LYS A 1 79  ? -1.527  -10.181 -7.633  1.00 41.82  ? 79  LYS A CE  1 
ATOM   611  N  NZ  . LYS A 1 79  ? -2.005  -10.062 -9.028  1.00 51.42  ? 79  LYS A NZ  1 
ATOM   612  N  N   . VAL A 1 80  ? -0.833  -4.055  -5.570  1.00 30.86  ? 80  VAL A N   1 
ATOM   613  C  CA  . VAL A 1 80  ? -0.774  -2.722  -4.970  1.00 32.77  ? 80  VAL A CA  1 
ATOM   614  C  C   . VAL A 1 80  ? -2.133  -2.395  -4.399  1.00 32.57  ? 80  VAL A C   1 
ATOM   615  O  O   . VAL A 1 80  ? -3.146  -2.382  -5.138  1.00 32.70  ? 80  VAL A O   1 
ATOM   616  C  CB  . VAL A 1 80  ? -0.365  -1.601  -6.005  1.00 34.00  ? 80  VAL A CB  1 
ATOM   617  C  CG1 . VAL A 1 80  ? -0.375  -0.244  -5.334  1.00 30.66  ? 80  VAL A CG1 1 
ATOM   618  C  CG2 . VAL A 1 80  ? 0.989   -1.897  -6.707  1.00 28.12  ? 80  VAL A CG2 1 
ATOM   619  N  N   . ILE A 1 81  ? -2.154  -2.087  -3.106  1.00 30.52  ? 81  ILE A N   1 
ATOM   620  C  CA  . ILE A 1 81  ? -3.376  -1.652  -2.454  1.00 29.97  ? 81  ILE A CA  1 
ATOM   621  C  C   . ILE A 1 81  ? -3.191  -0.215  -1.968  1.00 30.54  ? 81  ILE A C   1 
ATOM   622  O  O   . ILE A 1 81  ? -2.255  0.058   -1.212  1.00 32.32  ? 81  ILE A O   1 
ATOM   623  C  CB  . ILE A 1 81  ? -3.700  -2.590  -1.279  1.00 32.56  ? 81  ILE A CB  1 
ATOM   624  C  CG1 . ILE A 1 81  ? -3.993  -3.988  -1.874  1.00 35.65  ? 81  ILE A CG1 1 
ATOM   625  C  CG2 . ILE A 1 81  ? -4.906  -2.008  -0.472  1.00 29.82  ? 81  ILE A CG2 1 
ATOM   626  C  CD1 . ILE A 1 81  ? -3.529  -5.096  -1.079  1.00 44.65  ? 81  ILE A CD1 1 
ATOM   627  N  N   . ILE A 1 82  ? -4.060  0.684   -2.415  1.00 28.44  ? 82  ILE A N   1 
ATOM   628  C  CA  . ILE A 1 82  ? -4.123  2.012   -1.871  1.00 30.05  ? 82  ILE A CA  1 
ATOM   629  C  C   . ILE A 1 82  ? -5.075  2.031   -0.676  1.00 32.76  ? 82  ILE A C   1 
ATOM   630  O  O   . ILE A 1 82  ? -6.147  1.435   -0.723  1.00 31.55  ? 82  ILE A O   1 
ATOM   631  C  CB  . ILE A 1 82  ? -4.526  3.013   -2.937  1.00 33.32  ? 82  ILE A CB  1 
ATOM   632  C  CG1 . ILE A 1 82  ? -3.459  3.015   -4.050  1.00 33.42  ? 82  ILE A CG1 1 
ATOM   633  C  CG2 . ILE A 1 82  ? -4.871  4.395   -2.351  1.00 33.61  ? 82  ILE A CG2 1 
ATOM   634  C  CD1 . ILE A 1 82  ? -3.060  4.315   -4.560  1.00 43.70  ? 82  ILE A CD1 1 
ATOM   635  N  N   . VAL A 1 83  ? -4.665  2.704   0.406   1.00 33.34  ? 83  VAL A N   1 
ATOM   636  C  CA  . VAL A 1 83  ? -5.453  2.741   1.644   1.00 34.76  ? 83  VAL A CA  1 
ATOM   637  C  C   . VAL A 1 83  ? -5.455  4.185   2.039   1.00 37.63  ? 83  VAL A C   1 
ATOM   638  O  O   . VAL A 1 83  ? -4.384  4.710   2.323   1.00 41.74  ? 83  VAL A O   1 
ATOM   639  C  CB  . VAL A 1 83  ? -4.755  1.890   2.763   1.00 35.02  ? 83  VAL A CB  1 
ATOM   640  C  CG1 . VAL A 1 83  ? -5.488  1.992   4.087   1.00 42.77  ? 83  VAL A CG1 1 
ATOM   641  C  CG2 . VAL A 1 83  ? -4.729  0.511   2.373   1.00 30.96  ? 83  VAL A CG2 1 
ATOM   642  N  N   . THR A 1 84  ? -6.622  4.848   2.037   1.00 35.01  ? 84  THR A N   1 
ATOM   643  C  CA  . THR A 1 84  ? -6.684  6.299   2.190   1.00 35.30  ? 84  THR A CA  1 
ATOM   644  C  C   . THR A 1 84  ? -7.924  6.740   2.960   1.00 37.04  ? 84  THR A C   1 
ATOM   645  O  O   . THR A 1 84  ? -8.926  6.013   2.988   1.00 36.69  ? 84  THR A O   1 
ATOM   646  C  CB  . THR A 1 84  ? -6.679  7.005   0.782   1.00 38.27  ? 84  THR A CB  1 
ATOM   647  O  OG1 . THR A 1 84  ? -6.582  8.430   0.935   1.00 41.15  ? 84  THR A OG1 1 
ATOM   648  C  CG2 . THR A 1 84  ? -7.973  6.637   -0.036  1.00 33.40  ? 84  THR A CG2 1 
ATOM   649  N  N   . THR A 1 85  ? -7.874  7.931   3.569   1.00 38.28  ? 85  THR A N   1 
ATOM   650  C  CA  . THR A 1 85  ? -9.106  8.610   4.023   1.00 42.48  ? 85  THR A CA  1 
ATOM   651  C  C   . THR A 1 85  ? -9.931  9.250   2.877   1.00 47.75  ? 85  THR A C   1 
ATOM   652  O  O   . THR A 1 85  ? -11.114 9.528   3.048   1.00 48.42  ? 85  THR A O   1 
ATOM   653  C  CB  . THR A 1 85  ? -8.808  9.712   5.044   1.00 40.80  ? 85  THR A CB  1 
ATOM   654  O  OG1 . THR A 1 85  ? -7.928  10.668  4.435   1.00 47.04  ? 85  THR A OG1 1 
ATOM   655  C  CG2 . THR A 1 85  ? -8.102  9.158   6.229   1.00 43.53  ? 85  THR A CG2 1 
ATOM   656  N  N   . PHE A 1 86  ? -9.337  9.468   1.708   1.00 52.46  ? 86  PHE A N   1 
ATOM   657  C  CA  . PHE A 1 86  ? -10.020 10.323  0.714   1.00 57.67  ? 86  PHE A CA  1 
ATOM   658  C  C   . PHE A 1 86  ? -11.248 9.699   0.059   1.00 59.95  ? 86  PHE A C   1 
ATOM   659  O  O   . PHE A 1 86  ? -11.147 8.694   -0.684  1.00 60.40  ? 86  PHE A O   1 
ATOM   660  C  CB  . PHE A 1 86  ? -9.069  10.856  -0.381  1.00 59.59  ? 86  PHE A CB  1 
ATOM   661  C  CG  . PHE A 1 86  ? -7.932  11.702  0.146   1.00 78.49  ? 86  PHE A CG  1 
ATOM   662  C  CD1 . PHE A 1 86  ? -6.753  11.850  -0.598  1.00 63.98  ? 86  PHE A CD1 1 
ATOM   663  C  CD2 . PHE A 1 86  ? -8.030  12.343  1.384   1.00 63.14  ? 86  PHE A CD2 1 
ATOM   664  C  CE1 . PHE A 1 86  ? -5.700  12.629  -0.117  1.00 78.07  ? 86  PHE A CE1 1 
ATOM   665  C  CE2 . PHE A 1 86  ? -6.976  13.107  1.877   1.00 76.70  ? 86  PHE A CE2 1 
ATOM   666  C  CZ  . PHE A 1 86  ? -5.814  13.248  1.136   1.00 61.66  ? 86  PHE A CZ  1 
ATOM   667  N  N   . LYS A 1 87  ? -12.394 10.322  0.313   1.00 60.92  ? 87  LYS A N   1 
ATOM   668  C  CA  . LYS A 1 87  ? -13.620 9.966   -0.369  1.00 62.61  ? 87  LYS A CA  1 
ATOM   669  C  C   . LYS A 1 87  ? -13.734 10.644  -1.752  1.00 63.57  ? 87  LYS A C   1 
ATOM   670  O  O   . LYS A 1 87  ? -14.476 10.147  -2.605  1.00 63.25  ? 87  LYS A O   1 
ATOM   671  C  CB  . LYS A 1 87  ? -14.828 10.304  0.501   1.00 63.56  ? 87  LYS A CB  1 
ATOM   672  C  CG  . LYS A 1 87  ? -14.956 9.445   1.745   1.00 76.16  ? 87  LYS A CG  1 
ATOM   673  C  CD  . LYS A 1 87  ? -15.551 8.088   1.412   1.00 72.58  ? 87  LYS A CD  1 
ATOM   674  C  CE  . LYS A 1 87  ? -17.065 8.135   1.222   1.00 78.80  ? 87  LYS A CE  1 
ATOM   675  N  NZ  . LYS A 1 87  ? -17.754 8.398   2.518   1.00 76.70  ? 87  LYS A NZ  1 
ATOM   676  N  N   . ARG A 1 88  ? -13.016 11.756  -1.976  1.00 64.43  ? 88  ARG A N   1 
ATOM   677  C  CA  . ARG A 1 88  ? -12.994 12.428  -3.307  1.00 65.09  ? 88  ARG A CA  1 
ATOM   678  C  C   . ARG A 1 88  ? -12.970 11.476  -4.507  1.00 63.22  ? 88  ARG A C   1 
ATOM   679  O  O   . ARG A 1 88  ? -12.089 10.607  -4.593  1.00 61.80  ? 88  ARG A O   1 
ATOM   680  C  CB  . ARG A 1 88  ? -11.835 13.430  -3.437  1.00 67.42  ? 88  ARG A CB  1 
ATOM   681  C  CG  . ARG A 1 88  ? -12.283 14.914  -3.532  1.00 99.83  ? 88  ARG A CG  1 
ATOM   682  C  CD  . ARG A 1 88  ? -11.533 15.818  -2.528  1.00 82.97  ? 88  ARG A CD  1 
ATOM   683  N  NE  . ARG A 1 88  ? -11.853 15.483  -1.127  1.00 101.75 ? 88  ARG A NE  1 
ATOM   684  C  CZ  . ARG A 1 88  ? -11.219 14.567  -0.383  1.00 87.89  ? 88  ARG A CZ  1 
ATOM   685  N  NH1 . ARG A 1 88  ? -10.202 13.874  -0.882  1.00 98.88  ? 88  ARG A NH1 1 
ATOM   686  N  NH2 . ARG A 1 88  ? -11.609 14.344  0.867   1.00 98.73  ? 88  ARG A NH2 1 
ATOM   687  N  N   . PRO A 1 89  ? -13.935 11.654  -5.446  1.00 62.88  ? 89  PRO A N   1 
ATOM   688  C  CA  . PRO A 1 89  ? -14.083 10.842  -6.669  1.00 60.08  ? 89  PRO A CA  1 
ATOM   689  C  C   . PRO A 1 89  ? -12.820 10.814  -7.558  1.00 56.08  ? 89  PRO A C   1 
ATOM   690  O  O   . PRO A 1 89  ? -12.519 9.778   -8.164  1.00 56.60  ? 89  PRO A O   1 
ATOM   691  C  CB  . PRO A 1 89  ? -15.233 11.554  -7.414  1.00 61.32  ? 89  PRO A CB  1 
ATOM   692  C  CG  . PRO A 1 89  ? -15.260 12.981  -6.836  1.00 58.93  ? 89  PRO A CG  1 
ATOM   693  C  CD  . PRO A 1 89  ? -14.960 12.720  -5.387  1.00 63.54  ? 89  PRO A CD  1 
ATOM   694  N  N   . GLY A 1 90  ? -12.101 11.941  -7.629  1.00 51.65  ? 90  GLY A N   1 
ATOM   695  C  CA  . GLY A 1 90  ? -10.892 12.060  -8.443  1.00 47.61  ? 90  GLY A CA  1 
ATOM   696  C  C   . GLY A 1 90  ? -9.824  11.028  -8.107  1.00 44.66  ? 90  GLY A C   1 
ATOM   697  O  O   . GLY A 1 90  ? -9.189  10.471  -9.014  1.00 43.87  ? 90  GLY A O   1 
ATOM   698  N  N   . TYR A 1 91  ? -9.632  10.759  -6.811  1.00 41.35  ? 91  TYR A N   1 
ATOM   699  C  CA  . TYR A 1 91  ? -8.569  9.865   -6.369  1.00 41.18  ? 91  TYR A CA  1 
ATOM   700  C  C   . TYR A 1 91  ? -8.851  8.408   -6.711  1.00 37.69  ? 91  TYR A C   1 
ATOM   701  O  O   . TYR A 1 91  ? -7.947  7.652   -7.053  1.00 37.14  ? 91  TYR A O   1 
ATOM   702  C  CB  . TYR A 1 91  ? -8.326  9.992   -4.867  1.00 43.71  ? 91  TYR A CB  1 
ATOM   703  C  CG  . TYR A 1 91  ? -7.739  11.311  -4.438  1.00 72.56  ? 91  TYR A CG  1 
ATOM   704  C  CD1 . TYR A 1 91  ? -6.387  11.584  -4.610  1.00 57.15  ? 91  TYR A CD1 1 
ATOM   705  C  CD2 . TYR A 1 91  ? -8.540  12.291  -3.849  1.00 59.83  ? 91  TYR A CD2 1 
ATOM   706  C  CE1 . TYR A 1 91  ? -5.829  12.800  -4.211  1.00 75.29  ? 91  TYR A CE1 1 
ATOM   707  C  CE2 . TYR A 1 91  ? -7.999  13.520  -3.446  1.00 78.30  ? 91  TYR A CE2 1 
ATOM   708  C  CZ  . TYR A 1 91  ? -6.637  13.758  -3.625  1.00 65.05  ? 91  TYR A CZ  1 
ATOM   709  O  OH  . TYR A 1 91  ? -6.108  14.964  -3.215  1.00 80.09  ? 91  TYR A OH  1 
ATOM   710  N  N   . PHE A 1 92  ? -10.099 7.999   -6.572  1.00 34.65  ? 92  PHE A N   1 
ATOM   711  C  CA  . PHE A 1 92  ? -10.433 6.648   -6.876  1.00 33.37  ? 92  PHE A CA  1 
ATOM   712  C  C   . PHE A 1 92  ? -10.302 6.393   -8.402  1.00 29.94  ? 92  PHE A C   1 
ATOM   713  O  O   . PHE A 1 92  ? -9.831  5.345   -8.830  1.00 28.37  ? 92  PHE A O   1 
ATOM   714  C  CB  . PHE A 1 92  ? -11.859 6.357   -6.416  1.00 35.75  ? 92  PHE A CB  1 
ATOM   715  C  CG  . PHE A 1 92  ? -12.312 4.969   -6.728  1.00 46.41  ? 92  PHE A CG  1 
ATOM   716  C  CD1 . PHE A 1 92  ? -11.637 3.875   -6.218  1.00 45.96  ? 92  PHE A CD1 1 
ATOM   717  C  CD2 . PHE A 1 92  ? -13.384 4.752   -7.575  1.00 51.80  ? 92  PHE A CD2 1 
ATOM   718  C  CE1 . PHE A 1 92  ? -12.042 2.571   -6.493  1.00 49.68  ? 92  PHE A CE1 1 
ATOM   719  C  CE2 . PHE A 1 92  ? -13.792 3.446   -7.873  1.00 53.87  ? 92  PHE A CE2 1 
ATOM   720  C  CZ  . PHE A 1 92  ? -13.112 2.356   -7.308  1.00 50.90  ? 92  PHE A CZ  1 
ATOM   721  N  N   . GLU A 1 93  ? -10.729 7.350   -9.202  1.00 27.28  ? 93  GLU A N   1 
ATOM   722  C  CA  . GLU A 1 93  ? -10.599 7.202   -10.636 1.00 27.51  ? 93  GLU A CA  1 
ATOM   723  C  C   . GLU A 1 93  ? -9.121  7.144   -11.041 1.00 28.24  ? 93  GLU A C   1 
ATOM   724  O  O   . GLU A 1 93  ? -8.773  6.394   -11.956 1.00 28.44  ? 93  GLU A O   1 
ATOM   725  C  CB  . GLU A 1 93  ? -11.313 8.356   -11.374 1.00 26.86  ? 93  GLU A CB  1 
ATOM   726  C  CG  . GLU A 1 93  ? -12.763 8.484   -11.015 1.00 53.83  ? 93  GLU A CG  1 
ATOM   727  C  CD  . GLU A 1 93  ? -13.359 9.842   -11.409 1.00 48.61  ? 93  GLU A CD  1 
ATOM   728  O  OE1 . GLU A 1 93  ? -14.429 10.185  -10.847 1.00 64.03  ? 93  GLU A OE1 1 
ATOM   729  O  OE2 . GLU A 1 93  ? -12.791 10.565  -12.280 1.00 57.93  ? 93  GLU A OE2 1 
ATOM   730  N  N   . LYS A 1 94  ? -8.260  7.936   -10.390 1.00 29.43  ? 94  LYS A N   1 
ATOM   731  C  CA  . LYS A 1 94  ? -6.808  7.913   -10.703 1.00 30.77  ? 94  LYS A CA  1 
ATOM   732  C  C   . LYS A 1 94  ? -6.185  6.548   -10.325 1.00 28.53  ? 94  LYS A C   1 
ATOM   733  O  O   . LYS A 1 94  ? -5.343  6.030   -11.025 1.00 29.44  ? 94  LYS A O   1 
ATOM   734  C  CB  . LYS A 1 94  ? -6.045  9.063   -10.019 1.00 32.22  ? 94  LYS A CB  1 
ATOM   735  C  CG  . LYS A 1 94  ? -5.765  10.265  -10.888 1.00 51.90  ? 94  LYS A CG  1 
ATOM   736  C  CD  . LYS A 1 94  ? -5.054  11.342  -10.086 1.00 44.50  ? 94  LYS A CD  1 
ATOM   737  C  CE  . LYS A 1 94  ? -6.014  12.509  -9.766  1.00 60.54  ? 94  LYS A CE  1 
ATOM   738  N  NZ  . LYS A 1 94  ? -5.826  13.152  -8.403  1.00 54.38  ? 94  LYS A NZ  1 
ATOM   739  N  N   . ALA A 1 95  ? -6.640  5.956   -9.239  1.00 26.41  ? 95  ALA A N   1 
ATOM   740  C  CA  . ALA A 1 95  ? -6.140  4.629   -8.818  1.00 26.73  ? 95  ALA A CA  1 
ATOM   741  C  C   . ALA A 1 95  ? -6.570  3.574   -9.835  1.00 27.42  ? 95  ALA A C   1 
ATOM   742  O  O   . ALA A 1 95  ? -5.782  2.730   -10.204 1.00 27.08  ? 95  ALA A O   1 
ATOM   743  C  CB  . ALA A 1 95  ? -6.682  4.290   -7.463  1.00 24.54  ? 95  ALA A CB  1 
ATOM   744  N  N   . VAL A 1 96  ? -7.818  3.666   -10.310 1.00 28.13  ? 96  VAL A N   1 
ATOM   745  C  CA  . VAL A 1 96  ? -8.391  2.646   -11.178 1.00 27.82  ? 96  VAL A CA  1 
ATOM   746  C  C   . VAL A 1 96  ? -7.675  2.712   -12.528 1.00 26.85  ? 96  VAL A C   1 
ATOM   747  O  O   . VAL A 1 96  ? -7.203  1.701   -13.022 1.00 28.23  ? 96  VAL A O   1 
ATOM   748  C  CB  . VAL A 1 96  ? -9.912  2.833   -11.322 1.00 28.52  ? 96  VAL A CB  1 
ATOM   749  C  CG1 . VAL A 1 96  ? -10.506 1.955   -12.470 1.00 26.83  ? 96  VAL A CG1 1 
ATOM   750  C  CG2 . VAL A 1 96  ? -10.608 2.514   -9.944  1.00 29.76  ? 96  VAL A CG2 1 
ATOM   751  N  N   . VAL A 1 97  ? -7.553  3.911   -13.088 1.00 24.63  ? 97  VAL A N   1 
ATOM   752  C  CA  . VAL A 1 97  ? -6.941  4.101   -14.416 1.00 21.85  ? 97  VAL A CA  1 
ATOM   753  C  C   . VAL A 1 97  ? -5.482  3.580   -14.372 1.00 24.18  ? 97  VAL A C   1 
ATOM   754  O  O   . VAL A 1 97  ? -4.977  3.058   -15.348 1.00 25.11  ? 97  VAL A O   1 
ATOM   755  C  CB  . VAL A 1 97  ? -7.048  5.568   -14.951 1.00 18.83  ? 97  VAL A CB  1 
ATOM   756  C  CG1 . VAL A 1 97  ? -6.134  6.542   -14.193 1.00 23.54  ? 97  VAL A CG1 1 
ATOM   757  C  CG2 . VAL A 1 97  ? -6.614  5.624   -16.419 1.00 20.39  ? 97  VAL A CG2 1 
ATOM   758  N  N   . ASN A 1 98  ? -4.850  3.676   -13.202 1.00 27.10  ? 98  ASN A N   1 
ATOM   759  C  CA  . ASN A 1 98  ? -3.484  3.176   -13.016 1.00 28.59  ? 98  ASN A CA  1 
ATOM   760  C  C   . ASN A 1 98  ? -3.393  1.738   -12.604 1.00 29.66  ? 98  ASN A C   1 
ATOM   761  O  O   . ASN A 1 98  ? -2.360  1.320   -12.116 1.00 31.49  ? 98  ASN A O   1 
ATOM   762  C  CB  . ASN A 1 98  ? -2.774  4.055   -11.992 1.00 26.89  ? 98  ASN A CB  1 
ATOM   763  C  CG  . ASN A 1 98  ? -2.247  5.327   -12.633 1.00 39.18  ? 98  ASN A CG  1 
ATOM   764  O  OD1 . ASN A 1 98  ? -1.293  5.269   -13.399 1.00 34.82  ? 98  ASN A OD1 1 
ATOM   765  N  ND2 . ASN A 1 98  ? -2.890  6.465   -12.365 1.00 28.52  ? 98  ASN A ND2 1 
ATOM   766  N  N   . ASP A 1 99  ? -4.486  1.007   -12.748 1.00 29.21  ? 99  ASP A N   1 
ATOM   767  C  CA  . ASP A 1 99  ? -4.503  -0.430  -12.502 1.00 31.69  ? 99  ASP A CA  1 
ATOM   768  C  C   . ASP A 1 99  ? -4.155  -0.856  -11.042 1.00 33.35  ? 99  ASP A C   1 
ATOM   769  O  O   . ASP A 1 99  ? -3.385  -1.829  -10.807 1.00 34.45  ? 99  ASP A O   1 
ATOM   770  C  CB  . ASP A 1 99  ? -3.585  -1.130  -13.508 1.00 32.19  ? 99  ASP A CB  1 
ATOM   771  C  CG  . ASP A 1 99  ? -3.715  -2.646  -13.467 1.00 44.63  ? 99  ASP A CG  1 
ATOM   772  O  OD1 . ASP A 1 99  ? -2.701  -3.327  -13.747 1.00 36.54  ? 99  ASP A OD1 1 
ATOM   773  O  OD2 . ASP A 1 99  ? -4.817  -3.153  -13.136 1.00 35.02  ? 99  ASP A OD2 1 
ATOM   774  N  N   . VAL A 1 100 ? -4.727  -0.151  -10.070 1.00 31.60  ? 100 VAL A N   1 
ATOM   775  C  CA  . VAL A 1 100 ? -4.554  -0.503  -8.649  1.00 31.39  ? 100 VAL A CA  1 
ATOM   776  C  C   . VAL A 1 100 ? -5.213  -1.885  -8.414  1.00 32.32  ? 100 VAL A C   1 
ATOM   777  O  O   . VAL A 1 100 ? -6.206  -2.203  -9.051  1.00 31.89  ? 100 VAL A O   1 
ATOM   778  C  CB  . VAL A 1 100 ? -5.186  0.577   -7.713  1.00 30.85  ? 100 VAL A CB  1 
ATOM   779  C  CG1 . VAL A 1 100 ? -6.711  0.472   -7.709  1.00 25.39  ? 100 VAL A CG1 1 
ATOM   780  C  CG2 . VAL A 1 100 ? -4.565  0.506   -6.269  1.00 26.81  ? 100 VAL A CG2 1 
ATOM   781  N  N   . ASP A 1 101 ? -4.669  -2.716  -7.531  1.00 30.68  ? 101 ASP A N   1 
ATOM   782  C  CA  . ASP A 1 101 ? -5.355  -3.986  -7.274  1.00 32.08  ? 101 ASP A CA  1 
ATOM   783  C  C   . ASP A 1 101 ? -6.539  -3.845  -6.312  1.00 32.24  ? 101 ASP A C   1 
ATOM   784  O  O   . ASP A 1 101 ? -7.566  -4.523  -6.478  1.00 30.65  ? 101 ASP A O   1 
ATOM   785  C  CB  . ASP A 1 101 ? -4.365  -5.036  -6.795  1.00 32.99  ? 101 ASP A CB  1 
ATOM   786  C  CG  . ASP A 1 101 ? -3.347  -5.347  -7.857  1.00 33.63  ? 101 ASP A CG  1 
ATOM   787  O  OD1 . ASP A 1 101 ? -3.777  -5.808  -8.912  1.00 33.49  ? 101 ASP A OD1 1 
ATOM   788  O  OD2 . ASP A 1 101 ? -2.154  -5.054  -7.682  1.00 35.88  ? 101 ASP A OD2 1 
ATOM   789  N  N   . ALA A 1 102 ? -6.413  -2.960  -5.327  1.00 31.24  ? 102 ALA A N   1 
ATOM   790  C  CA  . ALA A 1 102 ? -7.550  -2.663  -4.474  1.00 30.90  ? 102 ALA A CA  1 
ATOM   791  C  C   . ALA A 1 102 ? -7.459  -1.238  -3.935  1.00 31.87  ? 102 ALA A C   1 
ATOM   792  O  O   . ALA A 1 102 ? -6.367  -0.705  -3.725  1.00 32.70  ? 102 ALA A O   1 
ATOM   793  C  CB  . ALA A 1 102 ? -7.675  -3.693  -3.326  1.00 29.16  ? 102 ALA A CB  1 
ATOM   794  N  N   . TYR A 1 103 ? -8.612  -0.614  -3.712  1.00 31.20  ? 103 TYR A N   1 
ATOM   795  C  CA  . TYR A 1 103 ? -8.666  0.723   -3.150  1.00 31.51  ? 103 TYR A CA  1 
ATOM   796  C  C   . TYR A 1 103 ? -9.440  0.583   -1.833  1.00 31.90  ? 103 TYR A C   1 
ATOM   797  O  O   . TYR A 1 103 ? -10.599 0.233   -1.839  1.00 31.03  ? 103 TYR A O   1 
ATOM   798  C  CB  . TYR A 1 103 ? -9.433  1.615   -4.109  1.00 31.26  ? 103 TYR A CB  1 
ATOM   799  C  CG  . TYR A 1 103 ? -9.351  3.096   -3.812  1.00 39.95  ? 103 TYR A CG  1 
ATOM   800  C  CD1 . TYR A 1 103 ? -8.302  3.875   -4.319  1.00 35.35  ? 103 TYR A CD1 1 
ATOM   801  C  CD2 . TYR A 1 103 ? -10.341 3.734   -3.063  1.00 38.72  ? 103 TYR A CD2 1 
ATOM   802  C  CE1 . TYR A 1 103 ? -8.245  5.251   -4.091  1.00 35.93  ? 103 TYR A CE1 1 
ATOM   803  C  CE2 . TYR A 1 103 ? -10.274 5.098   -2.810  1.00 35.04  ? 103 TYR A CE2 1 
ATOM   804  C  CZ  . TYR A 1 103 ? -9.228  5.831   -3.322  1.00 36.88  ? 103 TYR A CZ  1 
ATOM   805  O  OH  . TYR A 1 103 ? -9.178  7.156   -3.106  1.00 40.35  ? 103 TYR A OH  1 
ATOM   806  N  N   . VAL A 1 104 ? -8.805  0.838   -0.709  1.00 31.79  ? 104 VAL A N   1 
ATOM   807  C  CA  . VAL A 1 104 ? -9.454  0.603   0.575   1.00 32.35  ? 104 VAL A CA  1 
ATOM   808  C  C   . VAL A 1 104 ? -9.544  1.903   1.370   1.00 34.10  ? 104 VAL A C   1 
ATOM   809  O  O   . VAL A 1 104 ? -8.517  2.579   1.618   1.00 34.12  ? 104 VAL A O   1 
ATOM   810  C  CB  . VAL A 1 104 ? -8.673  -0.474  1.362   1.00 32.76  ? 104 VAL A CB  1 
ATOM   811  C  CG1 . VAL A 1 104 ? -9.238  -0.668  2.796   1.00 28.70  ? 104 VAL A CG1 1 
ATOM   812  C  CG2 . VAL A 1 104 ? -8.727  -1.789  0.592   1.00 30.06  ? 104 VAL A CG2 1 
ATOM   813  N  N   . LEU A 1 105 ? -10.761 2.252   1.778   1.00 32.68  ? 105 LEU A N   1 
ATOM   814  C  CA  . LEU A 1 105 ? -10.960 3.430   2.625   1.00 31.77  ? 105 LEU A CA  1 
ATOM   815  C  C   . LEU A 1 105 ? -10.616 3.115   4.065   1.00 30.30  ? 105 LEU A C   1 
ATOM   816  O  O   . LEU A 1 105 ? -10.879 2.012   4.527   1.00 31.14  ? 105 LEU A O   1 
ATOM   817  C  CB  . LEU A 1 105 ? -12.433 3.830   2.589   1.00 33.47  ? 105 LEU A CB  1 
ATOM   818  C  CG  . LEU A 1 105 ? -13.000 5.036   1.861   1.00 50.95  ? 105 LEU A CG  1 
ATOM   819  C  CD1 . LEU A 1 105 ? -12.327 5.320   0.567   1.00 33.25  ? 105 LEU A CD1 1 
ATOM   820  C  CD2 . LEU A 1 105 ? -14.484 4.783   1.663   1.00 35.95  ? 105 LEU A CD2 1 
ATOM   821  N  N   . LYS A 1 106 ? -10.116 4.111   4.804   1.00 29.33  ? 106 LYS A N   1 
ATOM   822  C  CA  . LYS A 1 106 ? -9.831  3.912   6.244   1.00 29.67  ? 106 LYS A CA  1 
ATOM   823  C  C   . LYS A 1 106 ? -11.078 3.848   7.115   1.00 28.94  ? 106 LYS A C   1 
ATOM   824  O  O   . LYS A 1 106 ? -10.953 3.782   8.334   1.00 29.11  ? 106 LYS A O   1 
ATOM   825  C  CB  . LYS A 1 106 ? -8.815  4.952   6.752   1.00 27.95  ? 106 LYS A CB  1 
ATOM   826  C  CG  . LYS A 1 106 ? -7.494  4.775   5.965   1.00 29.24  ? 106 LYS A CG  1 
ATOM   827  C  CD  . LYS A 1 106 ? -6.418  5.729   6.429   1.00 32.63  ? 106 LYS A CD  1 
ATOM   828  C  CE  . LYS A 1 106 ? -5.122  5.553   5.657   1.00 31.41  ? 106 LYS A CE  1 
ATOM   829  N  NZ  . LYS A 1 106 ? -4.233  6.730   6.000   1.00 28.96  ? 106 LYS A NZ  1 
ATOM   830  N  N   . GLU A 1 107 ? -12.271 3.861   6.479   1.00 27.24  ? 107 GLU A N   1 
ATOM   831  C  CA  . GLU A 1 107 ? -13.511 3.373   7.108   1.00 29.08  ? 107 GLU A CA  1 
ATOM   832  C  C   . GLU A 1 107 ? -13.519 1.876   7.453   1.00 31.03  ? 107 GLU A C   1 
ATOM   833  O  O   . GLU A 1 107 ? -14.324 1.417   8.277   1.00 30.37  ? 107 GLU A O   1 
ATOM   834  C  CB  . GLU A 1 107 ? -14.718 3.657   6.201   1.00 30.33  ? 107 GLU A CB  1 
ATOM   835  C  CG  . GLU A 1 107 ? -15.300 5.042   6.443   1.00 71.75  ? 107 GLU A CG  1 
ATOM   836  C  CD  . GLU A 1 107 ? -16.377 5.420   5.432   1.00 54.64  ? 107 GLU A CD  1 
ATOM   837  O  OE1 . GLU A 1 107 ? -16.849 6.573   5.503   1.00 75.92  ? 107 GLU A OE1 1 
ATOM   838  O  OE2 . GLU A 1 107 ? -16.754 4.572   4.580   1.00 73.09  ? 107 GLU A OE2 1 
ATOM   839  N  N   . ARG A 1 108 ? -12.627 1.124   6.808   1.00 32.77  ? 108 ARG A N   1 
ATOM   840  C  CA  . ARG A 1 108 ? -12.490 -0.328  6.977   1.00 32.89  ? 108 ARG A CA  1 
ATOM   841  C  C   . ARG A 1 108 ? -11.508 -0.579  8.076   1.00 33.54  ? 108 ARG A C   1 
ATOM   842  O  O   . ARG A 1 108 ? -10.612 0.244   8.294   1.00 32.01  ? 108 ARG A O   1 
ATOM   843  C  CB  . ARG A 1 108 ? -11.912 -0.952  5.672   1.00 34.90  ? 108 ARG A CB  1 
ATOM   844  C  CG  . ARG A 1 108 ? -12.717 -0.642  4.393   1.00 37.62  ? 108 ARG A CG  1 
ATOM   845  C  CD  . ARG A 1 108 ? -13.934 -1.576  4.229   1.00 40.03  ? 108 ARG A CD  1 
ATOM   846  N  NE  . ARG A 1 108 ? -15.011 -1.162  5.103   1.00 60.49  ? 108 ARG A NE  1 
ATOM   847  C  CZ  . ARG A 1 108 ? -15.833 -0.131  4.873   1.00 58.11  ? 108 ARG A CZ  1 
ATOM   848  N  NH1 . ARG A 1 108 ? -16.783 0.141   5.770   1.00 68.35  ? 108 ARG A NH1 1 
ATOM   849  N  NH2 . ARG A 1 108 ? -15.712 0.636   3.771   1.00 68.91  ? 108 ARG A NH2 1 
ATOM   850  N  N   . SER A 1 109 ? -11.639 -1.718  8.755   1.00 34.50  ? 109 SER A N   1 
ATOM   851  C  CA  . SER A 1 109 ? -10.661 -2.129  9.762   1.00 34.98  ? 109 SER A CA  1 
ATOM   852  C  C   . SER A 1 109 ? -9.440  -2.776  9.120   1.00 35.03  ? 109 SER A C   1 
ATOM   853  O  O   . SER A 1 109 ? -9.466  -3.133  7.938   1.00 33.64  ? 109 SER A O   1 
ATOM   854  C  CB  . SER A 1 109 ? -11.295 -3.163  10.695  1.00 38.49  ? 109 SER A CB  1 
ATOM   855  O  OG  . SER A 1 109 ? -11.622 -4.342  9.963   1.00 40.17  ? 109 SER A OG  1 
ATOM   856  N  N   . ILE A 1 110 ? -8.376  -2.963  9.913   1.00 35.49  ? 110 ILE A N   1 
ATOM   857  C  CA  . ILE A 1 110 ? -7.189  -3.706  9.476   1.00 36.49  ? 110 ILE A CA  1 
ATOM   858  C  C   . ILE A 1 110 ? -7.546  -5.185  9.136   1.00 35.50  ? 110 ILE A C   1 
ATOM   859  O  O   . ILE A 1 110 ? -7.064  -5.736  8.131   1.00 37.18  ? 110 ILE A O   1 
ATOM   860  C  CB  . ILE A 1 110 ? -5.964  -3.515  10.468  1.00 38.04  ? 110 ILE A CB  1 
ATOM   861  C  CG1 . ILE A 1 110 ? -5.428  -2.077  10.301  1.00 36.45  ? 110 ILE A CG1 1 
ATOM   862  C  CG2 . ILE A 1 110 ? -4.852  -4.609  10.222  1.00 28.78  ? 110 ILE A CG2 1 
ATOM   863  C  CD1 . ILE A 1 110 ? -4.327  -1.630  11.271  1.00 36.40  ? 110 ILE A CD1 1 
ATOM   864  N  N   . GLU A 1 111 ? -8.449  -5.768  9.895   1.00 35.41  ? 111 GLU A N   1 
ATOM   865  C  CA  . GLU A 1 111 ? -9.026  -7.109  9.585   1.00 36.52  ? 111 GLU A CA  1 
ATOM   866  C  C   . GLU A 1 111 ? -9.602  -7.166  8.174   1.00 34.85  ? 111 GLU A C   1 
ATOM   867  O  O   . GLU A 1 111 ? -9.323  -8.100  7.423   1.00 34.84  ? 111 GLU A O   1 
ATOM   868  C  CB  . GLU A 1 111 ? -10.195 -7.465  10.523  1.00 38.93  ? 111 GLU A CB  1 
ATOM   869  C  CG  . GLU A 1 111 ? -9.844  -7.720  11.949  1.00 49.70  ? 111 GLU A CG  1 
ATOM   870  C  CD  . GLU A 1 111 ? -9.747  -6.443  12.826  1.00 55.23  ? 111 GLU A CD  1 
ATOM   871  O  OE1 . GLU A 1 111 ? -9.338  -5.328  12.353  1.00 44.85  ? 111 GLU A OE1 1 
ATOM   872  O  OE2 . GLU A 1 111 ? -10.087 -6.580  14.031  1.00 48.38  ? 111 GLU A OE2 1 
ATOM   873  N  N   . GLU A 1 112 ? -10.445 -6.186  7.818   1.00 34.51  ? 112 GLU A N   1 
ATOM   874  C  CA  . GLU A 1 112 ? -10.971 -6.090  6.422   1.00 33.59  ? 112 GLU A CA  1 
ATOM   875  C  C   . GLU A 1 112 ? -9.846  -5.844  5.398   1.00 31.48  ? 112 GLU A C   1 
ATOM   876  O  O   . GLU A 1 112 ? -9.803  -6.426  4.314   1.00 31.94  ? 112 GLU A O   1 
ATOM   877  C  CB  . GLU A 1 112 ? -12.047 -5.011  6.368   1.00 34.31  ? 112 GLU A CB  1 
ATOM   878  C  CG  . GLU A 1 112 ? -13.281 -5.420  7.225   1.00 49.56  ? 112 GLU A CG  1 
ATOM   879  C  CD  . GLU A 1 112 ? -14.303 -4.303  7.451   1.00 42.35  ? 112 GLU A CD  1 
ATOM   880  O  OE1 . GLU A 1 112 ? -13.920 -3.128  7.607   1.00 44.76  ? 112 GLU A OE1 1 
ATOM   881  O  OE2 . GLU A 1 112 ? -15.517 -4.610  7.485   1.00 56.72  ? 112 GLU A OE2 1 
ATOM   882  N  N   . LEU A 1 113 ? -8.892  -5.008  5.776   1.00 29.81  ? 113 LEU A N   1 
ATOM   883  C  CA  . LEU A 1 113 ? -7.772  -4.777  4.883   1.00 30.50  ? 113 LEU A CA  1 
ATOM   884  C  C   . LEU A 1 113 ? -7.008  -6.093  4.626   1.00 30.36  ? 113 LEU A C   1 
ATOM   885  O  O   . LEU A 1 113 ? -6.665  -6.398  3.485   1.00 31.02  ? 113 LEU A O   1 
ATOM   886  C  CB  . LEU A 1 113 ? -6.867  -3.655  5.434   1.00 29.76  ? 113 LEU A CB  1 
ATOM   887  C  CG  . LEU A 1 113 ? -5.484  -3.525  4.803   1.00 32.59  ? 113 LEU A CG  1 
ATOM   888  C  CD1 . LEU A 1 113 ? -5.660  -3.110  3.388   1.00 29.02  ? 113 LEU A CD1 1 
ATOM   889  C  CD2 . LEU A 1 113 ? -4.591  -2.546  5.569   1.00 30.82  ? 113 LEU A CD2 1 
ATOM   890  N  N   . VAL A 1 114 ? -6.765  -6.878  5.678   1.00 30.41  ? 114 VAL A N   1 
ATOM   891  C  CA  . VAL A 1 114 ? -6.120  -8.192  5.538   1.00 29.93  ? 114 VAL A CA  1 
ATOM   892  C  C   . VAL A 1 114 ? -6.938  -9.128  4.628   1.00 30.75  ? 114 VAL A C   1 
ATOM   893  O  O   . VAL A 1 114 ? -6.385  -9.738  3.735   1.00 33.19  ? 114 VAL A O   1 
ATOM   894  C  CB  . VAL A 1 114 ? -5.778  -8.857  6.928   1.00 30.23  ? 114 VAL A CB  1 
ATOM   895  C  CG1 . VAL A 1 114 ? -5.527  -10.376 6.794   1.00 28.71  ? 114 VAL A CG1 1 
ATOM   896  C  CG2 . VAL A 1 114 ? -4.583  -8.105  7.631   1.00 27.05  ? 114 VAL A CG2 1 
ATOM   897  N  N   . GLU A 1 115 ? -8.245  -9.207  4.825   1.00 30.74  ? 115 GLU A N   1 
ATOM   898  C  CA  . GLU A 1 115 ? -9.086  -9.990  3.901   1.00 34.67  ? 115 GLU A CA  1 
ATOM   899  C  C   . GLU A 1 115 ? -8.876  -9.524  2.464   1.00 36.09  ? 115 GLU A C   1 
ATOM   900  O  O   . GLU A 1 115 ? -8.739  -10.354 1.547   1.00 33.63  ? 115 GLU A O   1 
ATOM   901  C  CB  . GLU A 1 115 ? -10.568 -9.797  4.209   1.00 37.24  ? 115 GLU A CB  1 
ATOM   902  C  CG  . GLU A 1 115 ? -11.074 -10.282 5.529   1.00 74.11  ? 115 GLU A CG  1 
ATOM   903  C  CD  . GLU A 1 115 ? -12.598 -10.171 5.588   1.00 59.30  ? 115 GLU A CD  1 
ATOM   904  O  OE1 . GLU A 1 115 ? -13.149 -9.810  6.669   1.00 74.45  ? 115 GLU A OE1 1 
ATOM   905  O  OE2 . GLU A 1 115 ? -13.229 -10.426 4.524   1.00 76.22  ? 115 GLU A OE2 1 
ATOM   906  N  N   . THR A 1 116 ? -8.839  -8.195  2.268   1.00 36.89  ? 116 THR A N   1 
ATOM   907  C  CA  . THR A 1 116 ? -8.641  -7.644  0.940   1.00 37.94  ? 116 THR A CA  1 
ATOM   908  C  C   . THR A 1 116 ? -7.294  -8.019  0.314   1.00 36.56  ? 116 THR A C   1 
ATOM   909  O  O   . THR A 1 116 ? -7.234  -8.424  -0.843  1.00 36.01  ? 116 THR A O   1 
ATOM   910  C  CB  . THR A 1 116 ? -8.846  -6.118  0.931   1.00 41.01  ? 116 THR A CB  1 
ATOM   911  O  OG1 . THR A 1 116 ? -10.197 -5.834  1.365   1.00 36.79  ? 116 THR A OG1 1 
ATOM   912  C  CG2 . THR A 1 116 ? -8.611  -5.590  -0.451  1.00 32.03  ? 116 THR A CG2 1 
ATOM   913  N  N   . ILE A 1 117 ? -6.225  -7.930  1.089   1.00 35.52  ? 117 ILE A N   1 
ATOM   914  C  CA  . ILE A 1 117 ? -4.920  -8.348  0.620   1.00 36.01  ? 117 ILE A CA  1 
ATOM   915  C  C   . ILE A 1 117 ? -4.955  -9.838  0.233   1.00 37.62  ? 117 ILE A C   1 
ATOM   916  O  O   . ILE A 1 117 ? -4.455  -10.233 -0.847  1.00 37.22  ? 117 ILE A O   1 
ATOM   917  C  CB  . ILE A 1 117 ? -3.885  -8.138  1.716   1.00 37.68  ? 117 ILE A CB  1 
ATOM   918  C  CG1 . ILE A 1 117 ? -3.739  -6.643  2.068   1.00 35.03  ? 117 ILE A CG1 1 
ATOM   919  C  CG2 . ILE A 1 117 ? -2.581  -8.766  1.356   1.00 36.66  ? 117 ILE A CG2 1 
ATOM   920  C  CD1 . ILE A 1 117 ? -3.010  -6.425  3.394   1.00 38.92  ? 117 ILE A CD1 1 
ATOM   921  N  N   . ASN A 1 118 ? -5.541  -10.664 1.101   1.00 36.07  ? 118 ASN A N   1 
ATOM   922  C  CA  . ASN A 1 118 ? -5.660  -12.079 0.786   1.00 36.55  ? 118 ASN A CA  1 
ATOM   923  C  C   . ASN A 1 118 ? -6.433  -12.326 -0.530  1.00 36.99  ? 118 ASN A C   1 
ATOM   924  O  O   . ASN A 1 118 ? -5.989  -13.127 -1.334  1.00 37.07  ? 118 ASN A O   1 
ATOM   925  C  CB  . ASN A 1 118 ? -6.292  -12.871 1.940   1.00 35.22  ? 118 ASN A CB  1 
ATOM   926  C  CG  . ASN A 1 118 ? -5.354  -13.019 3.119   1.00 53.35  ? 118 ASN A CG  1 
ATOM   927  O  OD1 . ASN A 1 118 ? -4.134  -13.066 2.962   1.00 39.65  ? 118 ASN A OD1 1 
ATOM   928  N  ND2 . ASN A 1 118 ? -5.920  -13.098 4.307   1.00 35.33  ? 118 ASN A ND2 1 
ATOM   929  N  N   . LYS A 1 119 ? -7.566  -11.652 -0.738  1.00 38.21  ? 119 LYS A N   1 
ATOM   930  C  CA  . LYS A 1 119 ? -8.334  -11.818 -1.989  1.00 41.86  ? 119 LYS A CA  1 
ATOM   931  C  C   . LYS A 1 119 ? -7.468  -11.386 -3.149  1.00 43.77  ? 119 LYS A C   1 
ATOM   932  O  O   . LYS A 1 119 ? -7.380  -12.081 -4.136  1.00 44.61  ? 119 LYS A O   1 
ATOM   933  C  CB  . LYS A 1 119 ? -9.631  -10.999 -2.046  1.00 42.86  ? 119 LYS A CB  1 
ATOM   934  C  CG  . LYS A 1 119 ? -10.456 -10.951 -0.787  1.00 68.05  ? 119 LYS A CG  1 
ATOM   935  C  CD  . LYS A 1 119 ? -11.516 -12.018 -0.708  1.00 56.18  ? 119 LYS A CD  1 
ATOM   936  C  CE  . LYS A 1 119 ? -12.637 -11.554 0.228   1.00 71.75  ? 119 LYS A CE  1 
ATOM   937  N  NZ  . LYS A 1 119 ? -13.029 -12.619 1.208   1.00 64.19  ? 119 LYS A NZ  1 
ATOM   938  N  N   . VAL A 1 120 ? -6.818  -10.246 -3.018  1.00 44.01  ? 120 VAL A N   1 
ATOM   939  C  CA  . VAL A 1 120 ? -5.972  -9.738  -4.084  1.00 47.10  ? 120 VAL A CA  1 
ATOM   940  C  C   . VAL A 1 120 ? -4.811  -10.705 -4.392  1.00 49.94  ? 120 VAL A C   1 
ATOM   941  O  O   . VAL A 1 120 ? -4.507  -10.976 -5.547  1.00 49.17  ? 120 VAL A O   1 
ATOM   942  C  CB  . VAL A 1 120 ? -5.454  -8.306  -3.740  1.00 46.96  ? 120 VAL A CB  1 
ATOM   943  C  CG1 . VAL A 1 120 ? -4.351  -7.894  -4.639  1.00 45.32  ? 120 VAL A CG1 1 
ATOM   944  C  CG2 . VAL A 1 120 ? -6.576  -7.301  -3.816  1.00 40.08  ? 120 VAL A CG2 1 
ATOM   945  N  N   . ASN A 1 121 ? -4.168  -11.229 -3.358  1.00 53.51  ? 121 ASN A N   1 
ATOM   946  C  CA  . ASN A 1 121 ? -2.992  -12.082 -3.562  1.00 56.59  ? 121 ASN A CA  1 
ATOM   947  C  C   . ASN A 1 121 ? -3.303  -13.541 -4.002  1.00 58.57  ? 121 ASN A C   1 
ATOM   948  O  O   . ASN A 1 121 ? -2.393  -14.296 -4.332  1.00 57.89  ? 121 ASN A O   1 
ATOM   949  C  CB  . ASN A 1 121 ? -2.017  -11.994 -2.358  1.00 56.76  ? 121 ASN A CB  1 
ATOM   950  C  CG  . ASN A 1 121 ? -0.576  -12.343 -2.740  1.00 67.96  ? 121 ASN A CG  1 
ATOM   951  O  OD1 . ASN A 1 121 ? 0.078   -13.158 -2.081  1.00 59.31  ? 121 ASN A OD1 1 
ATOM   952  N  ND2 . ASN A 1 121 ? -0.091  -11.756 -3.829  1.00 57.11  ? 121 ASN A ND2 1 
ATOM   953  N  N   . ASN A 1 122 ? -4.587  -13.906 -4.053  1.00 61.55  ? 122 ASN A N   1 
ATOM   954  C  CA  . ASN A 1 122 ? -5.016  -15.242 -4.524  1.00 64.75  ? 122 ASN A CA  1 
ATOM   955  C  C   . ASN A 1 122 ? -5.383  -15.313 -6.023  1.00 65.76  ? 122 ASN A C   1 
ATOM   956  O  O   . ASN A 1 122 ? -6.305  -14.630 -6.496  1.00 66.11  ? 122 ASN A O   1 
ATOM   957  C  CB  . ASN A 1 122 ? -6.175  -15.791 -3.670  1.00 66.08  ? 122 ASN A CB  1 
ATOM   958  C  CG  . ASN A 1 122 ? -5.782  -16.037 -2.202  1.00 91.49  ? 122 ASN A CG  1 
ATOM   959  O  OD1 . ASN A 1 122 ? -6.645  -16.322 -1.366  1.00 71.61  ? 122 ASN A OD1 1 
ATOM   960  N  ND2 . ASN A 1 122 ? -4.485  -15.921 -1.885  1.00 70.06  ? 122 ASN A ND2 1 
HETATM 961  NA NA  . NA  B 2 .   ? 0.562   -13.762 11.463  1.00 39.81  ? 201 NA  A NA  1 
HETATM 962  O  O   . HOH C 3 .   ? 9.500   12.693  4.164   1.00 34.01  ? 202 HOH A O   1 
HETATM 963  O  O   . HOH C 3 .   ? 6.892   16.094  -1.401  1.00 44.59  ? 203 HOH A O   1 
HETATM 964  O  O   . HOH C 3 .   ? 1.129   2.894   16.616  1.00 32.86  ? 204 HOH A O   1 
HETATM 965  O  O   . HOH C 3 .   ? -7.782  -11.668 11.227  1.00 48.01  ? 205 HOH A O   1 
HETATM 966  O  O   . HOH C 3 .   ? -0.851  12.081  -6.945  1.00 43.05  ? 206 HOH A O   1 
HETATM 967  O  O   . HOH C 3 .   ? -4.660  8.123   8.420   1.00 35.60  ? 207 HOH A O   1 
HETATM 968  O  O   . HOH C 3 .   ? -11.975 7.034   5.146   1.00 47.21  ? 208 HOH A O   1 
HETATM 969  O  O   . HOH C 3 .   ? -4.944  8.654   4.024   1.00 38.32  ? 209 HOH A O   1 
HETATM 970  O  O   . HOH C 3 .   ? -11.284 -1.883  -7.716  1.00 56.65  ? 210 HOH A O   1 
HETATM 971  O  O   . HOH C 3 .   ? 0.571   -7.833  -10.273 1.00 49.38  ? 211 HOH A O   1 
HETATM 972  O  O   . HOH C 3 .   ? -7.344  15.157  -7.920  1.00 56.99  ? 212 HOH A O   1 
HETATM 973  O  O   . HOH C 3 .   ? -13.143 0.746   1.210   1.00 34.26  ? 213 HOH A O   1 
HETATM 974  O  O   . HOH C 3 .   ? -2.195  3.491   4.230   1.00 49.66  ? 214 HOH A O   1 
HETATM 975  O  O   . HOH C 3 .   ? -10.462 -5.625  -5.296  1.00 50.68  ? 215 HOH A O   1 
HETATM 976  O  O   . HOH C 3 .   ? 3.016   11.133  11.468  1.00 31.67  ? 216 HOH A O   1 
HETATM 977  O  O   . HOH C 3 .   ? 5.631   -0.472  14.704  1.00 45.60  ? 217 HOH A O   1 
HETATM 978  O  O   . HOH C 3 .   ? 3.005   -14.420 -1.942  1.00 45.54  ? 218 HOH A O   1 
HETATM 979  O  O   . HOH C 3 .   ? 18.632  -2.276  -4.153  1.00 48.01  ? 219 HOH A O   1 
HETATM 980  O  O   . HOH C 3 .   ? -1.697  -14.490 12.303  1.00 32.92  ? 220 HOH A O   1 
HETATM 981  O  O   . HOH C 3 .   ? 4.922   7.985   -11.192 1.00 35.78  ? 221 HOH A O   1 
HETATM 982  O  O   . HOH C 3 .   ? 4.527   11.206  9.108   1.00 38.05  ? 222 HOH A O   1 
HETATM 983  O  O   . HOH C 3 .   ? 2.958   -13.435 10.383  1.00 40.20  ? 223 HOH A O   1 
HETATM 984  O  O   . HOH C 3 .   ? -4.130  10.436  1.471   1.00 40.28  ? 224 HOH A O   1 
HETATM 985  O  O   . HOH C 3 .   ? -5.921  -13.563 7.735   1.00 40.48  ? 225 HOH A O   1 
HETATM 986  O  O   . HOH C 3 .   ? 5.098   11.947  6.292   1.00 42.35  ? 226 HOH A O   1 
HETATM 987  O  O   . HOH C 3 .   ? 11.711  6.875   -8.288  1.00 48.69  ? 227 HOH A O   1 
HETATM 988  O  O   . HOH C 3 .   ? -5.413  10.713  8.398   0.50 31.98  ? 228 HOH A O   1 
HETATM 989  O  O   . HOH C 3 .   ? -3.266  -14.169 5.861   1.00 37.75  ? 229 HOH A O   1 
HETATM 990  O  O   . HOH C 3 .   ? -5.609  0.554   -16.572 1.00 27.82  ? 230 HOH A O   1 
HETATM 991  O  O   . HOH C 3 .   ? -0.283  3.321   -14.062 1.00 66.96  ? 231 HOH A O   1 
HETATM 992  O  O   . HOH C 3 .   ? 6.844   -14.530 -0.468  1.00 44.48  ? 232 HOH A O   1 
HETATM 993  O  O   . HOH C 3 .   ? 3.041   -3.988  -12.200 1.00 29.94  ? 233 HOH A O   1 
HETATM 994  O  O   . HOH C 3 .   ? 4.402   14.359  -5.449  1.00 37.03  ? 234 HOH A O   1 
HETATM 995  O  O   . HOH C 3 .   ? 4.228   14.291  -2.685  1.00 39.79  ? 235 HOH A O   1 
HETATM 996  O  O   . HOH C 3 .   ? 13.689  -2.045  6.026   1.00 50.95  ? 236 HOH A O   1 
HETATM 997  O  O   . HOH C 3 .   ? 3.057   -17.888 3.215   1.00 55.23  ? 237 HOH A O   1 
HETATM 998  O  O   . HOH C 3 .   ? -2.272  9.199   6.238   1.00 38.48  ? 238 HOH A O   1 
HETATM 999  O  O   . HOH C 3 .   ? 8.690   0.087   11.997  1.00 39.58  ? 239 HOH A O   1 
HETATM 1000 O  O   . HOH C 3 .   ? 7.959   -9.038  9.509   1.00 41.86  ? 240 HOH A O   1 
HETATM 1001 O  O   . HOH C 3 .   ? -2.052  10.983  3.475   1.00 37.73  ? 241 HOH A O   1 
HETATM 1002 O  O   . HOH C 3 .   ? -0.006  6.837   -15.113 1.00 42.62  ? 242 HOH A O   1 
HETATM 1003 O  O   . HOH C 3 .   ? 2.828   -10.186 -6.128  1.00 37.84  ? 243 HOH A O   1 
HETATM 1004 O  O   . HOH C 3 .   ? -6.306  -4.300  -11.299 1.00 40.53  ? 244 HOH A O   1 
HETATM 1005 O  O   . HOH C 3 .   ? -6.936  -7.454  -9.120  1.00 56.58  ? 245 HOH A O   1 
HETATM 1006 O  O   . HOH C 3 .   ? -17.405 4.900   -0.944  1.00 66.38  ? 246 HOH A O   1 
HETATM 1007 O  O   . HOH C 3 .   ? -7.980  -0.769  -12.236 1.00 48.01  ? 247 HOH A O   1 
HETATM 1008 O  O   . HOH C 3 .   ? -12.562 -2.097  0.714   1.00 45.29  ? 248 HOH A O   1 
HETATM 1009 O  O   . HOH C 3 .   ? -13.159 -1.356  -4.055  1.00 65.83  ? 249 HOH A O   1 
HETATM 1010 O  O   . HOH C 3 .   ? 12.729  2.539   6.070   1.00 52.52  ? 250 HOH A O   1 
HETATM 1011 O  O   . HOH C 3 .   ? 10.974  4.404   7.670   1.00 52.72  ? 251 HOH A O   1 
HETATM 1012 O  O   . HOH C 3 .   ? 11.891  0.143   6.951   1.00 40.35  ? 252 HOH A O   1 
HETATM 1013 O  O   . HOH C 3 .   ? -14.262 2.167   -2.772  1.00 67.52  ? 253 HOH A O   1 
HETATM 1014 O  O   . HOH C 3 .   ? 1.922   0.427   17.186  1.00 43.89  ? 254 HOH A O   1 
HETATM 1015 O  O   . HOH C 3 .   ? -0.775  3.089   -15.860 1.00 40.52  ? 255 HOH A O   1 
HETATM 1016 O  O   . HOH C 3 .   ? 8.577   -2.315  8.759   1.00 47.29  ? 256 HOH A O   1 
HETATM 1017 O  O   . HOH C 3 .   ? -8.803  13.961  -10.445 1.00 61.36  ? 257 HOH A O   1 
HETATM 1018 O  O   . HOH C 3 .   ? -12.237 7.328   7.640   1.00 44.07  ? 258 HOH A O   1 
# 
